data_1X9Y
#
_entry.id   1X9Y
#
_cell.length_a   84.621
_cell.length_b   104.918
_cell.length_c   173.119
_cell.angle_alpha   90.00
_cell.angle_beta   90.00
_cell.angle_gamma   90.00
#
_symmetry.space_group_name_H-M   'P 21 21 21'
#
loop_
_entity.id
_entity.type
_entity.pdbx_description
1 polymer 'cysteine proteinase'
2 water water
#
_entity_poly.entity_id   1
_entity_poly.type   'polypeptide(L)'
_entity_poly.pdbx_seq_one_letter_code
;GSDSHSKQLEINVKSDKVPQKVKDLAQQQFAGYAKALDKQSNAKTGKYELGEAFKIYKFNGEEDNSYYYPVIKDGKIVYT
LTLSPKNKDDLNKSKEDMNYSVKISNFIAKDLDQIKDKNSNITVLTDEKGFYFEEDGKVRLVKATPLANNIKEKESAKTV
SPQLKQELKTTVTPTKVEENEAIQEDQVQYENTLKNFKIREQQFDNSWCAGFSMAALLNATKNTDTYNAHDIMRTLYPEV
SEQDLPNCATFPNQMIEYGKSQGRDIHYQEGVPSYNQVDQLTKDNVGIMILAQSVSQNPNDPHLGHALAVVGNAKINDQE
KLIYWNPWDTELSIQDADSSLLHLSFNRDYNWYGSMIGYLEVPIHRD
;
_entity_poly.pdbx_strand_id   A,B,C,D
#
# COMPACT_ATOMS: atom_id res chain seq x y z
N LYS A 7 29.87 -33.79 13.54
CA LYS A 7 29.40 -35.15 13.30
C LYS A 7 28.03 -35.33 13.96
N GLN A 8 27.15 -34.36 13.74
CA GLN A 8 25.80 -34.38 14.30
C GLN A 8 24.69 -34.60 13.28
N LEU A 9 23.46 -34.62 13.76
CA LEU A 9 22.29 -34.84 12.92
C LEU A 9 22.10 -33.82 11.81
N GLU A 10 21.73 -34.31 10.64
CA GLU A 10 21.49 -33.44 9.51
C GLU A 10 20.11 -33.76 8.95
N ILE A 11 19.46 -32.77 8.37
CA ILE A 11 18.14 -32.97 7.80
C ILE A 11 18.18 -32.69 6.31
N ASN A 12 17.67 -33.63 5.51
CA ASN A 12 17.65 -33.46 4.06
C ASN A 12 16.61 -32.43 3.58
N VAL A 13 17.03 -31.54 2.69
CA VAL A 13 16.13 -30.54 2.16
C VAL A 13 16.49 -30.25 0.71
N LYS A 14 15.55 -29.65 -0.01
CA LYS A 14 15.74 -29.29 -1.42
C LYS A 14 16.82 -28.22 -1.51
N SER A 15 16.72 -27.23 -0.62
CA SER A 15 17.68 -26.14 -0.59
C SER A 15 17.78 -25.61 0.83
N ASP A 16 18.88 -24.94 1.18
CA ASP A 16 18.99 -24.41 2.52
C ASP A 16 18.61 -22.94 2.54
N LYS A 17 18.27 -22.42 1.38
CA LYS A 17 17.89 -21.03 1.24
C LYS A 17 16.56 -20.70 1.92
N VAL A 18 16.54 -19.55 2.58
CA VAL A 18 15.35 -19.08 3.28
C VAL A 18 15.18 -17.60 2.95
N PRO A 19 13.94 -17.15 2.74
CA PRO A 19 13.74 -15.73 2.43
C PRO A 19 14.30 -14.87 3.55
N GLN A 20 15.08 -13.85 3.18
CA GLN A 20 15.68 -12.93 4.15
C GLN A 20 14.63 -12.45 5.15
N LYS A 21 13.42 -12.24 4.64
CA LYS A 21 12.25 -11.79 5.40
C LYS A 21 11.97 -12.79 6.55
N VAL A 22 11.94 -14.08 6.23
CA VAL A 22 11.68 -15.12 7.22
C VAL A 22 12.82 -15.22 8.23
N LYS A 23 14.05 -15.23 7.73
CA LYS A 23 15.22 -15.32 8.59
C LYS A 23 15.20 -14.20 9.63
N ASP A 24 14.90 -12.98 9.19
CA ASP A 24 14.85 -11.85 10.11
C ASP A 24 13.76 -11.98 11.16
N LEU A 25 12.56 -12.41 10.73
CA LEU A 25 11.45 -12.57 11.65
C LEU A 25 11.85 -13.54 12.76
N ALA A 26 12.27 -14.73 12.36
CA ALA A 26 12.66 -15.75 13.31
C ALA A 26 13.68 -15.23 14.30
N GLN A 27 14.70 -14.54 13.81
CA GLN A 27 15.76 -14.01 14.64
C GLN A 27 15.21 -13.00 15.64
N GLN A 28 14.35 -12.14 15.15
CA GLN A 28 13.74 -11.10 15.97
C GLN A 28 12.79 -11.62 17.07
N GLN A 29 12.13 -12.75 16.84
CA GLN A 29 11.09 -13.20 17.77
C GLN A 29 11.40 -14.49 18.54
N PHE A 30 12.27 -15.37 18.06
CA PHE A 30 12.41 -16.61 18.82
C PHE A 30 12.60 -16.52 20.33
N ALA A 31 13.46 -15.63 20.79
CA ALA A 31 13.70 -15.48 22.23
C ALA A 31 12.43 -15.13 23.02
N GLY A 32 11.69 -14.13 22.53
CA GLY A 32 10.45 -13.73 23.17
C GLY A 32 9.42 -14.86 23.22
N TYR A 33 9.23 -15.57 22.11
CA TYR A 33 8.27 -16.67 22.09
C TYR A 33 8.70 -17.80 23.03
N ALA A 34 10.00 -18.11 23.05
CA ALA A 34 10.51 -19.16 23.90
C ALA A 34 10.27 -18.84 25.37
N LYS A 35 10.56 -17.61 25.77
CA LYS A 35 10.37 -17.22 27.16
C LYS A 35 8.90 -17.31 27.55
N ALA A 36 8.01 -16.86 26.66
CA ALA A 36 6.58 -16.92 26.96
C ALA A 36 6.07 -18.35 27.11
N LEU A 37 6.50 -19.25 26.25
CA LEU A 37 6.02 -20.62 26.36
C LEU A 37 6.60 -21.33 27.60
N ASP A 38 7.83 -20.98 27.97
CA ASP A 38 8.44 -21.59 29.15
C ASP A 38 7.60 -21.18 30.35
N LYS A 39 7.16 -19.93 30.36
CA LYS A 39 6.34 -19.44 31.43
C LYS A 39 5.09 -20.32 31.48
N GLN A 40 4.45 -20.51 30.33
CA GLN A 40 3.23 -21.32 30.26
C GLN A 40 3.42 -22.80 30.61
N SER A 41 4.55 -23.36 30.24
CA SER A 41 4.80 -24.78 30.51
C SER A 41 5.46 -25.02 31.85
N ASN A 42 5.45 -23.99 32.70
CA ASN A 42 6.09 -24.04 34.01
C ASN A 42 7.49 -24.61 33.85
N ALA A 43 8.34 -23.85 33.18
CA ALA A 43 9.73 -24.26 32.94
C ALA A 43 10.66 -23.13 33.33
N LYS A 44 11.87 -23.49 33.74
CA LYS A 44 12.88 -22.51 34.15
C LYS A 44 13.62 -21.98 32.92
N THR A 45 13.65 -20.66 32.73
CA THR A 45 14.33 -20.06 31.59
C THR A 45 15.78 -20.52 31.43
N GLY A 46 16.40 -20.11 30.33
CA GLY A 46 17.77 -20.48 30.06
C GLY A 46 18.28 -19.74 28.84
N LYS A 47 19.41 -20.18 28.31
CA LYS A 47 19.97 -19.52 27.14
C LYS A 47 19.39 -20.13 25.87
N TYR A 48 18.61 -19.30 25.19
CA TYR A 48 17.92 -19.68 23.97
C TYR A 48 18.75 -19.37 22.73
N GLU A 49 18.69 -20.28 21.77
CA GLU A 49 19.42 -20.13 20.51
C GLU A 49 18.53 -20.68 19.39
N LEU A 50 18.76 -20.20 18.17
CA LEU A 50 18.00 -20.64 17.00
C LEU A 50 18.82 -21.60 16.17
N GLY A 51 18.31 -22.81 15.97
CA GLY A 51 19.02 -23.76 15.14
C GLY A 51 18.77 -23.39 13.69
N GLU A 52 19.24 -24.22 12.76
CA GLU A 52 19.04 -23.93 11.36
C GLU A 52 17.67 -24.43 10.94
N ALA A 53 17.00 -23.66 10.09
CA ALA A 53 15.67 -23.99 9.61
C ALA A 53 15.63 -25.18 8.68
N PHE A 54 14.67 -26.07 8.89
CA PHE A 54 14.51 -27.21 8.00
C PHE A 54 13.15 -27.09 7.33
N LYS A 55 12.93 -27.90 6.31
CA LYS A 55 11.68 -27.91 5.57
C LYS A 55 11.09 -29.30 5.63
N ILE A 56 9.80 -29.40 5.37
CA ILE A 56 9.09 -30.67 5.42
C ILE A 56 8.54 -31.02 4.03
N TYR A 57 8.40 -32.32 3.74
CA TYR A 57 7.92 -32.70 2.43
C TYR A 57 6.86 -33.77 2.39
N LYS A 58 5.96 -33.65 1.41
CA LYS A 58 5.05 -34.74 1.16
C LYS A 58 5.77 -35.92 0.54
N PHE A 59 5.23 -37.12 0.59
CA PHE A 59 5.99 -38.21 -0.04
C PHE A 59 6.20 -38.01 -1.54
N ASN A 60 5.33 -37.23 -2.18
CA ASN A 60 5.44 -37.01 -3.61
C ASN A 60 6.43 -35.92 -3.98
N GLY A 61 7.13 -35.37 -2.99
CA GLY A 61 8.11 -34.34 -3.28
C GLY A 61 7.67 -32.90 -3.09
N GLU A 62 6.37 -32.66 -2.91
CA GLU A 62 5.88 -31.31 -2.70
C GLU A 62 6.45 -30.75 -1.38
N GLU A 63 6.95 -29.52 -1.43
CA GLU A 63 7.54 -28.90 -0.25
C GLU A 63 6.54 -28.09 0.58
N ASP A 64 6.50 -28.37 1.88
CA ASP A 64 5.61 -27.68 2.81
C ASP A 64 5.93 -26.20 2.70
N ASN A 65 4.90 -25.36 2.71
CA ASN A 65 5.10 -23.92 2.57
C ASN A 65 5.64 -23.14 3.77
N SER A 66 6.01 -23.84 4.84
CA SER A 66 6.49 -23.16 6.04
C SER A 66 7.95 -23.44 6.34
N TYR A 67 8.49 -22.71 7.32
CA TYR A 67 9.87 -22.89 7.74
C TYR A 67 9.88 -23.22 9.23
N TYR A 68 10.61 -24.26 9.59
CA TYR A 68 10.69 -24.71 10.97
C TYR A 68 12.07 -24.50 11.56
N TYR A 69 12.15 -23.73 12.64
CA TYR A 69 13.42 -23.45 13.29
C TYR A 69 13.51 -24.15 14.65
N PRO A 70 14.59 -24.90 14.89
CA PRO A 70 14.69 -25.55 16.19
C PRO A 70 14.98 -24.45 17.22
N VAL A 71 14.33 -24.53 18.38
CA VAL A 71 14.56 -23.55 19.44
C VAL A 71 15.35 -24.28 20.51
N ILE A 72 16.59 -23.88 20.69
CA ILE A 72 17.49 -24.54 21.63
C ILE A 72 17.65 -23.80 22.97
N LYS A 73 17.59 -24.56 24.05
CA LYS A 73 17.71 -24.01 25.39
C LYS A 73 18.84 -24.71 26.11
N ASP A 74 19.92 -23.97 26.38
CA ASP A 74 21.10 -24.52 27.04
C ASP A 74 21.53 -25.80 26.34
N GLY A 75 21.59 -25.73 25.02
CA GLY A 75 22.01 -26.89 24.24
C GLY A 75 20.97 -27.90 23.84
N LYS A 76 19.83 -27.93 24.52
CA LYS A 76 18.78 -28.90 24.16
C LYS A 76 17.65 -28.32 23.32
N ILE A 77 17.18 -29.09 22.35
CA ILE A 77 16.08 -28.67 21.50
C ILE A 77 14.79 -28.89 22.28
N VAL A 78 14.12 -27.81 22.65
CA VAL A 78 12.89 -27.91 23.43
C VAL A 78 11.62 -27.48 22.70
N TYR A 79 11.76 -26.59 21.73
CA TYR A 79 10.61 -26.09 20.97
C TYR A 79 10.93 -25.97 19.49
N THR A 80 9.91 -25.63 18.72
CA THR A 80 10.07 -25.43 17.30
C THR A 80 9.33 -24.15 16.96
N LEU A 81 10.02 -23.23 16.30
CA LEU A 81 9.37 -21.98 15.90
C LEU A 81 8.95 -22.16 14.44
N THR A 82 7.66 -22.03 14.18
CA THR A 82 7.14 -22.21 12.84
C THR A 82 6.73 -20.90 12.21
N LEU A 83 7.24 -20.63 11.00
CA LEU A 83 6.88 -19.43 10.24
C LEU A 83 5.99 -19.91 9.08
N SER A 84 4.75 -19.45 9.02
CA SER A 84 3.80 -19.86 7.96
C SER A 84 3.01 -18.70 7.37
N PRO A 85 2.35 -18.91 6.23
CA PRO A 85 1.56 -17.85 5.60
C PRO A 85 0.60 -17.33 6.66
N LYS A 86 0.50 -16.02 6.82
CA LYS A 86 -0.36 -15.45 7.85
C LYS A 86 -1.87 -15.55 7.63
N ASN A 87 -2.35 -15.22 6.43
CA ASN A 87 -3.79 -15.30 6.15
C ASN A 87 -4.08 -15.92 4.78
N LYS A 88 -5.36 -16.17 4.49
CA LYS A 88 -5.77 -16.76 3.21
C LYS A 88 -5.10 -16.05 2.03
N ASP A 89 -5.22 -14.73 2.05
CA ASP A 89 -4.67 -13.85 1.04
C ASP A 89 -3.21 -14.19 0.71
N ASP A 90 -2.48 -14.69 1.70
CA ASP A 90 -1.08 -15.04 1.53
C ASP A 90 -0.80 -16.34 0.78
N LEU A 91 -1.78 -17.24 0.73
CA LEU A 91 -1.57 -18.50 0.02
C LEU A 91 -1.50 -18.31 -1.49
N ASN A 92 -1.79 -17.09 -1.95
CA ASN A 92 -1.77 -16.76 -3.37
C ASN A 92 -0.47 -16.07 -3.76
N LYS A 93 0.22 -15.49 -2.78
CA LYS A 93 1.48 -14.79 -3.03
C LYS A 93 2.67 -15.74 -3.04
N SER A 94 3.85 -15.19 -3.33
CA SER A 94 5.08 -15.99 -3.39
C SER A 94 5.77 -16.01 -2.03
N LYS A 95 6.74 -16.89 -1.89
CA LYS A 95 7.49 -17.04 -0.64
C LYS A 95 8.14 -15.74 -0.20
N GLU A 96 8.52 -14.91 -1.17
CA GLU A 96 9.17 -13.65 -0.88
C GLU A 96 8.18 -12.56 -0.52
N ASP A 97 6.99 -12.62 -1.13
CA ASP A 97 5.99 -11.58 -0.90
C ASP A 97 4.95 -11.81 0.17
N MET A 98 4.69 -13.05 0.51
CA MET A 98 3.68 -13.33 1.52
C MET A 98 4.09 -12.88 2.91
N ASN A 99 3.09 -12.66 3.75
CA ASN A 99 3.31 -12.26 5.13
C ASN A 99 3.34 -13.55 5.94
N TYR A 100 4.21 -13.57 6.94
CA TYR A 100 4.34 -14.74 7.78
C TYR A 100 3.98 -14.53 9.23
N SER A 101 3.28 -15.51 9.76
CA SER A 101 2.99 -15.50 11.18
C SER A 101 4.08 -16.22 11.95
N VAL A 102 4.26 -15.92 13.23
CA VAL A 102 5.30 -16.64 13.97
C VAL A 102 4.59 -17.46 15.03
N LYS A 103 4.92 -18.75 15.11
CA LYS A 103 4.28 -19.63 16.08
C LYS A 103 5.32 -20.44 16.83
N ILE A 104 5.04 -20.76 18.09
CA ILE A 104 5.95 -21.60 18.86
C ILE A 104 5.16 -22.72 19.52
N SER A 105 5.74 -23.91 19.54
CA SER A 105 5.10 -25.06 20.13
C SER A 105 6.19 -26.10 20.31
N ASN A 106 5.84 -27.28 20.80
CA ASN A 106 6.87 -28.29 21.00
C ASN A 106 6.92 -29.27 19.82
N PHE A 107 6.37 -28.85 18.68
CA PHE A 107 6.33 -29.67 17.47
C PHE A 107 7.62 -30.45 17.21
N ILE A 108 7.53 -31.76 17.36
CA ILE A 108 8.65 -32.70 17.19
C ILE A 108 10.00 -32.29 17.80
N ALA A 109 9.99 -31.41 18.78
CA ALA A 109 11.23 -31.00 19.42
C ALA A 109 11.88 -32.19 20.15
N LYS A 110 11.10 -32.94 20.92
CA LYS A 110 11.62 -34.11 21.64
C LYS A 110 12.23 -35.12 20.67
N ASP A 111 11.54 -35.34 19.56
CA ASP A 111 11.99 -36.29 18.54
C ASP A 111 13.34 -35.90 17.95
N LEU A 112 13.53 -34.63 17.63
CA LEU A 112 14.79 -34.15 17.09
C LEU A 112 15.88 -34.16 18.16
N ASP A 113 15.53 -33.76 19.37
CA ASP A 113 16.50 -33.70 20.45
C ASP A 113 17.15 -35.04 20.74
N GLN A 114 16.35 -36.10 20.78
CA GLN A 114 16.87 -37.43 21.05
C GLN A 114 17.94 -37.93 20.08
N ILE A 115 17.95 -37.40 18.87
CA ILE A 115 18.94 -37.82 17.88
C ILE A 115 19.77 -36.66 17.35
N LYS A 116 19.79 -35.55 18.07
CA LYS A 116 20.54 -34.37 17.62
C LYS A 116 22.03 -34.60 17.50
N ASP A 117 22.57 -35.51 18.32
CA ASP A 117 24.00 -35.80 18.29
C ASP A 117 24.33 -37.03 17.46
N LYS A 118 23.32 -37.82 17.14
CA LYS A 118 23.52 -39.02 16.32
C LYS A 118 24.11 -38.60 14.97
N ASN A 119 25.05 -39.38 14.45
CA ASN A 119 25.70 -39.04 13.19
C ASN A 119 25.01 -39.62 11.97
N SER A 120 23.81 -39.14 11.68
CA SER A 120 23.08 -39.62 10.52
C SER A 120 22.25 -38.48 9.96
N ASN A 121 21.33 -38.80 9.07
CA ASN A 121 20.48 -37.80 8.46
C ASN A 121 19.06 -38.30 8.40
N ILE A 122 18.12 -37.37 8.32
CA ILE A 122 16.72 -37.74 8.26
C ILE A 122 16.01 -36.81 7.30
N THR A 123 14.84 -37.26 6.90
CA THR A 123 13.94 -36.48 6.10
C THR A 123 12.62 -36.30 6.81
N VAL A 124 12.17 -35.07 6.98
CA VAL A 124 10.90 -34.88 7.69
C VAL A 124 9.77 -34.92 6.68
N LEU A 125 8.90 -35.92 6.81
CA LEU A 125 7.80 -36.13 5.86
C LEU A 125 6.42 -35.94 6.45
N THR A 126 5.43 -35.83 5.58
CA THR A 126 4.06 -35.65 6.06
C THR A 126 3.01 -36.14 5.06
N ASP A 127 1.93 -36.71 5.60
CA ASP A 127 0.81 -37.11 4.76
C ASP A 127 -0.45 -36.73 5.53
N GLU A 128 -1.60 -37.17 5.04
CA GLU A 128 -2.86 -36.82 5.69
C GLU A 128 -2.96 -37.20 7.16
N LYS A 129 -2.22 -38.21 7.58
CA LYS A 129 -2.36 -38.74 8.94
C LYS A 129 -1.24 -38.23 9.86
N GLY A 130 -0.33 -37.38 9.39
CA GLY A 130 0.69 -36.91 10.33
C GLY A 130 2.05 -36.58 9.76
N PHE A 131 3.07 -36.64 10.62
CA PHE A 131 4.46 -36.34 10.25
C PHE A 131 5.34 -37.55 10.53
N TYR A 132 6.38 -37.73 9.71
CA TYR A 132 7.29 -38.86 9.86
C TYR A 132 8.73 -38.48 9.69
N PHE A 133 9.62 -39.38 10.11
CA PHE A 133 11.06 -39.23 9.95
C PHE A 133 11.53 -40.39 9.08
N GLU A 134 12.33 -40.12 8.07
CA GLU A 134 12.86 -41.21 7.27
C GLU A 134 14.32 -41.34 7.66
N GLU A 135 14.64 -42.46 8.30
CA GLU A 135 16.00 -42.69 8.75
C GLU A 135 16.48 -44.06 8.28
N ASP A 136 17.66 -44.08 7.67
CA ASP A 136 18.24 -45.32 7.16
C ASP A 136 17.23 -46.07 6.30
N GLY A 137 16.58 -45.38 5.38
CA GLY A 137 15.60 -46.01 4.51
C GLY A 137 14.30 -46.42 5.16
N LYS A 138 14.19 -46.29 6.48
CA LYS A 138 12.97 -46.67 7.18
C LYS A 138 12.16 -45.43 7.53
N VAL A 139 10.84 -45.55 7.39
CA VAL A 139 9.93 -44.45 7.69
C VAL A 139 9.16 -44.71 8.99
N ARG A 140 9.24 -43.77 9.94
CA ARG A 140 8.52 -43.93 11.19
C ARG A 140 7.67 -42.71 11.56
N LEU A 141 6.49 -42.97 12.09
CA LEU A 141 5.56 -41.93 12.51
C LEU A 141 6.11 -41.19 13.74
N VAL A 142 6.15 -39.86 13.65
CA VAL A 142 6.63 -39.06 14.76
C VAL A 142 5.52 -38.25 15.42
N LYS A 143 4.49 -37.90 14.66
CA LYS A 143 3.37 -37.16 15.22
C LYS A 143 2.11 -37.44 14.43
N ALA A 144 1.07 -37.89 15.12
CA ALA A 144 -0.17 -38.21 14.45
C ALA A 144 -1.12 -37.03 14.45
N THR A 145 -1.83 -36.85 13.35
CA THR A 145 -2.82 -35.78 13.22
C THR A 145 -4.14 -36.39 12.72
N PRO A 146 -4.88 -37.04 13.63
CA PRO A 146 -6.15 -37.66 13.27
C PRO A 146 -7.21 -36.59 12.93
N LEU A 147 -7.93 -36.80 11.85
CA LEU A 147 -8.97 -35.87 11.43
C LEU A 147 -10.20 -36.71 11.09
N ALA A 148 -11.37 -36.09 11.14
CA ALA A 148 -12.59 -36.81 10.83
C ALA A 148 -12.52 -37.48 9.45
N ASN A 149 -11.64 -36.99 8.57
CA ASN A 149 -11.51 -37.53 7.20
C ASN A 149 -10.43 -38.59 6.94
N ASN A 150 -9.60 -38.90 7.93
CA ASN A 150 -8.57 -39.91 7.71
C ASN A 150 -8.64 -41.00 8.75
N ILE A 151 -9.49 -40.79 9.74
CA ILE A 151 -9.65 -41.74 10.83
C ILE A 151 -10.00 -43.14 10.33
N LYS A 152 -10.95 -43.22 9.40
CA LYS A 152 -11.37 -44.52 8.89
C LYS A 152 -10.81 -44.84 7.51
N GLU A 153 -9.62 -44.32 7.20
CA GLU A 153 -8.97 -44.56 5.92
C GLU A 153 -7.81 -45.51 6.11
N LYS A 154 -7.44 -46.22 5.05
CA LYS A 154 -6.33 -47.17 5.12
C LYS A 154 -5.02 -46.39 5.22
N GLU A 155 -3.98 -47.07 5.66
CA GLU A 155 -2.67 -46.46 5.81
C GLU A 155 -2.04 -46.11 4.45
N SER A 156 -1.68 -44.84 4.27
CA SER A 156 -1.07 -44.37 3.03
C SER A 156 0.27 -45.03 2.72
N ALA A 157 0.63 -45.08 1.43
CA ALA A 157 1.89 -45.67 0.99
C ALA A 157 3.02 -44.86 1.60
N LYS A 158 3.74 -45.46 2.53
CA LYS A 158 4.83 -44.77 3.22
C LYS A 158 6.17 -44.83 2.51
N THR A 159 6.15 -44.72 1.19
CA THR A 159 7.37 -44.79 0.41
C THR A 159 7.80 -43.44 -0.14
N VAL A 160 9.06 -43.09 0.06
CA VAL A 160 9.63 -41.83 -0.42
C VAL A 160 9.79 -41.83 -1.94
N SER A 161 8.96 -41.05 -2.62
CA SER A 161 9.02 -40.95 -4.08
C SER A 161 10.44 -40.84 -4.59
N PRO A 162 10.72 -41.45 -5.76
CA PRO A 162 12.08 -41.37 -6.29
C PRO A 162 12.36 -39.93 -6.67
N GLN A 163 11.29 -39.21 -7.01
CA GLN A 163 11.39 -37.81 -7.40
C GLN A 163 11.74 -36.89 -6.22
N LEU A 164 11.30 -37.25 -5.02
CA LEU A 164 11.64 -36.45 -3.86
C LEU A 164 13.14 -36.62 -3.67
N LYS A 165 13.58 -37.87 -3.73
CA LYS A 165 15.00 -38.19 -3.56
C LYS A 165 15.91 -37.47 -4.53
N GLN A 166 15.42 -37.20 -5.73
CA GLN A 166 16.23 -36.49 -6.72
C GLN A 166 16.33 -35.02 -6.31
N GLU A 167 15.20 -34.44 -5.90
CA GLU A 167 15.16 -33.05 -5.45
C GLU A 167 15.92 -32.74 -4.13
N LEU A 168 15.93 -33.66 -3.17
CA LEU A 168 16.65 -33.41 -1.89
C LEU A 168 18.15 -33.30 -2.19
N LYS A 169 18.66 -32.08 -2.42
CA LYS A 169 20.04 -31.93 -2.89
C LYS A 169 20.97 -31.44 -1.75
N THR A 170 20.49 -31.13 -0.57
CA THR A 170 21.38 -30.65 0.49
C THR A 170 20.88 -31.07 1.85
N THR A 171 21.44 -30.45 2.88
CA THR A 171 21.03 -30.72 4.23
C THR A 171 21.27 -29.47 5.06
N VAL A 172 20.61 -29.47 6.20
CA VAL A 172 20.77 -28.48 7.22
C VAL A 172 21.02 -29.11 8.58
N THR A 173 21.56 -28.39 9.56
CA THR A 173 21.76 -29.08 10.82
C THR A 173 21.01 -28.31 11.90
N PRO A 174 20.06 -28.96 12.57
CA PRO A 174 19.24 -28.37 13.63
C PRO A 174 20.07 -27.77 14.74
N THR A 175 21.22 -28.38 14.97
CA THR A 175 22.15 -27.97 16.01
C THR A 175 22.97 -26.72 15.70
N LYS A 176 23.19 -26.45 14.42
CA LYS A 176 23.98 -25.32 13.99
C LYS A 176 23.39 -23.96 14.39
N VAL A 177 24.15 -23.20 15.16
CA VAL A 177 23.74 -21.87 15.59
C VAL A 177 24.61 -20.81 14.93
N GLN A 189 6.14 -9.66 28.31
CA GLN A 189 5.86 -8.74 29.40
C GLN A 189 4.43 -8.97 29.90
N TYR A 190 3.52 -9.34 29.01
CA TYR A 190 2.13 -9.58 29.39
C TYR A 190 1.62 -10.95 28.97
N GLU A 191 0.90 -11.58 29.89
CA GLU A 191 0.33 -12.91 29.67
C GLU A 191 -0.99 -13.00 30.44
N ASN A 192 -2.03 -13.52 29.80
CA ASN A 192 -3.36 -13.64 30.40
C ASN A 192 -4.05 -14.93 29.96
N THR A 193 -4.14 -15.91 30.86
CA THR A 193 -4.74 -17.21 30.54
C THR A 193 -5.80 -17.71 31.52
N LEU A 194 -6.55 -18.73 31.10
CA LEU A 194 -7.56 -19.38 31.92
C LEU A 194 -6.79 -20.13 33.02
N LYS A 195 -6.88 -19.60 34.23
CA LYS A 195 -6.16 -20.03 35.44
C LYS A 195 -6.25 -21.54 35.62
N ASN A 196 -7.38 -22.19 35.34
CA ASN A 196 -7.47 -23.62 35.68
C ASN A 196 -7.22 -24.49 34.46
N PHE A 197 -6.95 -23.92 33.30
CA PHE A 197 -6.74 -24.76 32.13
C PHE A 197 -5.54 -25.68 32.32
N LYS A 198 -5.68 -26.92 31.86
CA LYS A 198 -4.61 -27.89 31.98
C LYS A 198 -4.81 -29.03 30.98
N ILE A 199 -3.74 -29.43 30.33
CA ILE A 199 -3.78 -30.52 29.38
C ILE A 199 -3.79 -31.82 30.15
N ARG A 200 -4.87 -32.59 30.03
CA ARG A 200 -4.99 -33.84 30.74
C ARG A 200 -5.07 -35.05 29.82
N GLU A 201 -5.39 -34.81 28.56
CA GLU A 201 -5.51 -35.88 27.58
C GLU A 201 -5.13 -35.38 26.20
N GLN A 202 -4.67 -36.30 25.36
CA GLN A 202 -4.24 -35.96 24.01
C GLN A 202 -4.98 -36.79 22.98
N GLN A 203 -5.35 -36.14 21.87
CA GLN A 203 -6.03 -36.82 20.79
C GLN A 203 -5.02 -37.42 19.82
N PHE A 204 -5.03 -38.74 19.64
CA PHE A 204 -4.07 -39.34 18.71
C PHE A 204 -4.60 -40.51 17.92
N ASP A 205 -5.79 -41.00 18.27
CA ASP A 205 -6.36 -42.12 17.54
C ASP A 205 -7.87 -42.05 17.40
N ASN A 206 -8.39 -40.84 17.22
CA ASN A 206 -9.83 -40.63 17.05
C ASN A 206 -10.03 -39.25 16.46
N SER A 207 -11.26 -38.92 16.07
CA SER A 207 -11.53 -37.62 15.48
C SER A 207 -12.32 -36.71 16.42
N TRP A 208 -12.13 -36.89 17.72
CA TRP A 208 -12.83 -36.11 18.73
C TRP A 208 -12.20 -34.76 19.09
N CYS A 209 -11.73 -34.01 18.11
CA CYS A 209 -11.10 -32.72 18.39
C CYS A 209 -12.02 -31.78 19.18
N ALA A 210 -13.29 -31.72 18.81
CA ALA A 210 -14.23 -30.85 19.51
C ALA A 210 -14.42 -31.32 20.95
N GLY A 211 -14.55 -32.62 21.13
CA GLY A 211 -14.72 -33.15 22.47
C GLY A 211 -13.51 -32.88 23.35
N PHE A 212 -12.32 -33.03 22.80
CA PHE A 212 -11.10 -32.80 23.56
C PHE A 212 -11.02 -31.35 23.96
N SER A 213 -11.44 -30.46 23.07
CA SER A 213 -11.40 -29.03 23.33
C SER A 213 -12.42 -28.61 24.39
N MET A 214 -13.63 -29.14 24.28
CA MET A 214 -14.67 -28.82 25.26
C MET A 214 -14.38 -29.39 26.64
N ALA A 215 -13.84 -30.59 26.70
CA ALA A 215 -13.52 -31.21 27.98
C ALA A 215 -12.51 -30.34 28.72
N ALA A 216 -11.49 -29.90 28.01
CA ALA A 216 -10.47 -29.06 28.63
C ALA A 216 -11.01 -27.69 29.02
N LEU A 217 -11.88 -27.12 28.18
CA LEU A 217 -12.44 -25.81 28.48
C LEU A 217 -13.40 -25.91 29.66
N LEU A 218 -14.29 -26.89 29.63
CA LEU A 218 -15.25 -27.09 30.72
C LEU A 218 -14.53 -27.40 32.03
N ASN A 219 -13.47 -28.20 31.97
CA ASN A 219 -12.72 -28.52 33.17
C ASN A 219 -12.06 -27.26 33.73
N ALA A 220 -11.71 -26.35 32.82
CA ALA A 220 -11.07 -25.11 33.24
C ALA A 220 -12.05 -24.08 33.80
N THR A 221 -13.18 -23.88 33.12
CA THR A 221 -14.15 -22.89 33.58
C THR A 221 -15.00 -23.33 34.76
N LYS A 222 -14.95 -24.63 35.08
CA LYS A 222 -15.72 -25.16 36.21
C LYS A 222 -14.74 -25.71 37.25
N ASN A 223 -13.46 -25.45 37.03
CA ASN A 223 -12.41 -25.91 37.93
C ASN A 223 -12.61 -27.35 38.40
N THR A 224 -12.71 -28.27 37.46
CA THR A 224 -12.91 -29.67 37.78
C THR A 224 -12.07 -30.50 36.81
N ASP A 225 -12.09 -31.83 36.96
CA ASP A 225 -11.29 -32.69 36.09
C ASP A 225 -12.08 -33.90 35.63
N THR A 226 -13.40 -33.82 35.74
CA THR A 226 -14.26 -34.94 35.38
C THR A 226 -14.63 -35.04 33.92
N TYR A 227 -14.44 -33.96 33.17
CA TYR A 227 -14.78 -33.98 31.75
C TYR A 227 -13.65 -34.59 30.93
N ASN A 228 -14.00 -35.35 29.91
CA ASN A 228 -13.03 -35.95 29.01
C ASN A 228 -13.70 -36.20 27.67
N ALA A 229 -12.90 -36.27 26.61
CA ALA A 229 -13.43 -36.46 25.27
C ALA A 229 -14.31 -37.70 25.07
N HIS A 230 -13.88 -38.82 25.62
CA HIS A 230 -14.66 -40.04 25.46
C HIS A 230 -16.06 -39.91 26.01
N ASP A 231 -16.17 -39.47 27.26
CA ASP A 231 -17.49 -39.34 27.88
C ASP A 231 -18.40 -38.37 27.16
N ILE A 232 -17.85 -37.28 26.63
CA ILE A 232 -18.67 -36.33 25.91
C ILE A 232 -19.22 -37.00 24.65
N MET A 233 -18.35 -37.64 23.89
CA MET A 233 -18.79 -38.32 22.66
C MET A 233 -19.80 -39.39 23.00
N ARG A 234 -19.60 -40.09 24.11
CA ARG A 234 -20.52 -41.13 24.52
C ARG A 234 -21.89 -40.54 24.79
N THR A 235 -21.92 -39.32 25.34
CA THR A 235 -23.18 -38.65 25.63
C THR A 235 -23.91 -38.27 24.36
N LEU A 236 -23.18 -37.95 23.31
CA LEU A 236 -23.80 -37.53 22.06
C LEU A 236 -24.28 -38.71 21.21
N TYR A 237 -23.59 -39.83 21.32
CA TYR A 237 -23.92 -41.04 20.57
C TYR A 237 -23.99 -42.23 21.53
N PRO A 238 -25.03 -42.31 22.36
CA PRO A 238 -25.15 -43.42 23.32
C PRO A 238 -25.38 -44.78 22.70
N GLU A 239 -25.67 -44.79 21.40
CA GLU A 239 -25.96 -46.05 20.69
C GLU A 239 -24.85 -46.55 19.75
N VAL A 240 -23.71 -45.88 19.73
CA VAL A 240 -22.60 -46.30 18.88
C VAL A 240 -21.64 -47.16 19.72
N SER A 241 -21.12 -48.23 19.11
CA SER A 241 -20.20 -49.14 19.81
C SER A 241 -18.90 -48.48 20.13
N GLU A 242 -18.21 -48.99 21.14
CA GLU A 242 -16.93 -48.44 21.53
C GLU A 242 -15.87 -48.51 20.44
N GLN A 243 -16.16 -49.25 19.37
CA GLN A 243 -15.20 -49.38 18.29
C GLN A 243 -15.46 -48.43 17.13
N ASP A 244 -16.69 -47.93 17.04
CA ASP A 244 -17.05 -46.99 15.97
C ASP A 244 -17.14 -45.56 16.51
N LEU A 245 -16.97 -45.41 17.82
CA LEU A 245 -17.03 -44.10 18.46
C LEU A 245 -15.88 -43.20 18.01
N PRO A 246 -14.66 -43.74 17.90
CA PRO A 246 -13.50 -42.96 17.47
C PRO A 246 -13.69 -42.33 16.09
N ASN A 247 -14.61 -42.88 15.30
CA ASN A 247 -14.84 -42.36 13.96
C ASN A 247 -15.94 -41.30 13.88
N CYS A 248 -16.85 -41.30 14.84
CA CYS A 248 -17.93 -40.31 14.84
C CYS A 248 -17.42 -38.90 15.11
N ALA A 249 -17.93 -37.94 14.35
CA ALA A 249 -17.51 -36.54 14.49
C ALA A 249 -18.54 -35.70 15.26
N THR A 250 -18.13 -34.51 15.69
CA THR A 250 -18.99 -33.61 16.43
C THR A 250 -19.40 -32.43 15.56
N PHE A 251 -20.55 -31.84 15.85
CA PHE A 251 -21.03 -30.70 15.06
C PHE A 251 -21.60 -29.59 15.93
N PRO A 252 -21.45 -28.34 15.46
CA PRO A 252 -21.93 -27.12 16.15
C PRO A 252 -23.20 -27.30 16.96
N ASN A 253 -24.26 -27.76 16.30
CA ASN A 253 -25.54 -27.96 16.99
C ASN A 253 -25.39 -28.84 18.23
N GLN A 254 -24.58 -29.89 18.12
CA GLN A 254 -24.35 -30.81 19.23
C GLN A 254 -23.56 -30.14 20.34
N MET A 255 -22.55 -29.38 19.96
CA MET A 255 -21.72 -28.68 20.94
C MET A 255 -22.62 -27.77 21.78
N ILE A 256 -23.41 -26.96 21.10
CA ILE A 256 -24.30 -26.02 21.78
C ILE A 256 -25.25 -26.77 22.72
N GLU A 257 -25.87 -27.81 22.19
CA GLU A 257 -26.82 -28.61 22.97
C GLU A 257 -26.14 -29.24 24.19
N TYR A 258 -24.91 -29.71 24.02
CA TYR A 258 -24.19 -30.32 25.14
C TYR A 258 -23.84 -29.30 26.21
N GLY A 259 -23.32 -28.14 25.79
CA GLY A 259 -22.96 -27.11 26.75
C GLY A 259 -24.13 -26.72 27.62
N LYS A 260 -25.30 -26.66 27.00
CA LYS A 260 -26.53 -26.31 27.69
C LYS A 260 -26.74 -27.22 28.89
N SER A 261 -26.62 -28.53 28.65
CA SER A 261 -26.80 -29.50 29.72
C SER A 261 -25.73 -29.34 30.79
N GLN A 262 -24.67 -28.61 30.46
CA GLN A 262 -23.58 -28.39 31.40
C GLN A 262 -23.57 -26.99 31.99
N GLY A 263 -24.70 -26.28 31.86
CA GLY A 263 -24.80 -24.94 32.42
C GLY A 263 -24.08 -23.82 31.68
N ARG A 264 -23.96 -23.93 30.37
CA ARG A 264 -23.27 -22.93 29.58
C ARG A 264 -24.08 -22.53 28.34
N ASP A 265 -24.21 -21.24 28.08
CA ASP A 265 -24.95 -20.78 26.91
C ASP A 265 -23.92 -20.58 25.80
N ILE A 266 -23.72 -21.60 24.98
CA ILE A 266 -22.73 -21.51 23.91
C ILE A 266 -23.28 -20.79 22.69
N HIS A 267 -22.53 -19.82 22.19
CA HIS A 267 -22.94 -19.07 21.01
C HIS A 267 -21.88 -19.15 19.92
N TYR A 268 -22.32 -19.20 18.67
CA TYR A 268 -21.40 -19.23 17.56
C TYR A 268 -21.13 -17.79 17.19
N GLN A 269 -19.86 -17.46 16.96
CA GLN A 269 -19.49 -16.11 16.59
C GLN A 269 -18.55 -16.18 15.39
N GLU A 270 -18.93 -15.52 14.30
CA GLU A 270 -18.14 -15.54 13.07
C GLU A 270 -16.79 -14.84 13.12
N GLY A 271 -15.83 -15.35 12.37
CA GLY A 271 -14.50 -14.78 12.33
C GLY A 271 -13.56 -15.07 13.48
N VAL A 272 -12.45 -14.35 13.52
CA VAL A 272 -11.45 -14.51 14.58
C VAL A 272 -11.76 -13.51 15.68
N PRO A 273 -11.91 -13.96 16.92
CA PRO A 273 -12.20 -12.99 17.97
C PRO A 273 -11.00 -12.07 18.14
N SER A 274 -11.27 -10.81 18.47
CA SER A 274 -10.22 -9.82 18.64
C SER A 274 -9.38 -10.12 19.85
N TYR A 275 -8.16 -9.61 19.81
CA TYR A 275 -7.24 -9.78 20.91
C TYR A 275 -7.93 -9.32 22.19
N ASN A 276 -8.56 -8.15 22.13
CA ASN A 276 -9.21 -7.60 23.30
C ASN A 276 -10.38 -8.42 23.82
N GLN A 277 -11.17 -9.00 22.90
CA GLN A 277 -12.30 -9.80 23.31
C GLN A 277 -11.76 -11.02 24.08
N VAL A 278 -10.70 -11.63 23.55
CA VAL A 278 -10.12 -12.80 24.21
C VAL A 278 -9.61 -12.44 25.59
N ASP A 279 -9.04 -11.26 25.71
CA ASP A 279 -8.52 -10.77 26.97
C ASP A 279 -9.63 -10.65 28.02
N GLN A 280 -10.74 -10.03 27.63
CA GLN A 280 -11.87 -9.87 28.53
C GLN A 280 -12.54 -11.21 28.86
N LEU A 281 -12.90 -11.97 27.83
CA LEU A 281 -13.57 -13.24 28.06
C LEU A 281 -12.72 -14.16 28.93
N THR A 282 -11.42 -14.13 28.73
CA THR A 282 -10.52 -14.96 29.52
C THR A 282 -10.59 -14.52 30.98
N LYS A 283 -10.65 -13.23 31.22
CA LYS A 283 -10.72 -12.72 32.59
C LYS A 283 -12.07 -13.03 33.21
N ASP A 284 -13.10 -13.20 32.37
CA ASP A 284 -14.44 -13.55 32.87
C ASP A 284 -14.54 -15.06 33.05
N ASN A 285 -13.47 -15.77 32.71
CA ASN A 285 -13.45 -17.22 32.83
C ASN A 285 -14.44 -17.85 31.85
N VAL A 286 -14.44 -17.35 30.62
CA VAL A 286 -15.31 -17.85 29.57
C VAL A 286 -14.49 -18.53 28.47
N GLY A 287 -14.81 -19.79 28.19
CA GLY A 287 -14.08 -20.55 27.21
C GLY A 287 -14.39 -20.25 25.76
N ILE A 288 -13.36 -20.34 24.93
CA ILE A 288 -13.50 -20.07 23.51
C ILE A 288 -12.95 -21.24 22.72
N MET A 289 -13.78 -21.88 21.92
CA MET A 289 -13.30 -22.98 21.11
C MET A 289 -13.14 -22.50 19.67
N ILE A 290 -11.99 -22.82 19.09
CA ILE A 290 -11.66 -22.46 17.73
C ILE A 290 -12.23 -23.45 16.73
N LEU A 291 -12.88 -22.94 15.68
CA LEU A 291 -13.42 -23.80 14.62
C LEU A 291 -12.66 -23.46 13.35
N ALA A 292 -12.04 -24.45 12.74
CA ALA A 292 -11.26 -24.20 11.54
C ALA A 292 -11.51 -25.25 10.47
N GLN A 293 -11.30 -24.87 9.22
CA GLN A 293 -11.52 -25.79 8.12
C GLN A 293 -10.50 -25.55 7.03
N SER A 294 -10.09 -26.64 6.39
CA SER A 294 -9.10 -26.58 5.33
C SER A 294 -9.50 -25.54 4.29
N VAL A 295 -8.52 -24.88 3.70
CA VAL A 295 -8.78 -23.87 2.68
C VAL A 295 -8.81 -24.55 1.31
N SER A 296 -8.77 -25.88 1.33
CA SER A 296 -8.81 -26.68 0.10
C SER A 296 -10.27 -26.84 -0.33
N GLN A 297 -11.17 -26.71 0.65
CA GLN A 297 -12.62 -26.82 0.42
C GLN A 297 -13.15 -25.42 0.05
N ASN A 298 -14.47 -25.26 0.12
CA ASN A 298 -15.11 -23.97 -0.18
C ASN A 298 -15.11 -23.09 1.09
N PRO A 299 -14.79 -21.79 0.95
CA PRO A 299 -14.75 -20.82 2.05
C PRO A 299 -16.13 -20.47 2.65
N ASN A 300 -17.16 -20.44 1.80
CA ASN A 300 -18.52 -20.11 2.22
C ASN A 300 -19.32 -21.38 2.52
N ASP A 301 -18.75 -22.24 3.37
CA ASP A 301 -19.39 -23.50 3.75
C ASP A 301 -18.90 -23.95 5.14
N PRO A 302 -19.10 -23.09 6.18
CA PRO A 302 -18.68 -23.41 7.54
C PRO A 302 -18.95 -24.85 8.01
N HIS A 303 -17.99 -25.73 7.74
CA HIS A 303 -18.04 -27.14 8.11
C HIS A 303 -16.81 -27.47 8.96
N LEU A 304 -17.04 -28.14 10.09
CA LEU A 304 -15.97 -28.50 11.01
C LEU A 304 -14.83 -29.33 10.38
N GLY A 305 -13.61 -28.80 10.47
CA GLY A 305 -12.44 -29.47 9.94
C GLY A 305 -11.57 -29.91 11.09
N HIS A 306 -11.37 -29.00 12.05
CA HIS A 306 -10.59 -29.25 13.26
C HIS A 306 -11.00 -28.19 14.28
N ALA A 307 -10.91 -28.54 15.55
CA ALA A 307 -11.29 -27.62 16.61
C ALA A 307 -10.18 -27.53 17.65
N LEU A 308 -9.95 -26.34 18.18
CA LEU A 308 -8.92 -26.17 19.19
C LEU A 308 -9.48 -25.39 20.35
N ALA A 309 -8.66 -25.22 21.37
CA ALA A 309 -9.07 -24.50 22.56
C ALA A 309 -8.19 -23.28 22.77
N VAL A 310 -8.84 -22.13 22.97
CA VAL A 310 -8.11 -20.91 23.23
C VAL A 310 -7.80 -20.97 24.73
N VAL A 311 -6.59 -20.59 25.12
CA VAL A 311 -6.22 -20.62 26.52
C VAL A 311 -6.00 -19.22 27.07
N GLY A 312 -5.74 -18.26 26.19
CA GLY A 312 -5.50 -16.90 26.65
C GLY A 312 -4.86 -16.04 25.58
N ASN A 313 -4.24 -14.95 26.01
CA ASN A 313 -3.58 -14.04 25.08
C ASN A 313 -2.30 -13.54 25.72
N ALA A 314 -1.44 -12.94 24.90
CA ALA A 314 -0.18 -12.40 25.39
C ALA A 314 0.36 -11.34 24.46
N LYS A 315 1.34 -10.59 24.94
CA LYS A 315 1.97 -9.55 24.15
C LYS A 315 3.46 -9.87 24.22
N ILE A 316 4.03 -10.23 23.08
CA ILE A 316 5.44 -10.55 23.01
C ILE A 316 6.11 -9.54 22.07
N ASN A 317 7.23 -8.98 22.51
CA ASN A 317 7.93 -7.98 21.73
C ASN A 317 6.95 -6.93 21.19
N ASP A 318 6.02 -6.54 22.05
CA ASP A 318 5.02 -5.52 21.72
C ASP A 318 4.00 -5.89 20.63
N GLN A 319 3.78 -7.18 20.41
CA GLN A 319 2.79 -7.63 19.42
C GLN A 319 1.79 -8.58 20.05
N GLU A 320 0.53 -8.44 19.64
CA GLU A 320 -0.55 -9.27 20.16
C GLU A 320 -0.51 -10.73 19.70
N LYS A 321 -0.67 -11.65 20.65
CA LYS A 321 -0.63 -13.08 20.38
C LYS A 321 -1.77 -13.82 21.10
N LEU A 322 -2.10 -15.00 20.60
CA LEU A 322 -3.11 -15.83 21.23
C LEU A 322 -2.43 -17.12 21.68
N ILE A 323 -2.81 -17.63 22.84
CA ILE A 323 -2.26 -18.85 23.36
C ILE A 323 -3.38 -19.86 23.18
N TYR A 324 -3.05 -21.02 22.63
CA TYR A 324 -4.07 -22.02 22.42
C TYR A 324 -3.55 -23.43 22.52
N TRP A 325 -4.48 -24.38 22.54
CA TRP A 325 -4.12 -25.77 22.64
C TRP A 325 -4.70 -26.61 21.53
N ASN A 326 -3.81 -27.22 20.75
CA ASN A 326 -4.25 -28.17 19.78
C ASN A 326 -4.37 -29.56 20.39
N PRO A 327 -5.56 -30.17 20.38
CA PRO A 327 -5.73 -31.50 20.98
C PRO A 327 -4.65 -32.54 20.67
N TRP A 328 -3.93 -32.36 19.58
CA TRP A 328 -2.89 -33.31 19.19
C TRP A 328 -1.60 -33.11 19.96
N ASP A 329 -1.50 -32.01 20.70
CA ASP A 329 -0.28 -31.71 21.42
C ASP A 329 -0.30 -31.95 22.91
N THR A 330 0.89 -32.01 23.49
CA THR A 330 1.02 -32.20 24.93
C THR A 330 1.39 -30.89 25.59
N GLU A 331 1.51 -29.83 24.78
CA GLU A 331 1.83 -28.51 25.29
C GLU A 331 1.08 -27.44 24.52
N LEU A 332 1.13 -26.20 24.99
CA LEU A 332 0.41 -25.12 24.34
C LEU A 332 1.15 -24.56 23.13
N SER A 333 0.50 -23.64 22.44
CA SER A 333 1.08 -22.99 21.28
C SER A 333 0.78 -21.51 21.39
N ILE A 334 1.65 -20.69 20.81
CA ILE A 334 1.49 -19.22 20.82
C ILE A 334 1.68 -18.76 19.37
N GLN A 335 0.82 -17.84 18.92
CA GLN A 335 0.87 -17.38 17.55
C GLN A 335 0.31 -15.97 17.39
N ASP A 336 0.71 -15.28 16.31
CA ASP A 336 0.23 -13.94 16.03
C ASP A 336 -1.30 -13.91 16.20
N ALA A 337 -1.81 -12.93 16.95
CA ALA A 337 -3.24 -12.83 17.18
C ALA A 337 -4.00 -12.49 15.91
N ASP A 338 -3.34 -11.79 14.98
CA ASP A 338 -4.00 -11.40 13.76
C ASP A 338 -3.77 -12.30 12.56
N SER A 339 -3.45 -13.56 12.84
CA SER A 339 -3.37 -14.56 11.81
C SER A 339 -4.60 -15.44 11.80
N SER A 340 -5.10 -15.83 10.64
CA SER A 340 -6.32 -16.62 10.63
C SER A 340 -6.10 -17.99 10.04
N LEU A 341 -4.85 -18.40 9.97
CA LEU A 341 -4.51 -19.69 9.39
C LEU A 341 -3.78 -20.59 10.37
N LEU A 342 -4.22 -21.86 10.42
CA LEU A 342 -3.58 -22.84 11.28
C LEU A 342 -2.93 -23.83 10.34
N HIS A 343 -1.60 -23.89 10.36
CA HIS A 343 -0.86 -24.78 9.49
C HIS A 343 -0.70 -26.17 10.07
N LEU A 344 -1.31 -27.15 9.42
CA LEU A 344 -1.24 -28.53 9.89
C LEU A 344 -0.46 -29.45 8.97
N SER A 345 -0.73 -30.74 9.08
CA SER A 345 -0.03 -31.73 8.26
C SER A 345 -0.45 -31.70 6.80
N PHE A 346 0.26 -32.47 5.98
CA PHE A 346 -0.04 -32.56 4.55
C PHE A 346 -0.02 -31.20 3.88
N ASN A 347 0.75 -30.28 4.44
CA ASN A 347 0.86 -28.94 3.89
C ASN A 347 -0.50 -28.28 3.72
N ARG A 348 -1.39 -28.52 4.67
CA ARG A 348 -2.73 -27.93 4.63
C ARG A 348 -2.83 -26.74 5.57
N ASP A 349 -3.62 -25.76 5.16
CA ASP A 349 -3.84 -24.57 5.96
C ASP A 349 -5.33 -24.49 6.26
N TYR A 350 -5.65 -24.52 7.56
CA TYR A 350 -7.03 -24.45 7.99
C TYR A 350 -7.32 -23.03 8.42
N ASN A 351 -8.43 -22.50 7.93
CA ASN A 351 -8.79 -21.15 8.26
C ASN A 351 -9.66 -21.12 9.50
N TRP A 352 -9.33 -20.21 10.41
CA TRP A 352 -10.15 -19.96 11.59
C TRP A 352 -11.39 -19.14 11.24
N TYR A 353 -12.47 -19.82 10.89
CA TYR A 353 -13.67 -19.13 10.43
C TYR A 353 -14.65 -18.68 11.48
N GLY A 354 -14.59 -19.27 12.66
CA GLY A 354 -15.51 -18.87 13.70
C GLY A 354 -15.14 -19.53 15.00
N SER A 355 -15.97 -19.32 16.00
CA SER A 355 -15.69 -19.88 17.31
C SER A 355 -16.95 -20.17 18.08
N MET A 356 -16.79 -21.03 19.07
CA MET A 356 -17.83 -21.33 20.01
C MET A 356 -17.53 -20.72 21.37
N ILE A 357 -18.29 -19.71 21.77
CA ILE A 357 -18.03 -19.03 23.04
C ILE A 357 -19.04 -19.45 24.09
N GLY A 358 -18.55 -20.06 25.16
CA GLY A 358 -19.45 -20.54 26.19
C GLY A 358 -19.78 -19.60 27.34
N TYR A 359 -20.78 -18.76 27.14
CA TYR A 359 -21.19 -17.83 28.19
C TYR A 359 -21.95 -18.55 29.29
N LEU A 360 -22.17 -17.84 30.39
CA LEU A 360 -22.91 -18.39 31.50
C LEU A 360 -24.40 -18.28 31.19
N GLU A 361 -25.15 -19.30 31.59
CA GLU A 361 -26.59 -19.32 31.37
C GLU A 361 -27.19 -18.08 32.05
N VAL A 362 -28.33 -17.62 31.55
CA VAL A 362 -28.95 -16.43 32.14
C VAL A 362 -30.20 -16.71 32.98
N PRO A 363 -30.27 -16.13 34.20
CA PRO A 363 -31.38 -16.26 35.16
C PRO A 363 -32.59 -15.37 34.85
N LYS B 7 61.29 -15.22 -23.17
CA LYS B 7 60.90 -16.62 -23.35
C LYS B 7 59.51 -16.83 -22.74
N GLN B 8 58.59 -15.93 -23.04
CA GLN B 8 57.23 -15.99 -22.51
C GLN B 8 56.18 -16.34 -23.55
N LEU B 9 54.92 -16.38 -23.12
CA LEU B 9 53.81 -16.71 -24.00
C LEU B 9 53.63 -15.76 -25.16
N GLU B 10 53.33 -16.34 -26.32
CA GLU B 10 53.09 -15.55 -27.51
C GLU B 10 51.73 -15.97 -28.08
N ILE B 11 51.05 -15.04 -28.75
CA ILE B 11 49.76 -15.34 -29.34
C ILE B 11 49.85 -15.15 -30.85
N ASN B 12 49.40 -16.15 -31.62
CA ASN B 12 49.45 -16.06 -33.07
C ASN B 12 48.40 -15.14 -33.65
N VAL B 13 48.81 -14.27 -34.56
CA VAL B 13 47.88 -13.35 -35.21
C VAL B 13 48.28 -13.12 -36.65
N LYS B 14 47.34 -12.62 -37.45
CA LYS B 14 47.57 -12.33 -38.86
C LYS B 14 48.60 -11.21 -38.97
N SER B 15 48.42 -10.17 -38.15
CA SER B 15 49.32 -9.03 -38.16
C SER B 15 49.31 -8.42 -36.76
N ASP B 16 50.35 -7.68 -36.39
CA ASP B 16 50.38 -7.07 -35.07
C ASP B 16 49.94 -5.62 -35.17
N LYS B 17 49.58 -5.21 -36.38
CA LYS B 17 49.14 -3.83 -36.61
C LYS B 17 47.78 -3.54 -35.99
N VAL B 18 47.67 -2.35 -35.41
CA VAL B 18 46.44 -1.91 -34.77
C VAL B 18 46.21 -0.46 -35.21
N PRO B 19 44.96 -0.09 -35.50
CA PRO B 19 44.72 1.30 -35.90
C PRO B 19 45.19 2.25 -34.79
N GLN B 20 45.92 3.29 -35.19
CA GLN B 20 46.42 4.29 -34.25
C GLN B 20 45.30 4.76 -33.31
N LYS B 21 44.10 4.87 -33.88
CA LYS B 21 42.89 5.29 -33.19
C LYS B 21 42.60 4.37 -32.00
N VAL B 22 42.67 3.06 -32.24
CA VAL B 22 42.41 2.07 -31.21
C VAL B 22 43.52 2.09 -30.16
N LYS B 23 44.76 2.10 -30.61
CA LYS B 23 45.90 2.13 -29.71
C LYS B 23 45.77 3.31 -28.74
N ASP B 24 45.41 4.48 -29.27
CA ASP B 24 45.27 5.67 -28.42
C ASP B 24 44.15 5.54 -27.42
N LEU B 25 43.01 5.03 -27.85
CA LEU B 25 41.87 4.84 -26.95
C LEU B 25 42.27 3.95 -25.78
N ALA B 26 42.80 2.77 -26.10
CA ALA B 26 43.20 1.83 -25.08
C ALA B 26 44.16 2.47 -24.07
N GLN B 27 45.14 3.17 -24.59
CA GLN B 27 46.14 3.81 -23.74
C GLN B 27 45.50 4.84 -22.82
N GLN B 28 44.60 5.63 -23.38
CA GLN B 28 43.91 6.66 -22.64
C GLN B 28 42.95 6.17 -21.56
N GLN B 29 42.35 5.00 -21.77
CA GLN B 29 41.30 4.54 -20.87
C GLN B 29 41.66 3.32 -19.99
N PHE B 30 42.56 2.43 -20.39
CA PHE B 30 42.75 1.24 -19.56
C PHE B 30 42.89 1.44 -18.03
N ALA B 31 43.69 2.41 -17.59
CA ALA B 31 43.86 2.63 -16.15
C ALA B 31 42.55 2.97 -15.44
N GLY B 32 41.78 3.88 -16.02
CA GLY B 32 40.50 4.25 -15.44
C GLY B 32 39.54 3.07 -15.33
N TYR B 33 39.43 2.32 -16.42
CA TYR B 33 38.54 1.16 -16.42
C TYR B 33 38.98 0.12 -15.40
N ALA B 34 40.28 -0.10 -15.33
CA ALA B 34 40.83 -1.09 -14.39
C ALA B 34 40.48 -0.70 -12.95
N LYS B 35 40.73 0.56 -12.59
CA LYS B 35 40.45 1.02 -11.24
C LYS B 35 38.97 0.89 -10.90
N ALA B 36 38.10 1.23 -11.84
CA ALA B 36 36.65 1.12 -11.61
C ALA B 36 36.18 -0.32 -11.39
N LEU B 37 36.72 -1.26 -12.15
CA LEU B 37 36.30 -2.65 -11.99
C LEU B 37 36.87 -3.24 -10.71
N ASP B 38 38.06 -2.80 -10.31
CA ASP B 38 38.65 -3.31 -9.08
C ASP B 38 37.75 -2.88 -7.93
N LYS B 39 37.25 -1.66 -7.97
CA LYS B 39 36.40 -1.22 -6.87
C LYS B 39 35.17 -2.11 -6.82
N GLN B 40 34.52 -2.27 -7.97
CA GLN B 40 33.34 -3.10 -8.04
C GLN B 40 33.66 -4.48 -7.47
N SER B 41 34.60 -5.18 -8.09
CA SER B 41 34.97 -6.51 -7.64
C SER B 41 35.52 -6.60 -6.23
N ASN B 42 35.65 -5.46 -5.55
CA ASN B 42 36.18 -5.45 -4.19
C ASN B 42 37.62 -5.95 -4.21
N ALA B 43 38.42 -5.38 -5.12
CA ALA B 43 39.82 -5.76 -5.25
C ALA B 43 40.72 -4.60 -4.87
N LYS B 44 41.90 -4.92 -4.34
CA LYS B 44 42.88 -3.92 -3.94
C LYS B 44 43.60 -3.37 -5.16
N THR B 45 43.67 -2.05 -5.29
CA THR B 45 44.34 -1.44 -6.44
C THR B 45 45.79 -1.89 -6.57
N GLY B 46 46.49 -1.34 -7.58
CA GLY B 46 47.87 -1.68 -7.81
C GLY B 46 48.42 -0.97 -9.03
N LYS B 47 49.52 -1.50 -9.57
CA LYS B 47 50.15 -0.92 -10.74
C LYS B 47 49.52 -1.55 -11.98
N TYR B 48 48.88 -0.72 -12.79
CA TYR B 48 48.23 -1.19 -14.01
C TYR B 48 49.08 -0.91 -15.24
N GLU B 49 49.12 -1.89 -16.15
CA GLU B 49 49.87 -1.77 -17.38
C GLU B 49 49.07 -2.42 -18.50
N LEU B 50 49.31 -2.00 -19.73
CA LEU B 50 48.63 -2.55 -20.90
C LEU B 50 49.52 -3.52 -21.66
N GLY B 51 49.07 -4.75 -21.80
CA GLY B 51 49.86 -5.71 -22.55
C GLY B 51 49.64 -5.45 -24.03
N GLU B 52 50.22 -6.28 -24.87
CA GLU B 52 50.07 -6.09 -26.30
C GLU B 52 48.73 -6.69 -26.75
N ALA B 53 48.06 -6.00 -27.66
CA ALA B 53 46.76 -6.43 -28.15
C ALA B 53 46.83 -7.67 -29.03
N PHE B 54 45.91 -8.60 -28.79
CA PHE B 54 45.84 -9.79 -29.63
C PHE B 54 44.50 -9.78 -30.35
N LYS B 55 44.37 -10.66 -31.34
CA LYS B 55 43.15 -10.78 -32.11
C LYS B 55 42.64 -12.21 -31.98
N ILE B 56 41.36 -12.39 -32.29
CA ILE B 56 40.71 -13.70 -32.19
C ILE B 56 40.22 -14.14 -33.57
N TYR B 57 40.18 -15.43 -33.82
CA TYR B 57 39.77 -15.91 -35.12
C TYR B 57 38.76 -17.04 -35.13
N LYS B 58 37.90 -17.04 -36.15
CA LYS B 58 37.05 -18.19 -36.36
C LYS B 58 37.86 -19.37 -36.89
N PHE B 59 37.39 -20.59 -36.79
CA PHE B 59 38.22 -21.67 -37.32
C PHE B 59 38.47 -21.56 -38.83
N ASN B 60 37.59 -20.86 -39.54
CA ASN B 60 37.74 -20.71 -40.98
C ASN B 60 38.68 -19.57 -41.37
N GLY B 61 39.31 -18.93 -40.37
CA GLY B 61 40.24 -17.87 -40.69
C GLY B 61 39.73 -16.44 -40.62
N GLU B 62 38.43 -16.27 -40.48
CA GLU B 62 37.86 -14.93 -40.39
C GLU B 62 38.36 -14.28 -39.09
N GLU B 63 38.79 -13.02 -39.18
CA GLU B 63 39.28 -12.32 -38.01
C GLU B 63 38.22 -11.51 -37.26
N ASP B 64 38.13 -11.74 -35.96
CA ASP B 64 37.19 -11.03 -35.10
C ASP B 64 37.44 -9.54 -35.26
N ASN B 65 36.37 -8.75 -35.34
CA ASN B 65 36.49 -7.32 -35.56
C ASN B 65 36.94 -6.47 -34.40
N SER B 66 37.28 -7.08 -33.27
CA SER B 66 37.71 -6.29 -32.11
C SER B 66 39.15 -6.48 -31.72
N TYR B 67 39.63 -5.66 -30.79
CA TYR B 67 41.01 -5.73 -30.31
C TYR B 67 40.98 -5.99 -28.81
N TYR B 68 41.75 -6.97 -28.37
CA TYR B 68 41.78 -7.33 -26.95
C TYR B 68 43.12 -7.03 -26.32
N TYR B 69 43.12 -6.18 -25.29
CA TYR B 69 44.36 -5.82 -24.61
C TYR B 69 44.42 -6.42 -23.21
N PRO B 70 45.53 -7.09 -22.88
CA PRO B 70 45.61 -7.67 -21.54
C PRO B 70 45.79 -6.50 -20.56
N VAL B 71 45.11 -6.54 -19.42
CA VAL B 71 45.25 -5.49 -18.42
C VAL B 71 46.03 -6.13 -17.28
N ILE B 72 47.24 -5.65 -17.07
CA ILE B 72 48.14 -6.19 -16.06
C ILE B 72 48.20 -5.37 -14.78
N LYS B 73 48.13 -6.07 -13.66
CA LYS B 73 48.17 -5.44 -12.35
C LYS B 73 49.32 -6.05 -11.54
N ASP B 74 50.33 -5.23 -11.28
CA ASP B 74 51.50 -5.68 -10.54
C ASP B 74 52.03 -6.97 -11.15
N GLY B 75 52.13 -6.99 -12.48
CA GLY B 75 52.67 -8.15 -13.16
C GLY B 75 51.69 -9.24 -13.55
N LYS B 76 50.53 -9.30 -12.91
CA LYS B 76 49.55 -10.34 -13.24
C LYS B 76 48.41 -9.86 -14.13
N ILE B 77 48.04 -10.70 -15.10
CA ILE B 77 46.96 -10.39 -16.01
C ILE B 77 45.64 -10.65 -15.26
N VAL B 78 44.89 -9.60 -14.99
CA VAL B 78 43.64 -9.72 -14.24
C VAL B 78 42.38 -9.37 -15.04
N TYR B 79 42.53 -8.54 -16.07
CA TYR B 79 41.39 -8.15 -16.89
C TYR B 79 41.74 -8.10 -18.36
N THR B 80 40.73 -7.86 -19.18
CA THR B 80 40.94 -7.73 -20.62
C THR B 80 40.14 -6.51 -21.05
N LEU B 81 40.79 -5.60 -21.76
CA LEU B 81 40.11 -4.41 -22.24
C LEU B 81 39.76 -4.71 -23.70
N THR B 82 38.47 -4.64 -24.03
CA THR B 82 38.02 -4.94 -25.38
C THR B 82 37.58 -3.67 -26.10
N LEU B 83 38.08 -3.47 -27.31
CA LEU B 83 37.71 -2.33 -28.13
C LEU B 83 36.92 -2.92 -29.30
N SER B 84 35.66 -2.51 -29.46
CA SER B 84 34.79 -3.03 -30.50
C SER B 84 33.96 -1.93 -31.17
N PRO B 85 33.35 -2.25 -32.34
CA PRO B 85 32.53 -1.28 -33.05
C PRO B 85 31.48 -0.76 -32.06
N LYS B 86 31.32 0.55 -31.97
CA LYS B 86 30.38 1.12 -31.01
C LYS B 86 28.89 0.92 -31.29
N ASN B 87 28.45 1.15 -32.52
CA ASN B 87 27.04 0.99 -32.85
C ASN B 87 26.85 0.28 -34.19
N LYS B 88 25.60 -0.06 -34.50
CA LYS B 88 25.26 -0.75 -35.77
C LYS B 88 25.93 -0.05 -36.94
N ASP B 89 25.72 1.26 -37.00
CA ASP B 89 26.27 2.10 -38.05
C ASP B 89 27.77 1.83 -38.30
N ASP B 90 28.47 1.40 -37.26
CA ASP B 90 29.90 1.13 -37.35
C ASP B 90 30.28 -0.19 -38.03
N LEU B 91 29.37 -1.15 -38.04
CA LEU B 91 29.66 -2.43 -38.67
C LEU B 91 29.78 -2.32 -40.19
N ASN B 92 29.43 -1.14 -40.73
CA ASN B 92 29.49 -0.88 -42.17
C ASN B 92 30.77 -0.15 -42.56
N LYS B 93 31.39 0.53 -41.60
CA LYS B 93 32.62 1.28 -41.83
C LYS B 93 33.86 0.39 -41.76
N SER B 94 35.02 0.98 -42.04
CA SER B 94 36.29 0.26 -42.01
C SER B 94 36.94 0.36 -40.62
N LYS B 95 37.95 -0.48 -40.38
CA LYS B 95 38.65 -0.50 -39.11
C LYS B 95 39.21 0.85 -38.71
N GLU B 96 39.56 1.63 -39.73
CA GLU B 96 40.14 2.95 -39.50
C GLU B 96 39.09 4.01 -39.22
N ASP B 97 37.93 3.86 -39.85
CA ASP B 97 36.87 4.85 -39.72
C ASP B 97 35.80 4.63 -38.67
N MET B 98 35.59 3.38 -38.28
CA MET B 98 34.56 3.11 -37.29
C MET B 98 34.92 3.67 -35.93
N ASN B 99 33.87 3.86 -35.12
CA ASN B 99 34.02 4.35 -33.77
C ASN B 99 34.08 3.12 -32.89
N TYR B 100 34.91 3.19 -31.85
CA TYR B 100 35.05 2.07 -30.95
C TYR B 100 34.63 2.35 -29.54
N SER B 101 33.95 1.38 -28.95
CA SER B 101 33.62 1.45 -27.54
C SER B 101 34.70 0.82 -26.70
N VAL B 102 34.83 1.21 -25.43
CA VAL B 102 35.86 0.58 -24.60
C VAL B 102 35.16 -0.21 -23.52
N LYS B 103 35.54 -1.47 -23.37
CA LYS B 103 34.93 -2.34 -22.38
C LYS B 103 35.96 -3.07 -21.55
N ILE B 104 35.67 -3.30 -20.27
CA ILE B 104 36.61 -4.04 -19.43
C ILE B 104 35.82 -5.15 -18.74
N SER B 105 36.46 -6.31 -18.62
CA SER B 105 35.85 -7.46 -17.98
C SER B 105 37.00 -8.43 -17.72
N ASN B 106 36.71 -9.59 -17.16
CA ASN B 106 37.76 -10.56 -16.87
C ASN B 106 37.90 -11.59 -17.99
N PHE B 107 37.39 -11.25 -19.17
CA PHE B 107 37.44 -12.15 -20.32
C PHE B 107 38.78 -12.88 -20.47
N ILE B 108 38.76 -14.18 -20.25
CA ILE B 108 39.92 -15.06 -20.32
C ILE B 108 41.23 -14.55 -19.70
N ALA B 109 41.13 -13.60 -18.78
CA ALA B 109 42.32 -13.10 -18.12
C ALA B 109 43.01 -14.21 -17.31
N LYS B 110 42.23 -14.97 -16.52
CA LYS B 110 42.79 -16.07 -15.72
C LYS B 110 43.47 -17.09 -16.61
N ASP B 111 42.84 -17.41 -17.73
CA ASP B 111 43.38 -18.37 -18.66
C ASP B 111 44.74 -17.95 -19.22
N LEU B 112 44.87 -16.68 -19.59
CA LEU B 112 46.13 -16.19 -20.14
C LEU B 112 47.18 -16.06 -19.05
N ASP B 113 46.76 -15.64 -17.87
CA ASP B 113 47.66 -15.46 -16.75
C ASP B 113 48.38 -16.73 -16.36
N GLN B 114 47.64 -17.84 -16.28
CA GLN B 114 48.22 -19.12 -15.90
C GLN B 114 49.35 -19.60 -16.81
N ILE B 115 49.37 -19.15 -18.06
CA ILE B 115 50.42 -19.58 -18.97
C ILE B 115 51.21 -18.41 -19.55
N LYS B 116 51.15 -17.25 -18.89
CA LYS B 116 51.85 -16.07 -19.37
C LYS B 116 53.35 -16.21 -19.44
N ASP B 117 53.92 -17.03 -18.56
CA ASP B 117 55.35 -17.25 -18.53
C ASP B 117 55.79 -18.50 -19.28
N LYS B 118 54.83 -19.38 -19.58
CA LYS B 118 55.12 -20.61 -20.31
C LYS B 118 55.76 -20.22 -21.65
N ASN B 119 56.74 -20.99 -22.10
CA ASN B 119 57.42 -20.68 -23.34
C ASN B 119 56.81 -21.36 -24.56
N SER B 120 55.59 -20.98 -24.92
CA SER B 120 54.93 -21.55 -26.07
C SER B 120 54.06 -20.49 -26.73
N ASN B 121 53.19 -20.93 -27.62
CA ASN B 121 52.32 -19.99 -28.30
C ASN B 121 50.92 -20.58 -28.39
N ILE B 122 49.93 -19.70 -28.54
CA ILE B 122 48.56 -20.16 -28.66
C ILE B 122 47.86 -19.34 -29.70
N THR B 123 46.73 -19.86 -30.12
CA THR B 123 45.83 -19.17 -31.00
C THR B 123 44.45 -19.03 -30.36
N VAL B 124 43.93 -17.81 -30.27
CA VAL B 124 42.64 -17.65 -29.62
C VAL B 124 41.56 -17.81 -30.69
N LEU B 125 40.74 -18.84 -30.53
CA LEU B 125 39.71 -19.14 -31.51
C LEU B 125 38.29 -19.00 -30.97
N THR B 126 37.32 -19.00 -31.86
CA THR B 126 35.92 -18.87 -31.45
C THR B 126 34.94 -19.46 -32.45
N ASP B 127 33.87 -20.07 -31.94
CA ASP B 127 32.80 -20.58 -32.79
C ASP B 127 31.50 -20.24 -32.08
N GLU B 128 30.38 -20.74 -32.60
CA GLU B 128 29.07 -20.42 -32.03
C GLU B 128 28.94 -20.71 -30.54
N LYS B 129 29.69 -21.71 -30.05
CA LYS B 129 29.61 -22.12 -28.66
C LYS B 129 30.61 -21.53 -27.67
N GLY B 130 31.49 -20.64 -28.12
CA GLY B 130 32.46 -20.07 -27.20
C GLY B 130 33.83 -19.72 -27.77
N PHE B 131 34.82 -19.66 -26.87
CA PHE B 131 36.20 -19.33 -27.21
C PHE B 131 37.13 -20.46 -26.84
N TYR B 132 38.21 -20.61 -27.61
CA TYR B 132 39.15 -21.69 -27.37
C TYR B 132 40.60 -21.24 -27.50
N PHE B 133 41.51 -22.08 -27.02
CA PHE B 133 42.94 -21.85 -27.11
C PHE B 133 43.48 -23.04 -27.89
N GLU B 134 44.32 -22.78 -28.89
CA GLU B 134 44.93 -23.88 -29.63
C GLU B 134 46.37 -23.91 -29.16
N GLU B 135 46.75 -24.96 -28.46
CA GLU B 135 48.09 -25.10 -27.93
C GLU B 135 48.65 -26.45 -28.32
N ASP B 136 49.86 -26.45 -28.88
CA ASP B 136 50.52 -27.70 -29.29
C ASP B 136 49.57 -28.57 -30.13
N GLY B 137 48.94 -27.95 -31.14
CA GLY B 137 48.03 -28.69 -32.00
C GLY B 137 46.73 -29.13 -31.35
N LYS B 138 46.58 -28.92 -30.05
CA LYS B 138 45.35 -29.31 -29.38
C LYS B 138 44.45 -28.10 -29.13
N VAL B 139 43.14 -28.31 -29.31
CA VAL B 139 42.17 -27.24 -29.10
C VAL B 139 41.35 -27.46 -27.83
N ARG B 140 41.36 -26.48 -26.93
CA ARG B 140 40.59 -26.60 -25.70
C ARG B 140 39.68 -25.40 -25.44
N LEU B 141 38.48 -25.69 -24.93
CA LEU B 141 37.50 -24.69 -24.62
C LEU B 141 37.95 -23.86 -23.42
N VAL B 142 37.92 -22.55 -23.56
CA VAL B 142 38.32 -21.65 -22.49
C VAL B 142 37.15 -20.88 -21.92
N LYS B 143 36.14 -20.61 -22.75
CA LYS B 143 34.95 -19.91 -22.26
C LYS B 143 33.73 -20.29 -23.09
N ALA B 144 32.71 -20.78 -22.41
CA ALA B 144 31.50 -21.20 -23.10
C ALA B 144 30.50 -20.06 -23.18
N THR B 145 29.82 -19.97 -24.33
CA THR B 145 28.79 -18.96 -24.55
C THR B 145 27.53 -19.66 -25.05
N PRO B 146 26.78 -20.29 -24.14
CA PRO B 146 25.54 -20.99 -24.51
C PRO B 146 24.47 -19.99 -24.94
N LEU B 147 23.79 -20.31 -26.04
CA LEU B 147 22.71 -19.49 -26.56
C LEU B 147 21.55 -20.42 -26.90
N ALA B 148 20.35 -19.86 -26.92
CA ALA B 148 19.17 -20.65 -27.23
C ALA B 148 19.30 -21.36 -28.57
N ASN B 149 20.06 -20.79 -29.50
CA ASN B 149 20.19 -21.38 -30.82
C ASN B 149 21.41 -22.27 -31.04
N ASN B 150 22.13 -22.58 -29.98
CA ASN B 150 23.28 -23.45 -30.13
C ASN B 150 23.26 -24.49 -29.02
N ILE B 151 22.52 -24.17 -27.96
CA ILE B 151 22.39 -25.03 -26.80
C ILE B 151 22.18 -26.51 -27.11
N LYS B 152 21.51 -26.83 -28.21
CA LYS B 152 21.28 -28.25 -28.56
C LYS B 152 21.73 -28.67 -29.95
N GLU B 153 22.90 -28.19 -30.38
CA GLU B 153 23.44 -28.53 -31.69
C GLU B 153 24.71 -29.36 -31.51
N LYS B 154 25.06 -30.14 -32.53
CA LYS B 154 26.25 -30.98 -32.45
C LYS B 154 27.49 -30.12 -32.26
N GLU B 155 28.46 -30.66 -31.54
CA GLU B 155 29.71 -29.95 -31.26
C GLU B 155 30.58 -29.77 -32.51
N SER B 156 30.43 -28.63 -33.17
CA SER B 156 31.20 -28.30 -34.37
C SER B 156 32.67 -28.77 -34.32
N ALA B 157 33.26 -29.01 -35.49
CA ALA B 157 34.64 -29.46 -35.58
C ALA B 157 35.61 -28.33 -35.25
N LYS B 158 36.46 -28.54 -34.25
CA LYS B 158 37.42 -27.52 -33.87
C LYS B 158 38.72 -27.75 -34.64
N THR B 159 38.64 -27.59 -35.96
CA THR B 159 39.78 -27.81 -36.82
C THR B 159 40.30 -26.51 -37.42
N VAL B 160 41.51 -26.13 -37.04
CA VAL B 160 42.13 -24.92 -37.56
C VAL B 160 42.39 -25.10 -39.05
N SER B 161 41.57 -24.44 -39.87
CA SER B 161 41.70 -24.52 -41.33
C SER B 161 43.12 -24.22 -41.82
N PRO B 162 43.49 -24.77 -43.00
CA PRO B 162 44.83 -24.54 -43.57
C PRO B 162 44.83 -23.12 -44.09
N GLN B 163 43.62 -22.66 -44.41
CA GLN B 163 43.36 -21.32 -44.91
C GLN B 163 43.59 -20.32 -43.77
N LEU B 164 43.83 -20.86 -42.57
CA LEU B 164 44.08 -20.04 -41.38
C LEU B 164 45.50 -20.26 -40.86
N LYS B 165 45.93 -21.51 -40.85
CA LYS B 165 47.28 -21.86 -40.39
C LYS B 165 48.26 -21.01 -41.17
N GLN B 166 47.93 -20.87 -42.46
CA GLN B 166 48.73 -20.11 -43.43
C GLN B 166 48.83 -18.64 -43.11
N GLU B 167 47.71 -18.03 -42.75
CA GLU B 167 47.66 -16.61 -42.45
C GLU B 167 48.30 -16.13 -41.14
N LEU B 168 48.46 -17.01 -40.16
CA LEU B 168 49.05 -16.60 -38.87
C LEU B 168 50.56 -16.36 -39.05
N LYS B 169 50.90 -15.21 -39.63
CA LYS B 169 52.27 -14.90 -40.01
C LYS B 169 53.02 -14.19 -38.88
N THR B 170 52.41 -13.89 -37.73
CA THR B 170 53.18 -13.27 -36.66
C THR B 170 52.65 -13.64 -35.30
N THR B 171 53.13 -12.92 -34.30
CA THR B 171 52.69 -13.14 -32.95
C THR B 171 52.82 -11.84 -32.20
N VAL B 172 52.12 -11.82 -31.06
CA VAL B 172 52.19 -10.74 -30.09
C VAL B 172 52.41 -11.29 -28.70
N THR B 173 52.87 -10.50 -27.75
CA THR B 173 53.06 -11.10 -26.43
C THR B 173 52.24 -10.31 -25.42
N PRO B 174 51.28 -10.99 -24.77
CA PRO B 174 50.40 -10.38 -23.77
C PRO B 174 51.15 -9.68 -22.67
N THR B 175 52.32 -10.22 -22.36
CA THR B 175 53.19 -9.71 -21.32
C THR B 175 53.96 -8.44 -21.65
N LYS B 176 54.19 -8.21 -22.93
CA LYS B 176 54.94 -7.06 -23.41
C LYS B 176 54.27 -5.72 -23.11
N VAL B 177 54.97 -4.87 -22.38
CA VAL B 177 54.45 -3.54 -22.05
C VAL B 177 55.29 -2.46 -22.72
N GLN B 189 35.78 8.40 -10.70
CA GLN B 189 35.40 9.36 -9.68
C GLN B 189 33.97 9.09 -9.19
N TYR B 190 33.11 8.63 -10.10
CA TYR B 190 31.71 8.34 -9.77
C TYR B 190 31.29 6.92 -10.12
N GLU B 191 30.55 6.30 -9.20
CA GLU B 191 30.07 4.93 -9.35
C GLU B 191 28.73 4.80 -8.62
N ASN B 192 27.76 4.19 -9.27
CA ASN B 192 26.40 4.04 -8.71
C ASN B 192 25.80 2.69 -9.10
N THR B 193 25.75 1.77 -8.14
CA THR B 193 25.24 0.41 -8.41
C THR B 193 24.17 -0.09 -7.46
N LEU B 194 23.49 -1.19 -7.85
CA LEU B 194 22.47 -1.83 -7.01
C LEU B 194 23.24 -2.47 -5.84
N LYS B 195 23.04 -1.89 -4.66
CA LYS B 195 23.74 -2.20 -3.41
C LYS B 195 23.73 -3.71 -3.13
N ASN B 196 22.66 -4.44 -3.42
CA ASN B 196 22.63 -5.84 -3.01
C ASN B 196 22.97 -6.76 -4.17
N PHE B 197 23.26 -6.25 -5.35
CA PHE B 197 23.56 -7.13 -6.46
C PHE B 197 24.78 -7.99 -6.18
N LYS B 198 24.73 -9.25 -6.58
CA LYS B 198 25.85 -10.14 -6.35
C LYS B 198 25.76 -11.36 -7.29
N ILE B 199 26.90 -11.74 -7.86
CA ILE B 199 26.94 -12.87 -8.75
C ILE B 199 26.97 -14.13 -7.90
N ARG B 200 25.93 -14.96 -8.03
CA ARG B 200 25.85 -16.19 -7.25
C ARG B 200 25.85 -17.45 -8.11
N GLU B 201 25.57 -17.29 -9.40
CA GLU B 201 25.56 -18.43 -10.30
C GLU B 201 25.97 -17.98 -11.70
N GLN B 202 26.51 -18.92 -12.48
CA GLN B 202 26.96 -18.63 -13.82
C GLN B 202 26.32 -19.55 -14.84
N GLN B 203 25.96 -18.98 -15.99
CA GLN B 203 25.35 -19.75 -17.05
C GLN B 203 26.44 -20.34 -17.93
N PHE B 204 26.49 -21.67 -18.06
CA PHE B 204 27.50 -22.28 -18.91
C PHE B 204 27.06 -23.51 -19.65
N ASP B 205 25.89 -24.05 -19.32
CA ASP B 205 25.41 -25.23 -20.00
C ASP B 205 23.90 -25.25 -20.18
N ASN B 206 23.33 -24.08 -20.46
CA ASN B 206 21.90 -23.96 -20.69
C ASN B 206 21.64 -22.62 -21.35
N SER B 207 20.43 -22.40 -21.84
CA SER B 207 20.13 -21.14 -22.50
C SER B 207 19.26 -20.22 -21.66
N TRP B 208 19.41 -20.31 -20.34
CA TRP B 208 18.63 -19.51 -19.39
C TRP B 208 19.16 -18.13 -19.08
N CYS B 209 19.65 -17.41 -20.09
CA CYS B 209 20.17 -16.07 -19.86
C CYS B 209 19.17 -15.13 -19.18
N ALA B 210 17.90 -15.18 -19.58
CA ALA B 210 16.89 -14.33 -18.96
C ALA B 210 16.70 -14.73 -17.51
N GLY B 211 16.59 -16.03 -17.28
CA GLY B 211 16.42 -16.51 -15.91
C GLY B 211 17.57 -16.11 -15.00
N PHE B 212 18.79 -16.24 -15.49
CA PHE B 212 19.97 -15.88 -14.72
C PHE B 212 19.97 -14.40 -14.38
N SER B 213 19.56 -13.58 -15.35
CA SER B 213 19.49 -12.12 -15.17
C SER B 213 18.41 -11.70 -14.17
N MET B 214 17.23 -12.30 -14.27
CA MET B 214 16.14 -11.97 -13.37
C MET B 214 16.41 -12.45 -11.95
N ALA B 215 16.99 -13.64 -11.81
CA ALA B 215 17.28 -14.16 -10.49
C ALA B 215 18.22 -13.22 -9.76
N ALA B 216 19.25 -12.75 -10.45
CA ALA B 216 20.19 -11.83 -9.84
C ALA B 216 19.54 -10.47 -9.56
N LEU B 217 18.70 -10.00 -10.47
CA LEU B 217 18.06 -8.71 -10.27
C LEU B 217 17.05 -8.78 -9.11
N LEU B 218 16.23 -9.83 -9.10
CA LEU B 218 15.24 -10.00 -8.06
C LEU B 218 15.91 -10.20 -6.71
N ASN B 219 17.02 -10.93 -6.67
CA ASN B 219 17.73 -11.14 -5.41
C ASN B 219 18.29 -9.82 -4.92
N ALA B 220 18.63 -8.94 -5.86
CA ALA B 220 19.19 -7.65 -5.49
C ALA B 220 18.14 -6.67 -5.01
N THR B 221 17.05 -6.53 -5.76
CA THR B 221 16.01 -5.58 -5.39
C THR B 221 15.13 -6.01 -4.22
N LYS B 222 15.24 -7.26 -3.80
CA LYS B 222 14.45 -7.76 -2.69
C LYS B 222 15.40 -8.20 -1.60
N ASN B 223 16.69 -7.92 -1.79
CA ASN B 223 17.71 -8.27 -0.82
C ASN B 223 17.54 -9.68 -0.26
N THR B 224 17.56 -10.67 -1.16
CA THR B 224 17.42 -12.06 -0.76
C THR B 224 18.33 -12.90 -1.64
N ASP B 225 18.39 -14.21 -1.41
CA ASP B 225 19.26 -15.09 -2.21
C ASP B 225 18.54 -16.35 -2.63
N THR B 226 17.22 -16.34 -2.59
CA THR B 226 16.43 -17.51 -2.93
C THR B 226 16.11 -17.72 -4.39
N TYR B 227 16.27 -16.69 -5.19
CA TYR B 227 16.00 -16.80 -6.61
C TYR B 227 17.20 -17.40 -7.34
N ASN B 228 16.93 -18.24 -8.33
CA ASN B 228 17.97 -18.83 -9.15
C ASN B 228 17.38 -19.18 -10.51
N ALA B 229 18.22 -19.28 -11.53
CA ALA B 229 17.78 -19.56 -12.89
C ALA B 229 16.98 -20.84 -13.05
N HIS B 230 17.41 -21.91 -12.42
CA HIS B 230 16.71 -23.18 -12.53
C HIS B 230 15.28 -23.09 -12.04
N ASP B 231 15.08 -22.58 -10.83
CA ASP B 231 13.74 -22.49 -10.26
C ASP B 231 12.80 -21.62 -11.08
N ILE B 232 13.32 -20.53 -11.65
CA ILE B 232 12.48 -19.66 -12.45
C ILE B 232 12.02 -20.41 -13.71
N MET B 233 12.96 -21.07 -14.38
CA MET B 233 12.61 -21.83 -15.58
C MET B 233 11.64 -22.95 -15.23
N ARG B 234 11.84 -23.57 -14.07
CA ARG B 234 10.95 -24.64 -13.62
C ARG B 234 9.53 -24.10 -13.42
N THR B 235 9.42 -22.86 -12.95
CA THR B 235 8.12 -22.23 -12.74
C THR B 235 7.42 -21.96 -14.07
N LEU B 236 8.19 -21.64 -15.09
CA LEU B 236 7.60 -21.34 -16.38
C LEU B 236 7.23 -22.57 -17.19
N TYR B 237 7.95 -23.68 -16.97
CA TYR B 237 7.70 -24.94 -17.68
C TYR B 237 7.66 -26.07 -16.68
N PRO B 238 6.59 -26.16 -15.88
CA PRO B 238 6.49 -27.22 -14.89
C PRO B 238 6.35 -28.62 -15.44
N GLU B 239 6.13 -28.72 -16.74
CA GLU B 239 5.95 -30.02 -17.36
C GLU B 239 7.11 -30.52 -18.21
N VAL B 240 8.22 -29.79 -18.23
CA VAL B 240 9.36 -30.22 -19.03
C VAL B 240 10.32 -30.98 -18.12
N SER B 241 10.93 -32.04 -18.64
CA SER B 241 11.86 -32.86 -17.86
C SER B 241 13.12 -32.11 -17.52
N GLU B 242 13.80 -32.53 -16.47
CA GLU B 242 15.04 -31.90 -16.05
C GLU B 242 16.15 -31.96 -17.09
N GLN B 243 15.92 -32.76 -18.13
CA GLN B 243 16.94 -32.90 -19.16
C GLN B 243 16.67 -32.03 -20.38
N ASP B 244 15.43 -31.61 -20.54
CA ASP B 244 15.06 -30.75 -21.67
C ASP B 244 14.89 -29.30 -21.22
N LEU B 245 14.99 -29.08 -19.91
CA LEU B 245 14.83 -27.75 -19.35
C LEU B 245 15.95 -26.80 -19.82
N PRO B 246 17.20 -27.30 -19.86
CA PRO B 246 18.32 -26.47 -20.29
C PRO B 246 18.17 -25.92 -21.71
N ASN B 247 17.32 -26.56 -22.50
CA ASN B 247 17.11 -26.13 -23.87
C ASN B 247 15.96 -25.14 -24.05
N CYS B 248 15.02 -25.12 -23.12
CA CYS B 248 13.88 -24.21 -23.22
C CYS B 248 14.32 -22.76 -23.03
N ALA B 249 13.78 -21.86 -23.84
CA ALA B 249 14.12 -20.45 -23.77
C ALA B 249 13.03 -19.62 -23.09
N THR B 250 13.36 -18.39 -22.72
CA THR B 250 12.41 -17.50 -22.05
C THR B 250 11.98 -16.40 -23.01
N PHE B 251 10.78 -15.85 -22.81
CA PHE B 251 10.28 -14.79 -23.66
C PHE B 251 9.62 -13.66 -22.89
N PRO B 252 9.72 -12.43 -23.42
CA PRO B 252 9.16 -11.21 -22.83
C PRO B 252 7.87 -11.40 -22.05
N ASN B 253 6.84 -11.94 -22.71
CA ASN B 253 5.56 -12.18 -22.07
C ASN B 253 5.71 -12.98 -20.78
N GLN B 254 6.56 -14.02 -20.81
CA GLN B 254 6.81 -14.84 -19.63
C GLN B 254 7.51 -14.06 -18.53
N MET B 255 8.50 -13.27 -18.92
CA MET B 255 9.25 -12.48 -17.95
C MET B 255 8.29 -11.58 -17.19
N ILE B 256 7.48 -10.83 -17.94
CA ILE B 256 6.51 -9.92 -17.35
C ILE B 256 5.55 -10.67 -16.40
N GLU B 257 5.02 -11.78 -16.89
CA GLU B 257 4.09 -12.58 -16.11
C GLU B 257 4.75 -13.11 -14.83
N TYR B 258 6.01 -13.51 -14.92
CA TYR B 258 6.71 -14.02 -13.76
C TYR B 258 6.96 -12.93 -12.73
N GLY B 259 7.42 -11.77 -13.19
CA GLY B 259 7.69 -10.66 -12.28
C GLY B 259 6.46 -10.29 -11.49
N LYS B 260 5.32 -10.34 -12.15
CA LYS B 260 4.05 -10.00 -11.52
C LYS B 260 3.83 -10.87 -10.30
N SER B 261 4.06 -12.18 -10.45
CA SER B 261 3.89 -13.10 -9.34
C SER B 261 4.92 -12.84 -8.24
N GLN B 262 5.95 -12.05 -8.56
CA GLN B 262 6.96 -11.74 -7.58
C GLN B 262 6.87 -10.30 -7.09
N GLY B 263 5.71 -9.67 -7.29
CA GLY B 263 5.49 -8.30 -6.84
C GLY B 263 6.21 -7.19 -7.59
N ARG B 264 6.39 -7.37 -8.89
CA ARG B 264 7.05 -6.36 -9.70
C ARG B 264 6.27 -6.09 -10.98
N ASP B 265 6.09 -4.82 -11.31
CA ASP B 265 5.39 -4.46 -12.54
C ASP B 265 6.46 -4.26 -13.62
N ILE B 266 6.73 -5.31 -14.39
CA ILE B 266 7.75 -5.23 -15.42
C ILE B 266 7.21 -4.59 -16.70
N HIS B 267 7.95 -3.62 -17.24
CA HIS B 267 7.55 -2.96 -18.46
C HIS B 267 8.64 -3.05 -19.52
N TYR B 268 8.24 -3.18 -20.77
CA TYR B 268 9.22 -3.23 -21.86
C TYR B 268 9.43 -1.78 -22.29
N GLN B 269 10.68 -1.41 -22.51
CA GLN B 269 11.00 -0.06 -22.94
C GLN B 269 11.99 -0.15 -24.09
N GLU B 270 11.62 0.44 -25.22
CA GLU B 270 12.45 0.41 -26.43
C GLU B 270 13.78 1.16 -26.35
N GLY B 271 14.78 0.63 -27.04
CA GLY B 271 16.09 1.28 -27.08
C GLY B 271 16.99 1.12 -25.87
N VAL B 272 18.07 1.90 -25.85
CA VAL B 272 19.01 1.87 -24.75
C VAL B 272 18.63 2.92 -23.71
N PRO B 273 18.43 2.50 -22.45
CA PRO B 273 18.05 3.52 -21.47
C PRO B 273 19.20 4.50 -21.31
N SER B 274 18.85 5.75 -21.06
CA SER B 274 19.83 6.80 -20.89
C SER B 274 20.66 6.61 -19.67
N TYR B 275 21.85 7.20 -19.68
CA TYR B 275 22.74 7.15 -18.55
C TYR B 275 21.98 7.63 -17.32
N ASN B 276 21.29 8.76 -17.46
CA ASN B 276 20.56 9.33 -16.35
C ASN B 276 19.40 8.47 -15.84
N GLN B 277 18.70 7.82 -16.75
CA GLN B 277 17.58 6.97 -16.34
C GLN B 277 18.15 5.83 -15.48
N VAL B 278 19.25 5.23 -15.92
CA VAL B 278 19.87 4.13 -15.20
C VAL B 278 20.31 4.61 -13.82
N ASP B 279 20.80 5.84 -13.74
CA ASP B 279 21.26 6.42 -12.49
C ASP B 279 20.11 6.53 -11.49
N GLN B 280 18.99 7.06 -11.95
CA GLN B 280 17.81 7.22 -11.10
C GLN B 280 17.18 5.87 -10.72
N LEU B 281 16.93 5.03 -11.71
CA LEU B 281 16.31 3.74 -11.45
C LEU B 281 17.16 2.92 -10.49
N THR B 282 18.48 3.02 -10.63
CA THR B 282 19.37 2.27 -9.76
C THR B 282 19.22 2.79 -8.34
N LYS B 283 19.09 4.11 -8.17
CA LYS B 283 18.93 4.68 -6.85
C LYS B 283 17.57 4.33 -6.25
N ASP B 284 16.59 4.06 -7.11
CA ASP B 284 15.27 3.66 -6.65
C ASP B 284 15.23 2.17 -6.38
N ASN B 285 16.34 1.49 -6.66
CA ASN B 285 16.45 0.06 -6.45
C ASN B 285 15.52 -0.69 -7.42
N VAL B 286 15.53 -0.25 -8.68
CA VAL B 286 14.72 -0.86 -9.72
C VAL B 286 15.63 -1.55 -10.73
N GLY B 287 15.35 -2.83 -10.98
CA GLY B 287 16.18 -3.62 -11.88
C GLY B 287 15.93 -3.39 -13.35
N ILE B 288 16.99 -3.50 -14.14
CA ILE B 288 16.89 -3.32 -15.57
C ILE B 288 17.55 -4.50 -16.28
N MET B 289 16.79 -5.22 -17.07
CA MET B 289 17.36 -6.33 -17.81
C MET B 289 17.55 -5.94 -19.27
N ILE B 290 18.73 -6.23 -19.77
CA ILE B 290 19.10 -5.91 -21.15
C ILE B 290 18.60 -6.99 -22.11
N LEU B 291 18.00 -6.57 -23.21
CA LEU B 291 17.53 -7.51 -24.22
C LEU B 291 18.33 -7.20 -25.49
N ALA B 292 19.02 -8.19 -26.01
CA ALA B 292 19.84 -7.97 -27.20
C ALA B 292 19.66 -9.08 -28.22
N GLN B 293 19.91 -8.76 -29.48
CA GLN B 293 19.79 -9.76 -30.54
C GLN B 293 20.79 -9.52 -31.65
N SER B 294 21.12 -10.61 -32.33
CA SER B 294 22.04 -10.63 -33.46
C SER B 294 21.65 -9.58 -34.47
N VAL B 295 22.62 -8.78 -34.86
CA VAL B 295 22.41 -7.71 -35.82
C VAL B 295 22.17 -8.20 -37.24
N SER B 296 22.58 -9.44 -37.53
CA SER B 296 22.39 -10.01 -38.85
C SER B 296 20.91 -10.32 -39.11
N GLN B 297 20.22 -10.82 -38.09
CA GLN B 297 18.81 -11.15 -38.21
C GLN B 297 18.01 -9.93 -38.68
N ASN B 298 16.73 -10.12 -38.98
CA ASN B 298 15.86 -9.03 -39.41
C ASN B 298 15.82 -7.98 -38.30
N PRO B 299 16.43 -6.79 -38.52
CA PRO B 299 16.49 -5.68 -37.57
C PRO B 299 15.16 -5.22 -36.96
N ASN B 300 14.13 -5.12 -37.80
CA ASN B 300 12.80 -4.68 -37.37
C ASN B 300 12.00 -5.80 -36.69
N ASP B 301 12.62 -6.98 -36.57
CA ASP B 301 12.02 -8.16 -35.94
C ASP B 301 12.79 -8.55 -34.65
N PRO B 302 12.49 -7.87 -33.52
CA PRO B 302 13.14 -8.10 -32.22
C PRO B 302 12.95 -9.47 -31.54
N HIS B 303 13.62 -10.49 -32.06
CA HIS B 303 13.60 -11.85 -31.50
C HIS B 303 14.76 -11.86 -30.51
N LEU B 304 14.48 -12.24 -29.27
CA LEU B 304 15.51 -12.26 -28.23
C LEU B 304 16.70 -13.20 -28.45
N GLY B 305 17.90 -12.63 -28.41
CA GLY B 305 19.10 -13.41 -28.62
C GLY B 305 19.89 -13.70 -27.35
N HIS B 306 19.97 -12.72 -26.44
CA HIS B 306 20.69 -12.88 -25.18
C HIS B 306 20.19 -11.79 -24.23
N ALA B 307 20.24 -12.07 -22.93
CA ALA B 307 19.79 -11.11 -21.94
C ALA B 307 20.84 -10.90 -20.88
N LEU B 308 20.98 -9.67 -20.41
CA LEU B 308 21.96 -9.39 -19.37
C LEU B 308 21.32 -8.57 -18.27
N ALA B 309 22.09 -8.32 -17.22
CA ALA B 309 21.61 -7.55 -16.09
C ALA B 309 22.40 -6.26 -15.91
N VAL B 310 21.68 -5.15 -15.83
CA VAL B 310 22.34 -3.87 -15.60
C VAL B 310 22.61 -3.84 -14.10
N VAL B 311 23.77 -3.35 -13.69
CA VAL B 311 24.09 -3.29 -12.27
C VAL B 311 24.22 -1.84 -11.81
N GLY B 312 24.46 -0.93 -12.73
CA GLY B 312 24.59 0.45 -12.35
C GLY B 312 25.22 1.28 -13.43
N ASN B 313 25.80 2.42 -13.05
CA ASN B 313 26.45 3.32 -13.99
C ASN B 313 27.68 3.94 -13.35
N ALA B 314 28.53 4.55 -14.17
CA ALA B 314 29.73 5.16 -13.66
C ALA B 314 30.25 6.21 -14.62
N LYS B 315 31.17 7.04 -14.15
CA LYS B 315 31.78 8.07 -14.98
C LYS B 315 33.27 7.83 -14.86
N ILE B 316 33.90 7.43 -15.96
CA ILE B 316 35.33 7.17 -15.96
C ILE B 316 35.98 8.18 -16.92
N ASN B 317 37.05 8.81 -16.48
CA ASN B 317 37.74 9.81 -17.29
C ASN B 317 36.75 10.77 -17.91
N ASP B 318 35.76 11.16 -17.12
CA ASP B 318 34.71 12.09 -17.53
C ASP B 318 33.75 11.60 -18.64
N GLN B 319 33.61 10.29 -18.78
CA GLN B 319 32.68 9.74 -19.78
C GLN B 319 31.68 8.78 -19.13
N GLU B 320 30.45 8.81 -19.61
CA GLU B 320 29.40 7.96 -19.06
C GLU B 320 29.55 6.48 -19.44
N LYS B 321 29.41 5.61 -18.45
CA LYS B 321 29.53 4.17 -18.64
C LYS B 321 28.41 3.43 -17.93
N LEU B 322 28.14 2.20 -18.36
CA LEU B 322 27.15 1.36 -17.71
C LEU B 322 27.88 0.16 -17.15
N ILE B 323 27.47 -0.31 -15.98
CA ILE B 323 28.06 -1.48 -15.36
C ILE B 323 27.02 -2.59 -15.53
N TYR B 324 27.43 -3.75 -16.00
CA TYR B 324 26.49 -4.82 -16.19
C TYR B 324 27.06 -6.19 -15.99
N TRP B 325 26.17 -7.17 -15.97
CA TRP B 325 26.60 -8.53 -15.79
C TRP B 325 26.11 -9.44 -16.88
N ASN B 326 27.06 -10.07 -17.55
CA ASN B 326 26.71 -11.10 -18.49
C ASN B 326 26.64 -12.45 -17.79
N PRO B 327 25.47 -13.11 -17.81
CA PRO B 327 25.36 -14.41 -17.14
C PRO B 327 26.49 -15.41 -17.35
N TRP B 328 27.22 -15.27 -18.44
CA TRP B 328 28.33 -16.17 -18.74
C TRP B 328 29.59 -15.85 -17.92
N ASP B 329 29.62 -14.70 -17.25
CA ASP B 329 30.80 -14.31 -16.50
C ASP B 329 30.72 -14.45 -15.01
N THR B 330 31.88 -14.42 -14.38
CA THR B 330 31.98 -14.54 -12.93
C THR B 330 32.25 -13.16 -12.33
N GLU B 331 32.34 -12.16 -13.19
CA GLU B 331 32.57 -10.79 -12.75
C GLU B 331 31.80 -9.82 -13.61
N LEU B 332 31.76 -8.56 -13.20
CA LEU B 332 31.03 -7.55 -13.94
C LEU B 332 31.78 -7.03 -15.15
N SER B 333 31.10 -6.18 -15.92
CA SER B 333 31.69 -5.55 -17.10
C SER B 333 31.31 -4.09 -17.08
N ILE B 334 32.16 -3.26 -17.68
CA ILE B 334 31.93 -1.81 -17.77
C ILE B 334 32.14 -1.44 -19.23
N GLN B 335 31.26 -0.59 -19.76
CA GLN B 335 31.33 -0.21 -21.16
C GLN B 335 30.71 1.17 -21.42
N ASP B 336 31.11 1.80 -22.53
CA ASP B 336 30.59 3.13 -22.90
C ASP B 336 29.07 3.09 -22.78
N ALA B 337 28.49 4.07 -22.11
CA ALA B 337 27.03 4.11 -21.93
C ALA B 337 26.30 4.35 -23.24
N ASP B 338 26.96 5.01 -24.19
CA ASP B 338 26.32 5.29 -25.46
C ASP B 338 26.63 4.34 -26.59
N SER B 339 27.01 3.12 -26.23
CA SER B 339 27.19 2.07 -27.21
C SER B 339 26.01 1.11 -27.21
N SER B 340 25.57 0.65 -28.37
CA SER B 340 24.41 -0.20 -28.39
C SER B 340 24.72 -1.60 -28.88
N LEU B 341 26.00 -1.94 -28.90
CA LEU B 341 26.43 -3.23 -29.37
C LEU B 341 27.17 -4.05 -28.31
N LEU B 342 26.79 -5.32 -28.18
CA LEU B 342 27.46 -6.22 -27.26
C LEU B 342 28.19 -7.22 -28.12
N HIS B 343 29.52 -7.21 -28.05
CA HIS B 343 30.32 -8.12 -28.86
C HIS B 343 30.52 -9.46 -28.17
N LEU B 344 30.01 -10.51 -28.80
CA LEU B 344 30.12 -11.85 -28.22
C LEU B 344 30.99 -12.78 -29.04
N SER B 345 30.78 -14.08 -28.88
CA SER B 345 31.55 -15.07 -29.62
C SER B 345 31.18 -15.14 -31.10
N PHE B 346 31.95 -15.92 -31.85
CA PHE B 346 31.73 -16.11 -33.28
C PHE B 346 31.70 -14.78 -34.03
N ASN B 347 32.41 -13.79 -33.51
CA ASN B 347 32.47 -12.47 -34.12
C ASN B 347 31.07 -11.89 -34.38
N ARG B 348 30.16 -12.14 -33.44
CA ARG B 348 28.80 -11.63 -33.57
C ARG B 348 28.62 -10.39 -32.72
N ASP B 349 27.77 -9.50 -33.19
CA ASP B 349 27.46 -8.27 -32.48
C ASP B 349 25.97 -8.25 -32.23
N TYR B 350 25.58 -8.23 -30.97
CA TYR B 350 24.18 -8.21 -30.59
C TYR B 350 23.80 -6.78 -30.23
N ASN B 351 22.69 -6.34 -30.81
CA ASN B 351 22.24 -4.98 -30.56
C ASN B 351 21.33 -4.92 -29.34
N TRP B 352 21.58 -3.94 -28.49
CA TRP B 352 20.72 -3.69 -27.35
C TRP B 352 19.45 -2.96 -27.79
N TYR B 353 18.43 -3.71 -28.16
CA TYR B 353 17.20 -3.13 -28.69
C TYR B 353 16.16 -2.65 -27.70
N GLY B 354 16.21 -3.15 -26.49
CA GLY B 354 15.25 -2.73 -25.50
C GLY B 354 15.59 -3.29 -24.15
N SER B 355 14.71 -3.06 -23.19
CA SER B 355 14.96 -3.56 -21.85
C SER B 355 13.70 -3.88 -21.12
N MET B 356 13.85 -4.69 -20.08
CA MET B 356 12.78 -5.00 -19.16
C MET B 356 13.00 -4.28 -17.83
N ILE B 357 12.16 -3.30 -17.52
CA ILE B 357 12.35 -2.55 -16.27
C ILE B 357 11.32 -2.98 -15.25
N GLY B 358 11.81 -3.48 -14.12
CA GLY B 358 10.92 -3.95 -13.09
C GLY B 358 10.48 -2.98 -12.01
N TYR B 359 9.44 -2.21 -12.29
CA TYR B 359 8.95 -1.25 -11.32
C TYR B 359 8.21 -2.00 -10.22
N LEU B 360 7.97 -1.32 -9.11
CA LEU B 360 7.24 -1.97 -8.05
C LEU B 360 5.86 -2.24 -8.59
N GLU B 361 5.08 -3.01 -7.85
CA GLU B 361 3.75 -3.30 -8.33
C GLU B 361 2.80 -2.26 -7.77
N VAL B 362 1.86 -1.84 -8.60
CA VAL B 362 0.90 -0.86 -8.15
C VAL B 362 -0.02 -1.65 -7.25
N PRO B 363 -0.29 -1.13 -6.05
CA PRO B 363 -1.16 -1.75 -5.06
C PRO B 363 -2.46 -2.27 -5.67
N LYS C 7 6.71 46.28 7.33
CA LYS C 7 7.03 47.21 6.25
C LYS C 7 7.45 46.43 5.00
N GLN C 8 6.67 45.41 4.67
CA GLN C 8 6.94 44.55 3.52
C GLN C 8 5.96 44.72 2.38
N LEU C 9 6.15 43.94 1.33
CA LEU C 9 5.29 44.01 0.14
C LEU C 9 3.83 43.69 0.38
N GLU C 10 2.96 44.48 -0.23
CA GLU C 10 1.54 44.27 -0.12
C GLU C 10 0.95 44.17 -1.52
N ILE C 11 -0.12 43.41 -1.66
CA ILE C 11 -0.76 43.24 -2.97
C ILE C 11 -2.18 43.77 -2.89
N ASN C 12 -2.56 44.63 -3.85
CA ASN C 12 -3.90 45.21 -3.85
C ASN C 12 -4.96 44.23 -4.32
N VAL C 13 -6.06 44.16 -3.58
CA VAL C 13 -7.16 43.27 -3.93
C VAL C 13 -8.50 43.91 -3.57
N LYS C 14 -9.56 43.39 -4.16
CA LYS C 14 -10.91 43.89 -3.90
C LYS C 14 -11.27 43.58 -2.43
N SER C 15 -10.96 42.36 -1.99
CA SER C 15 -11.25 41.94 -0.63
C SER C 15 -10.23 40.89 -0.22
N ASP C 16 -10.03 40.69 1.07
CA ASP C 16 -9.08 39.69 1.50
C ASP C 16 -9.80 38.39 1.85
N LYS C 17 -11.12 38.43 1.73
CA LYS C 17 -11.93 37.27 2.05
C LYS C 17 -11.71 36.11 1.08
N VAL C 18 -11.68 34.91 1.64
CA VAL C 18 -11.51 33.68 0.86
C VAL C 18 -12.49 32.66 1.39
N PRO C 19 -13.12 31.86 0.50
CA PRO C 19 -14.06 30.86 0.99
C PRO C 19 -13.38 29.90 1.97
N GLN C 20 -14.03 29.64 3.10
CA GLN C 20 -13.50 28.75 4.12
C GLN C 20 -13.01 27.45 3.48
N LYS C 21 -13.76 27.02 2.49
CA LYS C 21 -13.50 25.80 1.73
C LYS C 21 -12.11 25.85 1.09
N VAL C 22 -11.80 26.98 0.46
CA VAL C 22 -10.53 27.17 -0.21
C VAL C 22 -9.40 27.26 0.80
N LYS C 23 -9.61 28.05 1.84
CA LYS C 23 -8.61 28.22 2.88
C LYS C 23 -8.20 26.85 3.46
N ASP C 24 -9.20 26.01 3.74
CA ASP C 24 -8.92 24.68 4.28
C ASP C 24 -8.16 23.79 3.32
N LEU C 25 -8.55 23.79 2.05
CA LEU C 25 -7.86 22.99 1.05
C LEU C 25 -6.39 23.37 1.00
N ALA C 26 -6.11 24.66 0.79
CA ALA C 26 -4.76 25.14 0.71
C ALA C 26 -3.94 24.72 1.94
N GLN C 27 -4.51 24.89 3.12
CA GLN C 27 -3.83 24.56 4.35
C GLN C 27 -3.51 23.07 4.42
N GLN C 28 -4.46 22.26 4.00
CA GLN C 28 -4.33 20.82 4.01
C GLN C 28 -3.32 20.25 3.02
N GLN C 29 -3.14 20.93 1.89
CA GLN C 29 -2.31 20.36 0.82
C GLN C 29 -0.99 21.08 0.54
N PHE C 30 -0.84 22.37 0.82
CA PHE C 30 0.41 23.03 0.42
C PHE C 30 1.74 22.31 0.73
N ALA C 31 1.89 21.79 1.94
CA ALA C 31 3.13 21.09 2.32
C ALA C 31 3.41 19.87 1.43
N GLY C 32 2.39 19.05 1.21
CA GLY C 32 2.54 17.88 0.36
C GLY C 32 2.93 18.24 -1.06
N TYR C 33 2.23 19.23 -1.64
CA TYR C 33 2.54 19.66 -2.99
C TYR C 33 3.95 20.25 -3.09
N ALA C 34 4.33 21.03 -2.09
CA ALA C 34 5.66 21.66 -2.09
C ALA C 34 6.76 20.59 -2.06
N LYS C 35 6.60 19.60 -1.19
CA LYS C 35 7.60 18.54 -1.09
C LYS C 35 7.72 17.77 -2.40
N ALA C 36 6.58 17.49 -3.03
CA ALA C 36 6.60 16.74 -4.30
C ALA C 36 7.28 17.49 -5.42
N LEU C 37 7.05 18.80 -5.52
CA LEU C 37 7.68 19.58 -6.58
C LEU C 37 9.18 19.78 -6.33
N ASP C 38 9.56 19.88 -5.06
CA ASP C 38 10.97 20.03 -4.75
C ASP C 38 11.69 18.76 -5.19
N LYS C 39 11.06 17.62 -4.92
CA LYS C 39 11.61 16.33 -5.27
C LYS C 39 11.76 16.15 -6.78
N GLN C 40 11.04 16.97 -7.54
CA GLN C 40 11.09 16.90 -9.00
C GLN C 40 12.24 17.68 -9.58
N SER C 41 13.02 18.29 -8.71
CA SER C 41 14.18 19.08 -9.13
C SER C 41 15.24 18.86 -8.05
N ASN C 42 15.05 17.79 -7.29
CA ASN C 42 15.95 17.43 -6.20
C ASN C 42 16.35 18.69 -5.48
N ALA C 43 15.36 19.29 -4.80
CA ALA C 43 15.58 20.50 -4.03
C ALA C 43 15.75 20.12 -2.58
N LYS C 44 16.48 20.95 -1.86
CA LYS C 44 16.77 20.74 -0.46
C LYS C 44 15.63 21.25 0.40
N THR C 45 14.82 20.32 0.91
CA THR C 45 13.68 20.68 1.75
C THR C 45 13.96 21.67 2.88
N GLY C 46 12.88 22.24 3.41
CA GLY C 46 13.00 23.21 4.49
C GLY C 46 11.65 23.37 5.16
N LYS C 47 11.48 24.46 5.91
CA LYS C 47 10.22 24.71 6.58
C LYS C 47 9.28 25.46 5.63
N TYR C 48 8.29 24.73 5.11
CA TYR C 48 7.30 25.27 4.19
C TYR C 48 6.22 26.01 4.97
N GLU C 49 5.78 27.14 4.41
CA GLU C 49 4.73 27.94 5.02
C GLU C 49 3.84 28.51 3.93
N LEU C 50 2.60 28.84 4.28
CA LEU C 50 1.64 29.41 3.33
C LEU C 50 1.50 30.90 3.55
N GLY C 51 1.78 31.69 2.52
CA GLY C 51 1.63 33.12 2.65
C GLY C 51 0.15 33.43 2.51
N GLU C 52 -0.20 34.71 2.48
CA GLU C 52 -1.59 35.09 2.34
C GLU C 52 -1.99 35.07 0.85
N ALA C 53 -3.19 34.59 0.59
CA ALA C 53 -3.69 34.48 -0.78
C ALA C 53 -3.97 35.83 -1.41
N PHE C 54 -3.58 35.97 -2.67
CA PHE C 54 -3.86 37.19 -3.41
C PHE C 54 -4.75 36.83 -4.58
N LYS C 55 -5.31 37.84 -5.22
CA LYS C 55 -6.17 37.64 -6.38
C LYS C 55 -5.58 38.41 -7.54
N ILE C 56 -6.01 38.04 -8.75
CA ILE C 56 -5.52 38.67 -9.97
C ILE C 56 -6.67 39.34 -10.71
N TYR C 57 -6.37 40.39 -11.45
CA TYR C 57 -7.42 41.11 -12.16
C TYR C 57 -7.16 41.47 -13.60
N LYS C 58 -8.23 41.45 -14.39
CA LYS C 58 -8.12 42.00 -15.72
C LYS C 58 -8.02 43.51 -15.68
N PHE C 59 -7.52 44.17 -16.72
CA PHE C 59 -7.45 45.62 -16.61
C PHE C 59 -8.81 46.29 -16.46
N ASN C 60 -9.87 45.59 -16.86
CA ASN C 60 -11.20 46.18 -16.75
C ASN C 60 -11.85 45.96 -15.39
N GLY C 61 -11.10 45.39 -14.45
CA GLY C 61 -11.64 45.18 -13.13
C GLY C 61 -12.21 43.81 -12.82
N GLU C 62 -12.36 42.97 -13.83
CA GLU C 62 -12.89 41.62 -13.61
C GLU C 62 -11.90 40.83 -12.76
N GLU C 63 -12.41 40.13 -11.75
CA GLU C 63 -11.54 39.37 -10.87
C GLU C 63 -11.36 37.91 -11.30
N ASP C 64 -10.10 37.48 -11.40
CA ASP C 64 -9.77 36.11 -11.78
C ASP C 64 -10.48 35.18 -10.79
N ASN C 65 -11.05 34.08 -11.30
CA ASN C 65 -11.80 33.16 -10.46
C ASN C 65 -10.99 32.23 -9.55
N SER C 66 -9.67 32.39 -9.51
CA SER C 66 -8.86 31.51 -8.66
C SER C 66 -8.19 32.23 -7.49
N TYR C 67 -7.59 31.46 -6.60
CA TYR C 67 -6.89 32.02 -5.46
C TYR C 67 -5.45 31.55 -5.51
N TYR C 68 -4.52 32.48 -5.32
CA TYR C 68 -3.10 32.17 -5.38
C TYR C 68 -2.44 32.35 -4.02
N TYR C 69 -1.81 31.28 -3.52
CA TYR C 69 -1.13 31.32 -2.24
C TYR C 69 0.37 31.22 -2.42
N PRO C 70 1.12 32.14 -1.79
CA PRO C 70 2.57 32.04 -1.95
C PRO C 70 3.02 30.86 -1.12
N VAL C 71 3.95 30.07 -1.64
CA VAL C 71 4.47 28.91 -0.91
C VAL C 71 5.88 29.30 -0.49
N ILE C 72 6.08 29.45 0.82
CA ILE C 72 7.36 29.88 1.35
C ILE C 72 8.23 28.75 1.91
N LYS C 73 9.51 28.79 1.58
CA LYS C 73 10.45 27.77 2.04
C LYS C 73 11.60 28.46 2.74
N ASP C 74 11.67 28.24 4.06
CA ASP C 74 12.72 28.85 4.88
C ASP C 74 12.78 30.35 4.62
N GLY C 75 11.59 30.97 4.57
CA GLY C 75 11.51 32.40 4.36
C GLY C 75 11.43 32.91 2.93
N LYS C 76 11.83 32.11 1.96
CA LYS C 76 11.79 32.56 0.58
C LYS C 76 10.59 32.01 -0.20
N ILE C 77 10.00 32.86 -1.03
CA ILE C 77 8.86 32.45 -1.85
C ILE C 77 9.40 31.70 -3.05
N VAL C 78 9.13 30.39 -3.10
CA VAL C 78 9.64 29.53 -4.19
C VAL C 78 8.59 28.98 -5.14
N TYR C 79 7.35 28.87 -4.66
CA TYR C 79 6.26 28.36 -5.47
C TYR C 79 4.97 29.13 -5.24
N THR C 80 3.95 28.80 -6.04
CA THR C 80 2.65 29.39 -5.90
C THR C 80 1.65 28.26 -5.95
N LEU C 81 0.77 28.19 -4.97
CA LEU C 81 -0.24 27.14 -4.97
C LEU C 81 -1.50 27.82 -5.52
N THR C 82 -2.04 27.26 -6.60
CA THR C 82 -3.24 27.82 -7.23
C THR C 82 -4.47 26.96 -7.00
N LEU C 83 -5.56 27.56 -6.54
CA LEU C 83 -6.82 26.85 -6.32
C LEU C 83 -7.78 27.39 -7.38
N SER C 84 -8.26 26.52 -8.25
CA SER C 84 -9.16 26.93 -9.34
C SER C 84 -10.34 25.97 -9.53
N PRO C 85 -11.36 26.40 -10.29
CA PRO C 85 -12.53 25.55 -10.54
C PRO C 85 -12.03 24.23 -11.09
N LYS C 86 -12.47 23.11 -10.52
CA LYS C 86 -11.99 21.80 -10.95
C LYS C 86 -12.41 21.33 -12.34
N ASN C 87 -13.70 21.44 -12.67
CA ASN C 87 -14.16 21.02 -13.99
C ASN C 87 -15.13 22.02 -14.63
N LYS C 88 -15.50 21.78 -15.89
CA LYS C 88 -16.43 22.64 -16.60
C LYS C 88 -17.65 22.96 -15.75
N ASP C 89 -18.25 21.90 -15.22
CA ASP C 89 -19.43 21.97 -14.39
C ASP C 89 -19.31 23.03 -13.29
N ASP C 90 -18.09 23.28 -12.85
CA ASP C 90 -17.83 24.24 -11.78
C ASP C 90 -17.87 25.71 -12.18
N LEU C 91 -17.66 25.99 -13.46
CA LEU C 91 -17.67 27.37 -13.93
C LEU C 91 -19.06 27.98 -13.86
N ASN C 92 -20.06 27.15 -13.60
CA ASN C 92 -21.45 27.60 -13.51
C ASN C 92 -21.86 27.84 -12.05
N LYS C 93 -21.15 27.22 -11.11
CA LYS C 93 -21.46 27.36 -9.69
C LYS C 93 -20.84 28.61 -9.10
N SER C 94 -21.12 28.86 -7.82
CA SER C 94 -20.60 30.03 -7.11
C SER C 94 -19.28 29.70 -6.42
N LYS C 95 -18.57 30.74 -5.99
CA LYS C 95 -17.28 30.55 -5.32
C LYS C 95 -17.37 29.64 -4.10
N GLU C 96 -18.53 29.65 -3.47
CA GLU C 96 -18.74 28.84 -2.27
C GLU C 96 -19.09 27.40 -2.60
N ASP C 97 -19.81 27.22 -3.69
CA ASP C 97 -20.25 25.87 -4.07
C ASP C 97 -19.39 25.07 -5.03
N MET C 98 -18.57 25.74 -5.83
CA MET C 98 -17.75 25.02 -6.78
C MET C 98 -16.69 24.18 -6.11
N ASN C 99 -16.20 23.19 -6.85
CA ASN C 99 -15.15 22.32 -6.37
C ASN C 99 -13.86 22.91 -6.89
N TYR C 100 -12.81 22.84 -6.07
CA TYR C 100 -11.53 23.37 -6.47
C TYR C 100 -10.43 22.36 -6.59
N SER C 101 -9.63 22.52 -7.64
CA SER C 101 -8.46 21.71 -7.80
C SER C 101 -7.24 22.38 -7.14
N VAL C 102 -6.23 21.61 -6.75
CA VAL C 102 -5.07 22.24 -6.14
C VAL C 102 -3.90 22.03 -7.06
N LYS C 103 -3.21 23.11 -7.39
CA LYS C 103 -2.07 23.05 -8.29
C LYS C 103 -0.87 23.76 -7.73
N ILE C 104 0.33 23.25 -8.03
CA ILE C 104 1.54 23.92 -7.58
C ILE C 104 2.47 24.08 -8.77
N SER C 105 3.14 25.23 -8.84
CA SER C 105 4.07 25.53 -9.91
C SER C 105 4.89 26.71 -9.40
N ASN C 106 5.78 27.24 -10.23
CA ASN C 106 6.60 28.36 -9.79
C ASN C 106 6.03 29.68 -10.31
N PHE C 107 4.74 29.68 -10.64
CA PHE C 107 4.06 30.87 -11.15
C PHE C 107 4.42 32.15 -10.40
N ILE C 108 5.14 33.02 -11.09
CA ILE C 108 5.61 34.31 -10.56
C ILE C 108 6.20 34.32 -9.15
N ALA C 109 6.63 33.16 -8.66
CA ALA C 109 7.24 33.09 -7.33
C ALA C 109 8.53 33.94 -7.28
N LYS C 110 9.41 33.77 -8.27
CA LYS C 110 10.66 34.56 -8.32
C LYS C 110 10.37 36.05 -8.32
N ASP C 111 9.37 36.44 -9.10
CA ASP C 111 8.99 37.84 -9.23
C ASP C 111 8.55 38.42 -7.90
N LEU C 112 7.74 37.68 -7.16
CA LEU C 112 7.27 38.17 -5.86
C LEU C 112 8.40 38.14 -4.83
N ASP C 113 9.22 37.09 -4.88
CA ASP C 113 10.31 36.95 -3.94
C ASP C 113 11.29 38.12 -3.97
N GLN C 114 11.65 38.55 -5.18
CA GLN C 114 12.60 39.65 -5.33
C GLN C 114 12.18 40.97 -4.68
N ILE C 115 10.88 41.16 -4.49
CA ILE C 115 10.40 42.39 -3.88
C ILE C 115 9.56 42.14 -2.63
N LYS C 116 9.67 40.95 -2.05
CA LYS C 116 8.87 40.62 -0.88
C LYS C 116 9.14 41.52 0.32
N ASP C 117 10.36 42.05 0.41
CA ASP C 117 10.72 42.91 1.53
C ASP C 117 10.61 44.39 1.20
N LYS C 118 10.53 44.70 -0.08
CA LYS C 118 10.40 46.07 -0.53
C LYS C 118 9.15 46.66 0.12
N ASN C 119 9.22 47.92 0.53
CA ASN C 119 8.07 48.55 1.17
C ASN C 119 7.16 49.28 0.21
N SER C 120 6.46 48.52 -0.63
CA SER C 120 5.53 49.10 -1.58
C SER C 120 4.37 48.15 -1.82
N ASN C 121 3.58 48.44 -2.84
CA ASN C 121 2.45 47.58 -3.15
C ASN C 121 2.39 47.37 -4.65
N ILE C 122 1.74 46.29 -5.05
CA ILE C 122 1.57 46.00 -6.44
C ILE C 122 0.17 45.47 -6.69
N THR C 123 -0.19 45.47 -7.96
CA THR C 123 -1.40 44.87 -8.43
C THR C 123 -1.10 43.81 -9.48
N VAL C 124 -1.57 42.58 -9.28
CA VAL C 124 -1.28 41.54 -10.25
C VAL C 124 -2.37 41.56 -11.32
N LEU C 125 -1.96 41.87 -12.53
CA LEU C 125 -2.91 41.99 -13.64
C LEU C 125 -2.73 40.96 -14.72
N THR C 126 -3.71 40.86 -15.61
CA THR C 126 -3.63 39.90 -16.69
C THR C 126 -4.47 40.27 -17.93
N ASP C 127 -3.93 39.97 -19.11
CA ASP C 127 -4.67 40.19 -20.34
C ASP C 127 -4.41 38.97 -21.23
N GLU C 128 -4.85 39.01 -22.47
CA GLU C 128 -4.69 37.88 -23.37
C GLU C 128 -3.25 37.41 -23.54
N LYS C 129 -2.30 38.33 -23.38
CA LYS C 129 -0.89 38.02 -23.56
C LYS C 129 -0.06 37.66 -22.34
N GLY C 130 -0.67 37.60 -21.17
CA GLY C 130 0.10 37.24 -19.98
C GLY C 130 -0.31 37.91 -18.68
N PHE C 131 0.66 37.99 -17.75
CA PHE C 131 0.44 38.58 -16.42
C PHE C 131 1.40 39.75 -16.18
N TYR C 132 0.95 40.72 -15.41
CA TYR C 132 1.75 41.91 -15.15
C TYR C 132 1.68 42.36 -13.69
N PHE C 133 2.61 43.24 -13.32
CA PHE C 133 2.67 43.81 -12.00
C PHE C 133 2.52 45.30 -12.20
N GLU C 134 1.66 45.96 -11.43
CA GLU C 134 1.54 47.40 -11.54
C GLU C 134 2.21 47.94 -10.30
N GLU C 135 3.34 48.62 -10.50
CA GLU C 135 4.09 49.18 -9.39
C GLU C 135 4.38 50.65 -9.64
N ASP C 136 4.07 51.49 -8.64
CA ASP C 136 4.30 52.93 -8.76
C ASP C 136 3.71 53.47 -10.08
N GLY C 137 2.46 53.13 -10.36
CA GLY C 137 1.82 53.62 -11.57
C GLY C 137 2.35 53.02 -12.87
N LYS C 138 3.42 52.23 -12.79
CA LYS C 138 3.97 51.61 -14.00
C LYS C 138 3.57 50.14 -14.12
N VAL C 139 3.26 49.72 -15.34
CA VAL C 139 2.86 48.35 -15.61
C VAL C 139 3.96 47.59 -16.32
N ARG C 140 4.38 46.46 -15.75
CA ARG C 140 5.41 45.64 -16.38
C ARG C 140 5.04 44.17 -16.51
N LEU C 141 5.40 43.58 -17.64
CA LEU C 141 5.13 42.19 -17.94
C LEU C 141 5.96 41.26 -17.04
N VAL C 142 5.30 40.32 -16.38
CA VAL C 142 6.00 39.40 -15.50
C VAL C 142 5.99 37.97 -16.06
N LYS C 143 4.97 37.63 -16.84
CA LYS C 143 4.92 36.30 -17.44
C LYS C 143 4.13 36.34 -18.72
N ALA C 144 4.77 35.90 -19.81
CA ALA C 144 4.11 35.91 -21.10
C ALA C 144 3.41 34.59 -21.39
N THR C 145 2.23 34.67 -22.00
CA THR C 145 1.46 33.49 -22.36
C THR C 145 1.06 33.61 -23.82
N PRO C 146 2.00 33.33 -24.74
CA PRO C 146 1.73 33.41 -26.17
C PRO C 146 0.77 32.30 -26.61
N LEU C 147 -0.22 32.66 -27.40
CA LEU C 147 -1.19 31.72 -27.92
C LEU C 147 -1.34 31.97 -29.41
N ALA C 148 -1.77 30.96 -30.15
CA ALA C 148 -1.94 31.09 -31.58
C ALA C 148 -2.83 32.29 -31.91
N ASN C 149 -3.69 32.67 -30.97
CA ASN C 149 -4.59 33.79 -31.21
C ASN C 149 -4.21 35.11 -30.52
N ASN C 150 -2.92 35.33 -30.31
CA ASN C 150 -2.45 36.58 -29.71
C ASN C 150 -0.97 36.85 -30.01
N ILE C 151 -0.29 35.86 -30.61
CA ILE C 151 1.13 35.98 -30.97
C ILE C 151 1.30 36.97 -32.11
N LYS C 152 0.20 37.25 -32.81
CA LYS C 152 0.19 38.22 -33.91
C LYS C 152 -1.02 39.12 -33.71
N GLU C 153 -0.94 39.95 -32.67
CA GLU C 153 -2.01 40.88 -32.32
C GLU C 153 -1.39 42.11 -31.61
N LYS C 154 -2.14 43.21 -31.57
CA LYS C 154 -1.70 44.46 -30.95
C LYS C 154 -1.21 44.27 -29.51
N GLU C 155 -1.10 45.37 -28.77
CA GLU C 155 -0.68 45.32 -27.38
C GLU C 155 -1.55 46.31 -26.59
N SER C 156 -2.79 45.89 -26.29
CA SER C 156 -3.73 46.75 -25.55
C SER C 156 -3.04 47.57 -24.47
N ALA C 157 -3.65 48.72 -24.13
CA ALA C 157 -3.10 49.63 -23.13
C ALA C 157 -2.83 48.95 -21.80
N LYS C 158 -1.58 49.01 -21.35
CA LYS C 158 -1.22 48.38 -20.08
C LYS C 158 -1.25 49.46 -18.99
N THR C 159 -2.45 49.78 -18.50
CA THR C 159 -2.60 50.81 -17.48
C THR C 159 -3.70 50.46 -16.47
N VAL C 160 -3.51 50.90 -15.23
CA VAL C 160 -4.50 50.66 -14.17
C VAL C 160 -5.43 51.88 -14.09
N SER C 161 -6.64 51.72 -14.61
CA SER C 161 -7.65 52.77 -14.67
C SER C 161 -8.06 53.35 -13.32
N PRO C 162 -8.52 54.61 -13.29
CA PRO C 162 -8.93 55.22 -12.02
C PRO C 162 -9.97 54.39 -11.27
N GLN C 163 -10.99 53.90 -11.99
CA GLN C 163 -12.02 53.11 -11.33
C GLN C 163 -11.45 51.83 -10.74
N LEU C 164 -10.48 51.21 -11.42
CA LEU C 164 -9.89 49.95 -10.93
C LEU C 164 -9.04 50.18 -9.69
N LYS C 165 -8.33 51.31 -9.66
CA LYS C 165 -7.48 51.64 -8.52
C LYS C 165 -8.31 51.86 -7.27
N GLN C 166 -9.53 52.35 -7.47
CA GLN C 166 -10.39 52.61 -6.35
C GLN C 166 -11.21 51.38 -5.94
N GLU C 167 -11.37 50.42 -6.84
CA GLU C 167 -12.10 49.19 -6.50
C GLU C 167 -11.23 48.29 -5.62
N LEU C 168 -9.91 48.37 -5.80
CA LEU C 168 -8.95 47.58 -5.04
C LEU C 168 -8.68 48.32 -3.72
N LYS C 169 -9.64 48.20 -2.80
CA LYS C 169 -9.69 48.91 -1.51
C LYS C 169 -8.70 48.32 -0.50
N THR C 170 -8.48 47.01 -0.46
CA THR C 170 -7.58 46.48 0.57
C THR C 170 -6.31 45.93 -0.01
N THR C 171 -5.60 45.19 0.83
CA THR C 171 -4.37 44.54 0.44
C THR C 171 -4.18 43.31 1.29
N VAL C 172 -3.31 42.48 0.77
CA VAL C 172 -2.84 41.29 1.46
C VAL C 172 -1.33 41.22 1.45
N THR C 173 -0.70 40.44 2.32
CA THR C 173 0.76 40.42 2.26
C THR C 173 1.21 38.99 2.03
N PRO C 174 1.91 38.75 0.93
CA PRO C 174 2.42 37.43 0.55
C PRO C 174 3.28 36.80 1.65
N THR C 175 3.96 37.66 2.38
CA THR C 175 4.85 37.26 3.46
C THR C 175 4.18 36.83 4.77
N LYS C 176 2.97 37.32 4.99
CA LYS C 176 2.21 37.03 6.19
C LYS C 176 1.84 35.56 6.33
N VAL C 177 2.28 34.95 7.43
CA VAL C 177 1.98 33.55 7.69
C VAL C 177 1.08 33.46 8.92
N GLN C 189 4.41 10.41 -1.18
CA GLN C 189 4.90 9.06 -0.93
C GLN C 189 5.18 8.36 -2.26
N TYR C 190 4.39 8.66 -3.29
CA TYR C 190 4.58 8.03 -4.60
C TYR C 190 4.75 9.05 -5.73
N GLU C 191 5.70 8.76 -6.62
CA GLU C 191 6.01 9.63 -7.75
C GLU C 191 6.49 8.75 -8.90
N ASN C 192 5.99 9.00 -10.11
CA ASN C 192 6.35 8.20 -11.28
C ASN C 192 6.41 9.08 -12.53
N THR C 193 7.62 9.36 -13.00
CA THR C 193 7.81 10.23 -14.16
C THR C 193 8.71 9.68 -15.27
N LEU C 194 8.69 10.34 -16.43
CA LEU C 194 9.52 9.98 -17.58
C LEU C 194 10.94 10.37 -17.17
N LYS C 195 11.74 9.35 -16.89
CA LYS C 195 13.12 9.40 -16.39
C LYS C 195 13.97 10.41 -17.19
N ASN C 196 13.81 10.54 -18.51
CA ASN C 196 14.73 11.41 -19.26
C ASN C 196 14.12 12.75 -19.53
N PHE C 197 12.89 13.00 -19.10
CA PHE C 197 12.28 14.30 -19.39
C PHE C 197 13.09 15.44 -18.77
N LYS C 198 13.22 16.53 -19.52
CA LYS C 198 13.96 17.67 -19.03
C LYS C 198 13.56 18.93 -19.79
N ILE C 199 13.39 20.02 -19.06
CA ILE C 199 13.02 21.29 -19.69
C ILE C 199 14.29 21.89 -20.26
N ARG C 200 14.32 22.07 -21.57
CA ARG C 200 15.50 22.63 -22.22
C ARG C 200 15.21 23.97 -22.92
N GLU C 201 13.94 24.23 -23.19
CA GLU C 201 13.56 25.46 -23.85
C GLU C 201 12.21 25.92 -23.38
N GLN C 202 11.97 27.23 -23.47
CA GLN C 202 10.71 27.81 -23.02
C GLN C 202 10.05 28.62 -24.11
N GLN C 203 8.73 28.50 -24.19
CA GLN C 203 7.95 29.22 -25.19
C GLN C 203 7.56 30.59 -24.63
N PHE C 204 8.00 31.67 -25.27
CA PHE C 204 7.63 32.99 -24.77
C PHE C 204 7.37 34.03 -25.85
N ASP C 205 7.66 33.70 -27.10
CA ASP C 205 7.44 34.66 -28.18
C ASP C 205 7.02 33.98 -29.48
N ASN C 206 6.21 32.94 -29.38
CA ASN C 206 5.72 32.23 -30.56
C ASN C 206 4.54 31.38 -30.13
N SER C 207 3.84 30.78 -31.08
CA SER C 207 2.69 29.96 -30.73
C SER C 207 2.95 28.45 -30.93
N TRP C 208 4.21 28.04 -30.78
CA TRP C 208 4.60 26.65 -30.97
C TRP C 208 4.42 25.74 -29.76
N CYS C 209 3.30 25.87 -29.04
CA CYS C 209 3.09 25.03 -27.86
C CYS C 209 3.18 23.53 -28.17
N ALA C 210 2.60 23.11 -29.30
CA ALA C 210 2.67 21.69 -29.65
C ALA C 210 4.12 21.29 -29.95
N GLY C 211 4.83 22.13 -30.69
CA GLY C 211 6.21 21.82 -31.00
C GLY C 211 7.07 21.70 -29.75
N PHE C 212 6.88 22.62 -28.81
CA PHE C 212 7.64 22.61 -27.57
C PHE C 212 7.35 21.35 -26.79
N SER C 213 6.09 20.93 -26.79
CA SER C 213 5.68 19.74 -26.06
C SER C 213 6.26 18.46 -26.68
N MET C 214 6.16 18.35 -28.00
CA MET C 214 6.68 17.17 -28.71
C MET C 214 8.19 17.07 -28.63
N ALA C 215 8.87 18.20 -28.74
CA ALA C 215 10.33 18.18 -28.66
C ALA C 215 10.75 17.62 -27.32
N ALA C 216 10.12 18.09 -26.25
CA ALA C 216 10.48 17.60 -24.92
C ALA C 216 10.09 16.14 -24.72
N LEU C 217 8.94 15.74 -25.28
CA LEU C 217 8.51 14.35 -25.14
C LEU C 217 9.40 13.42 -25.95
N LEU C 218 9.69 13.80 -27.20
CA LEU C 218 10.55 12.99 -28.06
C LEU C 218 11.96 12.91 -27.48
N ASN C 219 12.47 14.02 -26.95
CA ASN C 219 13.81 13.99 -26.37
C ASN C 219 13.83 13.07 -25.17
N ALA C 220 12.69 12.95 -24.50
CA ALA C 220 12.60 12.10 -23.32
C ALA C 220 12.45 10.62 -23.65
N THR C 221 11.56 10.30 -24.58
CA THR C 221 11.33 8.90 -24.95
C THR C 221 12.41 8.30 -25.84
N LYS C 222 13.30 9.13 -26.38
CA LYS C 222 14.39 8.65 -27.24
C LYS C 222 15.72 9.01 -26.57
N ASN C 223 15.64 9.49 -25.35
CA ASN C 223 16.83 9.87 -24.59
C ASN C 223 17.84 10.63 -25.43
N THR C 224 17.41 11.74 -26.00
CA THR C 224 18.30 12.56 -26.82
C THR C 224 17.99 14.02 -26.53
N ASP C 225 18.72 14.95 -27.14
CA ASP C 225 18.49 16.37 -26.91
C ASP C 225 18.49 17.16 -28.19
N THR C 226 18.32 16.46 -29.31
CA THR C 226 18.34 17.11 -30.63
C THR C 226 17.04 17.72 -31.10
N TYR C 227 15.95 17.36 -30.46
CA TYR C 227 14.66 17.91 -30.87
C TYR C 227 14.41 19.25 -30.20
N ASN C 228 13.82 20.18 -30.94
CA ASN C 228 13.49 21.50 -30.41
C ASN C 228 12.31 22.04 -31.20
N ALA C 229 11.56 22.97 -30.60
CA ALA C 229 10.36 23.53 -31.23
C ALA C 229 10.59 24.18 -32.59
N HIS C 230 11.66 24.94 -32.72
CA HIS C 230 11.94 25.59 -33.99
C HIS C 230 12.10 24.60 -35.14
N ASP C 231 12.98 23.61 -34.97
CA ASP C 231 13.22 22.64 -36.03
C ASP C 231 11.98 21.86 -36.41
N ILE C 232 11.13 21.54 -35.43
CA ILE C 232 9.92 20.79 -35.74
C ILE C 232 9.02 21.66 -36.61
N MET C 233 8.81 22.90 -36.21
CA MET C 233 7.96 23.80 -36.99
C MET C 233 8.56 24.01 -38.38
N ARG C 234 9.89 24.09 -38.45
CA ARG C 234 10.56 24.28 -39.73
C ARG C 234 10.26 23.08 -40.65
N THR C 235 10.19 21.89 -40.06
CA THR C 235 9.92 20.68 -40.82
C THR C 235 8.49 20.67 -41.36
N LEU C 236 7.59 21.30 -40.62
CA LEU C 236 6.20 21.30 -41.04
C LEU C 236 5.89 22.35 -42.06
N TYR C 237 6.64 23.46 -42.01
CA TYR C 237 6.46 24.61 -42.92
C TYR C 237 7.82 25.02 -43.46
N PRO C 238 8.38 24.22 -44.39
CA PRO C 238 9.69 24.54 -44.94
C PRO C 238 9.72 25.79 -45.82
N GLU C 239 8.54 26.26 -46.21
CA GLU C 239 8.44 27.43 -47.07
C GLU C 239 8.06 28.76 -46.42
N VAL C 240 7.93 28.77 -45.08
CA VAL C 240 7.59 29.99 -44.36
C VAL C 240 8.87 30.68 -43.88
N SER C 241 8.91 32.00 -43.96
CA SER C 241 10.10 32.76 -43.54
C SER C 241 10.34 32.69 -42.05
N GLU C 242 11.58 32.88 -41.62
CA GLU C 242 11.91 32.84 -40.20
C GLU C 242 11.16 33.87 -39.38
N GLN C 243 10.50 34.81 -40.05
CA GLN C 243 9.80 35.86 -39.34
C GLN C 243 8.30 35.58 -39.20
N ASP C 244 7.77 34.71 -40.05
CA ASP C 244 6.36 34.36 -39.98
C ASP C 244 6.17 32.99 -39.35
N LEU C 245 7.28 32.33 -39.04
CA LEU C 245 7.24 31.00 -38.45
C LEU C 245 6.64 31.02 -37.04
N PRO C 246 7.01 32.04 -36.24
CA PRO C 246 6.48 32.16 -34.87
C PRO C 246 4.96 32.26 -34.82
N ASN C 247 4.35 32.65 -35.94
CA ASN C 247 2.91 32.80 -35.98
C ASN C 247 2.16 31.57 -36.46
N CYS C 248 2.83 30.69 -37.20
CA CYS C 248 2.18 29.48 -37.69
C CYS C 248 1.87 28.51 -36.54
N ALA C 249 0.68 27.92 -36.59
CA ALA C 249 0.24 26.98 -35.55
C ALA C 249 0.36 25.53 -36.01
N THR C 250 0.26 24.60 -35.05
CA THR C 250 0.36 23.17 -35.35
C THR C 250 -1.01 22.53 -35.21
N PHE C 251 -1.23 21.42 -35.91
CA PHE C 251 -2.51 20.73 -35.85
C PHE C 251 -2.37 19.22 -35.78
N PRO C 252 -3.31 18.56 -35.08
CA PRO C 252 -3.36 17.11 -34.88
C PRO C 252 -2.78 16.29 -36.03
N ASN C 253 -3.34 16.48 -37.21
CA ASN C 253 -2.88 15.75 -38.39
C ASN C 253 -1.37 15.88 -38.59
N GLN C 254 -0.85 17.08 -38.40
CA GLN C 254 0.58 17.34 -38.56
C GLN C 254 1.40 16.64 -37.48
N MET C 255 0.91 16.69 -36.24
CA MET C 255 1.59 16.06 -35.12
C MET C 255 1.75 14.57 -35.42
N ILE C 256 0.65 13.91 -35.75
CA ILE C 256 0.66 12.49 -36.06
C ILE C 256 1.64 12.19 -37.19
N GLU C 257 1.54 12.96 -38.27
CA GLU C 257 2.40 12.78 -39.43
C GLU C 257 3.87 12.95 -39.05
N TYR C 258 4.15 13.93 -38.20
CA TYR C 258 5.53 14.18 -37.78
C TYR C 258 6.08 13.04 -36.93
N GLY C 259 5.30 12.60 -35.96
CA GLY C 259 5.73 11.52 -35.09
C GLY C 259 6.07 10.28 -35.88
N LYS C 260 5.30 10.01 -36.93
CA LYS C 260 5.52 8.86 -37.79
C LYS C 260 6.95 8.90 -38.34
N SER C 261 7.35 10.06 -38.86
CA SER C 261 8.69 10.21 -39.41
C SER C 261 9.74 10.05 -38.34
N GLN C 262 9.32 10.10 -37.08
CA GLN C 262 10.25 9.96 -35.97
C GLN C 262 10.14 8.62 -35.27
N GLY C 263 9.48 7.66 -35.93
CA GLY C 263 9.35 6.33 -35.35
C GLY C 263 8.36 6.15 -34.22
N ARG C 264 7.26 6.91 -34.24
CA ARG C 264 6.24 6.83 -33.21
C ARG C 264 4.85 6.78 -33.82
N ASP C 265 4.01 5.86 -33.34
CA ASP C 265 2.63 5.75 -33.84
C ASP C 265 1.78 6.59 -32.91
N ILE C 266 1.56 7.85 -33.26
CA ILE C 266 0.76 8.73 -32.43
C ILE C 266 -0.72 8.52 -32.66
N HIS C 267 -1.47 8.36 -31.57
CA HIS C 267 -2.92 8.18 -31.66
C HIS C 267 -3.65 9.25 -30.84
N TYR C 268 -4.80 9.68 -31.34
CA TYR C 268 -5.59 10.67 -30.61
C TYR C 268 -6.52 9.88 -29.70
N GLN C 269 -6.64 10.30 -28.45
CA GLN C 269 -7.51 9.63 -27.49
C GLN C 269 -8.34 10.70 -26.79
N GLU C 270 -9.66 10.57 -26.88
CA GLU C 270 -10.59 11.52 -26.29
C GLU C 270 -10.60 11.55 -24.77
N GLY C 271 -10.88 12.73 -24.22
CA GLY C 271 -10.95 12.90 -22.78
C GLY C 271 -9.64 12.94 -22.03
N VAL C 272 -9.73 12.87 -20.70
CA VAL C 272 -8.56 12.91 -19.83
C VAL C 272 -8.11 11.47 -19.54
N PRO C 273 -6.85 11.16 -19.85
CA PRO C 273 -6.42 9.79 -19.56
C PRO C 273 -6.47 9.55 -18.06
N SER C 274 -6.82 8.33 -17.68
CA SER C 274 -6.92 7.96 -16.27
C SER C 274 -5.57 7.97 -15.57
N TYR C 275 -5.62 8.14 -14.26
CA TYR C 275 -4.41 8.16 -13.47
C TYR C 275 -3.60 6.91 -13.78
N ASN C 276 -4.28 5.77 -13.78
CA ASN C 276 -3.63 4.50 -14.04
C ASN C 276 -3.04 4.36 -15.43
N GLN C 277 -3.73 4.89 -16.43
CA GLN C 277 -3.21 4.81 -17.79
C GLN C 277 -1.91 5.59 -17.87
N VAL C 278 -1.87 6.76 -17.25
CA VAL C 278 -0.67 7.60 -17.25
C VAL C 278 0.47 6.87 -16.55
N ASP C 279 0.14 6.18 -15.46
CA ASP C 279 1.13 5.44 -14.67
C ASP C 279 1.79 4.36 -15.53
N GLN C 280 0.98 3.59 -16.25
CA GLN C 280 1.48 2.52 -17.10
C GLN C 280 2.25 3.06 -18.31
N LEU C 281 1.63 3.99 -19.04
CA LEU C 281 2.28 4.55 -20.22
C LEU C 281 3.61 5.19 -19.86
N THR C 282 3.66 5.83 -18.71
CA THR C 282 4.90 6.48 -18.26
C THR C 282 5.97 5.40 -18.04
N LYS C 283 5.57 4.28 -17.43
CA LYS C 283 6.50 3.19 -17.18
C LYS C 283 6.94 2.52 -18.49
N ASP C 284 6.13 2.64 -19.53
CA ASP C 284 6.47 2.07 -20.83
C ASP C 284 7.30 3.07 -21.61
N ASN C 285 7.50 4.25 -21.02
CA ASN C 285 8.27 5.31 -21.66
C ASN C 285 7.53 5.85 -22.90
N VAL C 286 6.21 6.00 -22.76
CA VAL C 286 5.38 6.51 -23.83
C VAL C 286 4.89 7.92 -23.49
N GLY C 287 5.15 8.87 -24.39
CA GLY C 287 4.75 10.26 -24.15
C GLY C 287 3.29 10.57 -24.38
N ILE C 288 2.79 11.51 -23.59
CA ILE C 288 1.40 11.93 -23.68
C ILE C 288 1.35 13.45 -23.77
N MET C 289 0.80 13.96 -24.86
CA MET C 289 0.67 15.38 -25.03
C MET C 289 -0.77 15.80 -24.77
N ILE C 290 -0.93 16.81 -23.93
CA ILE C 290 -2.23 17.34 -23.55
C ILE C 290 -2.77 18.31 -24.58
N LEU C 291 -4.03 18.16 -24.96
CA LEU C 291 -4.65 19.08 -25.91
C LEU C 291 -5.77 19.77 -25.15
N ALA C 292 -5.73 21.09 -25.10
CA ALA C 292 -6.77 21.83 -24.40
C ALA C 292 -7.28 23.01 -25.20
N GLN C 293 -8.49 23.45 -24.90
CA GLN C 293 -9.09 24.57 -25.61
C GLN C 293 -10.06 25.33 -24.72
N SER C 294 -10.34 26.58 -25.08
CA SER C 294 -11.27 27.38 -24.29
C SER C 294 -12.66 26.77 -24.28
N VAL C 295 -13.24 26.68 -23.08
CA VAL C 295 -14.57 26.13 -22.89
C VAL C 295 -15.60 26.97 -23.65
N SER C 296 -15.31 28.27 -23.76
CA SER C 296 -16.19 29.21 -24.46
C SER C 296 -16.42 28.78 -25.90
N GLN C 297 -15.46 28.06 -26.47
CA GLN C 297 -15.57 27.57 -27.84
C GLN C 297 -16.24 26.20 -27.86
N ASN C 298 -16.30 25.60 -29.04
CA ASN C 298 -16.93 24.30 -29.23
C ASN C 298 -16.11 23.15 -28.61
N PRO C 299 -16.74 22.39 -27.69
CA PRO C 299 -16.11 21.25 -27.00
C PRO C 299 -15.99 20.04 -27.95
N ASN C 300 -16.99 19.88 -28.79
CA ASN C 300 -17.05 18.79 -29.75
C ASN C 300 -16.17 19.11 -30.97
N ASP C 301 -15.62 20.32 -30.97
CA ASP C 301 -14.75 20.78 -32.05
C ASP C 301 -13.31 20.91 -31.56
N PRO C 302 -12.68 19.77 -31.21
CA PRO C 302 -11.30 19.81 -30.74
C PRO C 302 -10.41 20.76 -31.56
N HIS C 303 -10.33 22.01 -31.10
CA HIS C 303 -9.54 23.04 -31.74
C HIS C 303 -8.36 23.35 -30.81
N LEU C 304 -7.15 23.02 -31.29
CA LEU C 304 -5.94 23.23 -30.50
C LEU C 304 -5.76 24.66 -29.98
N GLY C 305 -6.07 24.85 -28.70
CA GLY C 305 -5.91 26.14 -28.07
C GLY C 305 -4.53 26.21 -27.46
N HIS C 306 -4.17 25.17 -26.70
CA HIS C 306 -2.86 25.09 -26.08
C HIS C 306 -2.52 23.62 -25.87
N ALA C 307 -1.23 23.31 -25.89
CA ALA C 307 -0.79 21.94 -25.72
C ALA C 307 0.27 21.87 -24.64
N LEU C 308 0.23 20.81 -23.85
CA LEU C 308 1.21 20.65 -22.79
C LEU C 308 1.78 19.26 -22.84
N ALA C 309 2.75 19.01 -21.98
CA ALA C 309 3.40 17.72 -21.90
C ALA C 309 3.19 17.05 -20.55
N VAL C 310 2.72 15.81 -20.56
CA VAL C 310 2.53 15.06 -19.34
C VAL C 310 3.91 14.54 -19.00
N VAL C 311 4.29 14.58 -17.73
CA VAL C 311 5.60 14.10 -17.34
C VAL C 311 5.47 12.88 -16.44
N GLY C 312 4.32 12.71 -15.80
CA GLY C 312 4.14 11.56 -14.94
C GLY C 312 2.94 11.69 -14.04
N ASN C 313 2.92 10.93 -12.96
CA ASN C 313 1.83 10.98 -12.00
C ASN C 313 2.39 10.82 -10.59
N ALA C 314 1.56 11.13 -9.59
CA ALA C 314 1.99 11.06 -8.21
C ALA C 314 0.79 10.94 -7.30
N LYS C 315 1.04 10.59 -6.05
CA LYS C 315 -0.01 10.46 -5.06
C LYS C 315 0.45 11.33 -3.90
N ILE C 316 -0.26 12.43 -3.65
CA ILE C 316 0.07 13.34 -2.55
C ILE C 316 -1.08 13.31 -1.55
N ASN C 317 -0.74 13.18 -0.27
CA ASN C 317 -1.76 13.10 0.78
C ASN C 317 -2.89 12.14 0.38
N ASP C 318 -2.49 11.02 -0.20
CA ASP C 318 -3.42 9.96 -0.63
C ASP C 318 -4.39 10.32 -1.76
N GLN C 319 -4.04 11.29 -2.59
CA GLN C 319 -4.86 11.66 -3.73
C GLN C 319 -4.06 11.62 -5.03
N GLU C 320 -4.72 11.21 -6.11
CA GLU C 320 -4.07 11.09 -7.41
C GLU C 320 -3.81 12.43 -8.07
N LYS C 321 -2.59 12.60 -8.57
CA LYS C 321 -2.17 13.83 -9.24
C LYS C 321 -1.42 13.55 -10.55
N LEU C 322 -1.37 14.53 -11.43
CA LEU C 322 -0.63 14.40 -12.66
C LEU C 322 0.49 15.45 -12.61
N ILE C 323 1.65 15.11 -13.16
CA ILE C 323 2.77 16.03 -13.23
C ILE C 323 2.88 16.40 -14.69
N TYR C 324 2.97 17.68 -14.99
CA TYR C 324 3.06 18.10 -16.38
C TYR C 324 3.88 19.34 -16.58
N TRP C 325 4.13 19.65 -17.84
CA TRP C 325 4.90 20.81 -18.18
C TRP C 325 4.20 21.70 -19.14
N ASN C 326 3.99 22.94 -18.71
CA ASN C 326 3.47 23.95 -19.61
C ASN C 326 4.61 24.66 -20.32
N PRO C 327 4.68 24.57 -21.65
CA PRO C 327 5.76 25.22 -22.39
C PRO C 327 6.17 26.62 -21.94
N TRP C 328 5.25 27.35 -21.31
CA TRP C 328 5.54 28.71 -20.87
C TRP C 328 6.36 28.75 -19.59
N ASP C 329 6.51 27.60 -18.93
CA ASP C 329 7.24 27.57 -17.66
C ASP C 329 8.64 27.00 -17.71
N THR C 330 9.41 27.30 -16.66
CA THR C 330 10.76 26.83 -16.54
C THR C 330 10.80 25.68 -15.55
N GLU C 331 9.64 25.32 -14.99
CA GLU C 331 9.56 24.22 -14.05
C GLU C 331 8.26 23.44 -14.28
N LEU C 332 8.14 22.31 -13.62
CA LEU C 332 6.94 21.48 -13.78
C LEU C 332 5.78 21.96 -12.93
N SER C 333 4.63 21.33 -13.13
CA SER C 333 3.42 21.64 -12.39
C SER C 333 2.78 20.34 -11.92
N ILE C 334 2.05 20.39 -10.82
CA ILE C 334 1.37 19.22 -10.27
C ILE C 334 -0.05 19.65 -9.98
N GLN C 335 -1.02 18.80 -10.30
CA GLN C 335 -2.43 19.14 -10.14
C GLN C 335 -3.31 17.90 -10.00
N ASP C 336 -4.48 18.06 -9.39
CA ASP C 336 -5.43 16.98 -9.20
C ASP C 336 -5.56 16.20 -10.50
N ALA C 337 -5.45 14.87 -10.44
CA ALA C 337 -5.55 14.05 -11.64
C ALA C 337 -6.95 14.05 -12.23
N ASP C 338 -7.95 14.29 -11.38
CA ASP C 338 -9.32 14.27 -11.87
C ASP C 338 -9.91 15.64 -12.18
N SER C 339 -9.03 16.58 -12.47
CA SER C 339 -9.47 17.89 -12.91
C SER C 339 -9.30 18.02 -14.41
N SER C 340 -10.24 18.66 -15.09
CA SER C 340 -10.13 18.73 -16.56
C SER C 340 -9.98 20.13 -17.05
N LEU C 341 -9.62 21.02 -16.15
CA LEU C 341 -9.48 22.44 -16.49
C LEU C 341 -8.08 22.97 -16.21
N LEU C 342 -7.54 23.71 -17.18
CA LEU C 342 -6.24 24.33 -17.00
C LEU C 342 -6.50 25.82 -16.98
N HIS C 343 -6.23 26.43 -15.83
CA HIS C 343 -6.46 27.85 -15.67
C HIS C 343 -5.28 28.68 -16.15
N LEU C 344 -5.51 29.49 -17.18
CA LEU C 344 -4.45 30.33 -17.76
C LEU C 344 -4.72 31.81 -17.57
N SER C 345 -4.09 32.62 -18.42
CA SER C 345 -4.23 34.07 -18.32
C SER C 345 -5.59 34.57 -18.75
N PHE C 346 -5.81 35.87 -18.56
CA PHE C 346 -7.06 36.49 -18.94
C PHE C 346 -8.27 35.80 -18.33
N ASN C 347 -8.05 35.14 -17.20
CA ASN C 347 -9.12 34.44 -16.49
C ASN C 347 -9.82 33.42 -17.39
N ARG C 348 -9.03 32.77 -18.22
CA ARG C 348 -9.56 31.76 -19.13
C ARG C 348 -9.32 30.36 -18.58
N ASP C 349 -10.26 29.47 -18.84
CA ASP C 349 -10.15 28.08 -18.41
C ASP C 349 -10.20 27.21 -19.65
N TYR C 350 -9.12 26.47 -19.89
CA TYR C 350 -9.02 25.60 -21.03
C TYR C 350 -9.34 24.19 -20.60
N ASN C 351 -10.21 23.55 -21.34
CA ASN C 351 -10.59 22.19 -21.02
C ASN C 351 -9.65 21.18 -21.67
N TRP C 352 -9.24 20.20 -20.88
CA TRP C 352 -8.45 19.09 -21.41
C TRP C 352 -9.35 18.08 -22.15
N TYR C 353 -9.54 18.30 -23.45
CA TYR C 353 -10.47 17.47 -24.21
C TYR C 353 -9.94 16.18 -24.81
N GLY C 354 -8.63 16.09 -24.97
CA GLY C 354 -8.06 14.88 -25.51
C GLY C 354 -6.56 14.92 -25.41
N SER C 355 -5.92 13.90 -25.96
CA SER C 355 -4.48 13.82 -25.90
C SER C 355 -3.91 13.09 -27.09
N MET C 356 -2.63 13.34 -27.30
CA MET C 356 -1.85 12.65 -28.30
C MET C 356 -0.89 11.66 -27.65
N ILE C 357 -1.13 10.37 -27.82
CA ILE C 357 -0.29 9.38 -27.19
C ILE C 357 0.63 8.73 -28.20
N GLY C 358 1.93 8.91 -28.00
CA GLY C 358 2.91 8.38 -28.93
C GLY C 358 3.41 6.97 -28.72
N TYR C 359 2.68 5.97 -29.21
CA TYR C 359 3.11 4.59 -29.06
C TYR C 359 4.28 4.31 -30.00
N LEU C 360 4.96 3.19 -29.76
CA LEU C 360 6.11 2.79 -30.56
C LEU C 360 5.65 2.11 -31.84
N GLU C 361 6.49 2.14 -32.88
CA GLU C 361 6.15 1.47 -34.14
C GLU C 361 6.32 -0.03 -33.87
N VAL C 362 7.38 -0.37 -33.14
CA VAL C 362 7.73 -1.76 -32.82
C VAL C 362 7.82 -2.13 -31.33
N PRO C 363 6.73 -2.68 -30.77
CA PRO C 363 6.68 -3.08 -29.35
C PRO C 363 7.47 -4.35 -29.05
N LYS D 7 -21.70 31.56 44.57
CA LYS D 7 -21.44 32.43 43.43
C LYS D 7 -21.08 31.59 42.20
N GLN D 8 -21.90 30.57 41.96
CA GLN D 8 -21.69 29.66 40.84
C GLN D 8 -22.74 29.79 39.72
N LEU D 9 -22.59 28.96 38.70
CA LEU D 9 -23.50 28.97 37.56
C LEU D 9 -24.95 28.67 37.90
N GLU D 10 -25.85 29.44 37.31
CA GLU D 10 -27.27 29.25 37.50
C GLU D 10 -27.93 29.08 36.13
N ILE D 11 -29.02 28.32 36.08
CA ILE D 11 -29.72 28.10 34.82
C ILE D 11 -31.14 28.63 34.94
N ASN D 12 -31.56 29.45 33.98
CA ASN D 12 -32.89 30.03 34.01
C ASN D 12 -33.97 29.02 33.67
N VAL D 13 -35.04 28.99 34.46
CA VAL D 13 -36.16 28.09 34.21
C VAL D 13 -37.47 28.76 34.61
N LYS D 14 -38.57 28.24 34.07
CA LYS D 14 -39.90 28.75 34.37
C LYS D 14 -40.17 28.54 35.86
N SER D 15 -39.89 27.32 36.34
CA SER D 15 -40.11 26.97 37.73
C SER D 15 -39.07 25.94 38.14
N ASP D 16 -38.80 25.79 39.44
CA ASP D 16 -37.82 24.80 39.87
C ASP D 16 -38.54 23.55 40.33
N LYS D 17 -39.85 23.58 40.26
CA LYS D 17 -40.67 22.44 40.67
C LYS D 17 -40.51 21.23 39.75
N VAL D 18 -40.42 20.06 40.36
CA VAL D 18 -40.28 18.80 39.64
C VAL D 18 -41.25 17.80 40.27
N PRO D 19 -41.93 16.98 39.45
CA PRO D 19 -42.86 16.01 40.03
C PRO D 19 -42.13 15.11 41.01
N GLN D 20 -42.73 14.90 42.18
CA GLN D 20 -42.14 14.04 43.21
C GLN D 20 -41.69 12.69 42.62
N LYS D 21 -42.50 12.22 41.68
CA LYS D 21 -42.29 10.97 40.96
C LYS D 21 -40.93 10.99 40.24
N VAL D 22 -40.65 12.09 39.54
CA VAL D 22 -39.42 12.24 38.80
C VAL D 22 -38.24 12.37 39.76
N LYS D 23 -38.39 13.22 40.76
CA LYS D 23 -37.33 13.42 41.74
C LYS D 23 -36.91 12.09 42.36
N ASP D 24 -37.89 11.26 42.71
CA ASP D 24 -37.60 9.95 43.32
C ASP D 24 -36.89 9.02 42.36
N LEU D 25 -37.34 8.97 41.12
CA LEU D 25 -36.70 8.11 40.12
C LEU D 25 -35.23 8.48 39.99
N ALA D 26 -34.98 9.76 39.72
CA ALA D 26 -33.61 10.23 39.55
C ALA D 26 -32.73 9.85 40.74
N GLN D 27 -33.24 10.07 41.94
CA GLN D 27 -32.49 9.78 43.15
C GLN D 27 -32.17 8.30 43.26
N GLN D 28 -33.16 7.48 42.97
CA GLN D 28 -33.03 6.04 43.03
C GLN D 28 -32.07 5.44 42.01
N GLN D 29 -31.97 6.05 40.83
CA GLN D 29 -31.20 5.43 39.75
C GLN D 29 -29.88 6.12 39.36
N PHE D 30 -29.72 7.43 39.57
CA PHE D 30 -28.49 8.05 39.08
C PHE D 30 -27.16 7.34 39.35
N ALA D 31 -26.94 6.89 40.58
CA ALA D 31 -25.70 6.18 40.92
C ALA D 31 -25.46 4.93 40.07
N GLY D 32 -26.48 4.10 39.94
CA GLY D 32 -26.36 2.89 39.14
C GLY D 32 -26.06 3.19 37.70
N TYR D 33 -26.77 4.16 37.11
CA TYR D 33 -26.54 4.51 35.71
C TYR D 33 -25.13 5.08 35.53
N ALA D 34 -24.70 5.91 36.47
CA ALA D 34 -23.38 6.52 36.38
C ALA D 34 -22.29 5.46 36.39
N LYS D 35 -22.38 4.53 37.32
CA LYS D 35 -21.40 3.45 37.40
C LYS D 35 -21.35 2.61 36.13
N ALA D 36 -22.52 2.30 35.57
CA ALA D 36 -22.58 1.50 34.34
C ALA D 36 -21.94 2.21 33.14
N LEU D 37 -22.17 3.52 33.00
CA LEU D 37 -21.59 4.23 31.87
C LEU D 37 -20.10 4.42 32.05
N ASP D 38 -19.65 4.59 33.29
CA ASP D 38 -18.22 4.74 33.53
C ASP D 38 -17.54 3.43 33.13
N LYS D 39 -18.15 2.31 33.48
CA LYS D 39 -17.61 0.99 33.16
C LYS D 39 -17.35 0.86 31.66
N GLN D 40 -18.33 1.27 30.86
CA GLN D 40 -18.22 1.20 29.41
C GLN D 40 -17.10 2.07 28.88
N SER D 41 -17.10 3.32 29.31
CA SER D 41 -16.12 4.32 28.91
C SER D 41 -14.76 4.02 29.49
N ASN D 42 -14.61 2.90 30.19
CA ASN D 42 -13.34 2.59 30.82
C ASN D 42 -13.02 3.78 31.73
N ALA D 43 -13.58 3.80 32.93
CA ALA D 43 -13.35 4.93 33.83
C ALA D 43 -13.20 4.60 35.31
N LYS D 44 -12.32 5.35 35.96
CA LYS D 44 -12.03 5.21 37.38
C LYS D 44 -13.32 5.55 38.12
N THR D 45 -13.60 4.87 39.22
CA THR D 45 -14.81 5.16 39.97
C THR D 45 -14.59 6.38 40.85
N GLY D 46 -15.67 6.93 41.40
CA GLY D 46 -15.56 8.10 42.26
C GLY D 46 -16.87 8.39 42.93
N LYS D 47 -16.96 9.51 43.64
CA LYS D 47 -18.20 9.87 44.31
C LYS D 47 -19.19 10.52 43.36
N TYR D 48 -20.36 9.90 43.22
CA TYR D 48 -21.40 10.42 42.35
C TYR D 48 -22.43 11.19 43.16
N GLU D 49 -22.89 12.31 42.59
CA GLU D 49 -23.89 13.16 43.23
C GLU D 49 -24.82 13.68 42.14
N LEU D 50 -26.05 14.02 42.53
CA LEU D 50 -27.06 14.55 41.61
C LEU D 50 -27.19 16.05 41.76
N GLY D 51 -26.96 16.78 40.68
CA GLY D 51 -27.10 18.22 40.74
C GLY D 51 -28.59 18.54 40.67
N GLU D 52 -28.92 19.82 40.60
CA GLU D 52 -30.32 20.20 40.53
C GLU D 52 -30.78 20.11 39.07
N ALA D 53 -32.00 19.62 38.88
CA ALA D 53 -32.57 19.45 37.56
C ALA D 53 -32.87 20.77 36.88
N PHE D 54 -32.55 20.86 35.59
CA PHE D 54 -32.86 22.05 34.82
C PHE D 54 -33.80 21.64 33.70
N LYS D 55 -34.40 22.64 33.05
CA LYS D 55 -35.32 22.38 31.96
C LYS D 55 -34.79 23.09 30.72
N ILE D 56 -35.29 22.69 29.56
CA ILE D 56 -34.85 23.25 28.28
C ILE D 56 -36.03 23.89 27.58
N TYR D 57 -35.76 24.92 26.78
CA TYR D 57 -36.86 25.60 26.10
C TYR D 57 -36.67 25.90 24.63
N LYS D 58 -37.78 25.85 23.90
CA LYS D 58 -37.73 26.33 22.54
C LYS D 58 -37.60 27.84 22.50
N PHE D 59 -37.16 28.43 21.42
CA PHE D 59 -37.06 29.90 21.46
C PHE D 59 -38.41 30.58 21.67
N ASN D 60 -39.50 29.90 21.31
CA ASN D 60 -40.83 30.51 21.47
C ASN D 60 -41.40 30.37 22.88
N GLY D 61 -40.63 29.80 23.79
CA GLY D 61 -41.08 29.65 25.15
C GLY D 61 -41.64 28.30 25.55
N GLU D 62 -41.86 27.42 24.59
CA GLU D 62 -42.40 26.10 24.89
C GLU D 62 -41.36 25.34 25.73
N GLU D 63 -41.81 24.70 26.79
CA GLU D 63 -40.91 23.95 27.66
C GLU D 63 -40.78 22.49 27.28
N ASP D 64 -39.52 22.03 27.17
CA ASP D 64 -39.22 20.65 26.82
C ASP D 64 -39.88 19.77 27.87
N ASN D 65 -40.45 18.65 27.45
CA ASN D 65 -41.16 17.76 28.38
C ASN D 65 -40.32 16.90 29.30
N SER D 66 -39.00 17.03 29.24
CA SER D 66 -38.15 16.19 30.09
C SER D 66 -37.42 16.96 31.19
N TYR D 67 -36.77 16.22 32.08
CA TYR D 67 -36.02 16.80 33.18
C TYR D 67 -34.57 16.33 33.08
N TYR D 68 -33.65 17.27 33.16
CA TYR D 68 -32.23 16.95 33.04
C TYR D 68 -31.48 17.17 34.34
N TYR D 69 -30.86 16.11 34.85
CA TYR D 69 -30.11 16.21 36.10
C TYR D 69 -28.61 16.12 35.85
N PRO D 70 -27.83 17.05 36.40
CA PRO D 70 -26.39 16.94 36.17
C PRO D 70 -25.90 15.78 37.03
N VAL D 71 -24.99 14.97 36.49
CA VAL D 71 -24.44 13.85 37.25
C VAL D 71 -23.01 14.24 37.58
N ILE D 72 -22.74 14.46 38.85
CA ILE D 72 -21.43 14.90 39.31
C ILE D 72 -20.56 13.79 39.88
N LYS D 73 -19.29 13.79 39.48
CA LYS D 73 -18.35 12.78 39.94
C LYS D 73 -17.15 13.48 40.57
N ASP D 74 -17.00 13.33 41.87
CA ASP D 74 -15.92 13.98 42.60
C ASP D 74 -15.86 15.47 42.25
N GLY D 75 -17.03 16.10 42.29
CA GLY D 75 -17.13 17.52 42.02
C GLY D 75 -17.29 17.96 40.57
N LYS D 76 -16.94 17.11 39.61
CA LYS D 76 -17.05 17.47 38.20
C LYS D 76 -18.28 16.90 37.50
N ILE D 77 -18.91 17.72 36.66
CA ILE D 77 -20.09 17.31 35.92
C ILE D 77 -19.61 16.47 34.73
N VAL D 78 -19.92 15.18 34.74
CA VAL D 78 -19.46 14.28 33.67
C VAL D 78 -20.57 13.69 32.81
N TYR D 79 -21.77 13.58 33.36
CA TYR D 79 -22.91 13.04 32.63
C TYR D 79 -24.18 13.83 32.91
N THR D 80 -25.23 13.47 32.19
CA THR D 80 -26.53 14.10 32.37
C THR D 80 -27.54 12.97 32.40
N LEU D 81 -28.38 12.95 33.43
CA LEU D 81 -29.40 11.92 33.54
C LEU D 81 -30.67 12.57 33.02
N THR D 82 -31.27 11.98 32.00
CA THR D 82 -32.49 12.51 31.40
C THR D 82 -33.70 11.67 31.75
N LEU D 83 -34.76 12.31 32.25
CA LEU D 83 -36.01 11.62 32.57
C LEU D 83 -37.03 12.11 31.54
N SER D 84 -37.57 11.20 30.72
CA SER D 84 -38.53 11.56 29.67
C SER D 84 -39.73 10.62 29.58
N PRO D 85 -40.78 11.02 28.86
CA PRO D 85 -41.97 10.17 28.71
C PRO D 85 -41.48 8.81 28.19
N LYS D 86 -41.92 7.72 28.82
CA LYS D 86 -41.47 6.39 28.42
C LYS D 86 -41.96 5.86 27.09
N ASN D 87 -43.25 6.00 26.81
CA ASN D 87 -43.80 5.49 25.55
C ASN D 87 -44.80 6.46 24.93
N LYS D 88 -45.21 6.18 23.69
CA LYS D 88 -46.18 7.03 22.98
C LYS D 88 -47.36 7.39 23.87
N ASP D 89 -47.94 6.36 24.46
CA ASP D 89 -49.08 6.47 25.35
C ASP D 89 -48.89 7.57 26.40
N ASP D 90 -47.64 7.83 26.78
CA ASP D 90 -47.33 8.84 27.79
C ASP D 90 -47.38 10.28 27.31
N LEU D 91 -47.23 10.50 26.01
CA LEU D 91 -47.24 11.86 25.49
C LEU D 91 -48.62 12.50 25.59
N ASN D 92 -49.63 11.68 25.95
CA ASN D 92 -51.02 12.13 26.09
C ASN D 92 -51.35 12.46 27.54
N LYS D 93 -50.59 11.88 28.47
CA LYS D 93 -50.82 12.09 29.90
C LYS D 93 -50.16 13.37 30.41
N SER D 94 -50.38 13.67 31.68
CA SER D 94 -49.82 14.86 32.31
C SER D 94 -48.45 14.55 32.95
N LYS D 95 -47.73 15.61 33.32
CA LYS D 95 -46.41 15.45 33.92
C LYS D 95 -46.44 14.60 35.17
N GLU D 96 -47.57 14.65 35.86
CA GLU D 96 -47.73 13.90 37.11
C GLU D 96 -48.08 12.46 36.86
N ASP D 97 -48.87 12.21 35.82
CA ASP D 97 -49.33 10.86 35.53
C ASP D 97 -48.51 10.00 34.57
N MET D 98 -47.73 10.63 33.70
CA MET D 98 -46.96 9.87 32.73
C MET D 98 -45.85 9.07 33.39
N ASN D 99 -45.45 8.01 32.68
CA ASN D 99 -44.37 7.16 33.14
C ASN D 99 -43.09 7.72 32.52
N TYR D 100 -42.02 7.69 33.30
CA TYR D 100 -40.76 8.18 32.82
C TYR D 100 -39.66 7.15 32.69
N SER D 101 -38.93 7.25 31.58
CA SER D 101 -37.77 6.43 31.40
C SER D 101 -36.53 7.10 31.96
N VAL D 102 -35.50 6.35 32.34
CA VAL D 102 -34.30 7.01 32.85
C VAL D 102 -33.18 6.75 31.87
N LYS D 103 -32.49 7.80 31.48
CA LYS D 103 -31.41 7.68 30.51
C LYS D 103 -30.16 8.42 30.97
N ILE D 104 -28.99 7.89 30.63
CA ILE D 104 -27.75 8.56 30.99
C ILE D 104 -26.88 8.67 29.75
N SER D 105 -26.24 9.81 29.61
CA SER D 105 -25.35 10.06 28.49
C SER D 105 -24.51 11.26 28.88
N ASN D 106 -23.62 11.71 27.98
CA ASN D 106 -22.79 12.84 28.32
C ASN D 106 -23.37 14.14 27.78
N PHE D 107 -24.68 14.13 27.52
CA PHE D 107 -25.38 15.31 26.98
C PHE D 107 -24.97 16.62 27.65
N ILE D 108 -24.29 17.47 26.89
CA ILE D 108 -23.78 18.77 27.32
C ILE D 108 -23.12 18.82 28.70
N ALA D 109 -22.66 17.69 29.20
CA ALA D 109 -22.00 17.69 30.50
C ALA D 109 -20.72 18.51 30.45
N LYS D 110 -19.90 18.31 29.41
CA LYS D 110 -18.65 19.07 29.27
C LYS D 110 -18.92 20.57 29.22
N ASP D 111 -19.96 20.93 28.48
CA ASP D 111 -20.33 22.33 28.32
C ASP D 111 -20.70 22.99 29.64
N LEU D 112 -21.46 22.28 30.47
CA LEU D 112 -21.87 22.82 31.76
C LEU D 112 -20.70 22.84 32.73
N ASP D 113 -19.89 21.79 32.69
CA ASP D 113 -18.75 21.68 33.58
C ASP D 113 -17.77 22.85 33.43
N GLN D 114 -17.45 23.22 32.19
CA GLN D 114 -16.51 24.30 31.95
C GLN D 114 -16.90 25.63 32.56
N ILE D 115 -18.20 25.85 32.79
CA ILE D 115 -18.63 27.11 33.36
C ILE D 115 -19.42 26.94 34.65
N LYS D 116 -19.27 25.77 35.29
CA LYS D 116 -20.01 25.50 36.53
C LYS D 116 -19.69 26.44 37.67
N ASP D 117 -18.46 26.97 37.70
CA ASP D 117 -18.03 27.88 38.75
C ASP D 117 -18.16 29.34 38.34
N LYS D 118 -18.31 29.58 37.05
CA LYS D 118 -18.44 30.94 36.54
C LYS D 118 -19.66 31.58 37.22
N ASN D 119 -19.56 32.85 37.56
CA ASN D 119 -20.66 33.54 38.23
C ASN D 119 -21.64 34.23 37.29
N SER D 120 -22.36 33.44 36.50
CA SER D 120 -23.35 33.99 35.59
C SER D 120 -24.51 33.03 35.48
N ASN D 121 -25.35 33.25 34.48
CA ASN D 121 -26.51 32.39 34.27
C ASN D 121 -26.66 32.12 32.79
N ILE D 122 -27.32 31.02 32.48
CA ILE D 122 -27.56 30.66 31.10
C ILE D 122 -28.97 30.11 30.96
N THR D 123 -29.40 30.09 29.71
CA THR D 123 -30.63 29.46 29.34
C THR D 123 -30.41 28.35 28.34
N VAL D 124 -30.88 27.15 28.62
CA VAL D 124 -30.65 26.05 27.68
C VAL D 124 -31.78 26.04 26.66
N LEU D 125 -31.42 26.28 25.40
CA LEU D 125 -32.41 26.38 24.34
C LEU D 125 -32.28 25.29 23.30
N THR D 126 -33.31 25.14 22.48
CA THR D 126 -33.30 24.13 21.42
C THR D 126 -34.20 24.46 20.23
N ASP D 127 -33.74 24.11 19.03
CA ASP D 127 -34.55 24.28 17.82
C ASP D 127 -34.34 23.01 17.01
N GLU D 128 -34.83 23.00 15.78
CA GLU D 128 -34.72 21.84 14.90
C GLU D 128 -33.30 21.34 14.68
N LYS D 129 -32.34 22.26 14.75
CA LYS D 129 -30.94 21.93 14.50
C LYS D 129 -30.04 21.61 15.69
N GLY D 130 -30.59 21.64 16.91
CA GLY D 130 -29.76 21.34 18.07
C GLY D 130 -30.10 22.06 19.38
N PHE D 131 -29.09 22.17 20.24
CA PHE D 131 -29.23 22.81 21.55
C PHE D 131 -28.27 23.98 21.69
N TYR D 132 -28.69 25.01 22.42
CA TYR D 132 -27.86 26.19 22.59
C TYR D 132 -27.85 26.69 24.02
N PHE D 133 -26.90 27.59 24.29
CA PHE D 133 -26.77 28.22 25.60
C PHE D 133 -26.91 29.71 25.34
N GLU D 134 -27.74 30.40 26.12
CA GLU D 134 -27.86 31.84 25.95
C GLU D 134 -27.12 32.44 27.14
N GLU D 135 -26.00 33.10 26.85
CA GLU D 135 -25.19 33.70 27.90
C GLU D 135 -24.91 35.16 27.56
N ASP D 136 -25.17 36.04 28.52
CA ASP D 136 -24.94 37.47 28.33
C ASP D 136 -25.59 37.96 27.03
N GLY D 137 -26.86 37.60 26.82
CA GLY D 137 -27.55 38.03 25.62
C GLY D 137 -27.09 37.38 24.33
N LYS D 138 -26.03 36.58 24.38
CA LYS D 138 -25.54 35.91 23.18
C LYS D 138 -25.95 34.45 23.13
N VAL D 139 -26.32 33.98 21.95
CA VAL D 139 -26.74 32.60 21.79
C VAL D 139 -25.67 31.78 21.05
N ARG D 140 -25.24 30.67 21.66
CA ARG D 140 -24.25 29.83 21.00
C ARG D 140 -24.64 28.35 20.96
N LEU D 141 -24.33 27.72 19.83
CA LEU D 141 -24.62 26.30 19.62
C LEU D 141 -23.74 25.43 20.52
N VAL D 142 -24.35 24.52 21.24
CA VAL D 142 -23.62 23.62 22.13
C VAL D 142 -23.67 22.18 21.65
N LYS D 143 -24.72 21.80 20.94
CA LYS D 143 -24.82 20.46 20.41
C LYS D 143 -25.68 20.44 19.16
N ALA D 144 -25.12 19.95 18.06
CA ALA D 144 -25.84 19.90 16.81
C ALA D 144 -26.56 18.58 16.65
N THR D 145 -27.77 18.63 16.09
CA THR D 145 -28.55 17.43 15.84
C THR D 145 -29.03 17.46 14.38
N PRO D 146 -28.13 17.15 13.44
CA PRO D 146 -28.47 17.16 12.02
C PRO D 146 -29.46 16.04 11.68
N LEU D 147 -30.50 16.39 10.93
CA LEU D 147 -31.50 15.43 10.50
C LEU D 147 -31.72 15.61 9.00
N ALA D 148 -32.20 14.56 8.34
CA ALA D 148 -32.44 14.63 6.92
C ALA D 148 -33.41 15.75 6.57
N ASN D 149 -34.37 15.99 7.46
CA ASN D 149 -35.40 17.01 7.27
C ASN D 149 -35.05 18.44 7.70
N ASN D 150 -33.80 18.69 8.08
CA ASN D 150 -33.35 20.05 8.45
C ASN D 150 -31.98 20.31 7.85
N ILE D 151 -31.36 19.25 7.33
CA ILE D 151 -30.04 19.35 6.72
C ILE D 151 -30.05 20.25 5.48
N LYS D 152 -31.24 20.56 4.97
CA LYS D 152 -31.38 21.41 3.80
C LYS D 152 -32.65 22.29 3.84
N GLU D 153 -32.89 22.92 4.99
CA GLU D 153 -34.05 23.80 5.20
C GLU D 153 -33.57 25.11 5.86
N LYS D 154 -34.47 26.10 5.99
CA LYS D 154 -34.12 27.41 6.57
C LYS D 154 -34.09 27.51 8.10
N GLU D 155 -32.87 27.59 8.63
CA GLU D 155 -32.60 27.69 10.06
C GLU D 155 -33.37 28.86 10.71
N SER D 156 -34.43 28.54 11.48
CA SER D 156 -35.27 29.55 12.14
C SER D 156 -34.46 30.55 12.99
N ALA D 157 -35.13 31.58 13.51
CA ALA D 157 -34.46 32.62 14.28
C ALA D 157 -34.01 32.28 15.71
N LYS D 158 -32.73 32.46 16.00
CA LYS D 158 -32.21 32.17 17.33
C LYS D 158 -32.51 33.33 18.28
N THR D 159 -33.60 34.06 18.02
CA THR D 159 -33.94 35.18 18.89
C THR D 159 -34.76 34.69 20.08
N VAL D 160 -34.22 34.85 21.28
CA VAL D 160 -34.95 34.44 22.47
C VAL D 160 -36.15 35.38 22.60
N SER D 161 -37.35 34.82 22.52
CA SER D 161 -38.57 35.62 22.60
C SER D 161 -38.86 36.21 23.98
N PRO D 162 -39.57 37.35 24.01
CA PRO D 162 -39.92 38.03 25.26
C PRO D 162 -40.92 37.21 26.04
N GLN D 163 -41.64 36.37 25.31
CA GLN D 163 -42.66 35.50 25.89
C GLN D 163 -41.94 34.50 26.77
N LEU D 164 -40.76 34.06 26.33
CA LEU D 164 -39.94 33.13 27.10
C LEU D 164 -39.29 33.83 28.31
N LYS D 165 -38.73 35.02 28.07
CA LYS D 165 -38.07 35.78 29.13
C LYS D 165 -39.06 36.07 30.27
N GLN D 166 -40.32 36.29 29.92
CA GLN D 166 -41.33 36.59 30.93
C GLN D 166 -41.67 35.40 31.82
N GLU D 167 -41.45 34.19 31.30
CA GLU D 167 -41.75 32.98 32.06
C GLU D 167 -40.57 32.50 32.89
N LEU D 168 -39.36 32.74 32.42
CA LEU D 168 -38.17 32.35 33.16
C LEU D 168 -38.22 33.23 34.42
N LYS D 169 -38.88 32.73 35.46
CA LYS D 169 -39.06 33.50 36.70
C LYS D 169 -38.10 33.02 37.78
N THR D 170 -37.26 32.01 37.52
CA THR D 170 -36.34 31.53 38.55
C THR D 170 -35.11 30.94 37.94
N THR D 171 -34.36 30.24 38.77
CA THR D 171 -33.16 29.58 38.35
C THR D 171 -32.92 28.36 39.23
N VAL D 172 -32.07 27.50 38.71
CA VAL D 172 -31.57 26.35 39.42
C VAL D 172 -30.07 26.27 39.35
N THR D 173 -29.40 25.53 40.20
CA THR D 173 -27.95 25.50 40.08
C THR D 173 -27.51 24.06 39.90
N PRO D 174 -26.86 23.76 38.76
CA PRO D 174 -26.37 22.42 38.43
C PRO D 174 -25.47 21.84 39.51
N THR D 175 -24.74 22.73 40.16
CA THR D 175 -23.79 22.38 41.21
C THR D 175 -24.41 22.01 42.57
N LYS D 176 -25.60 22.52 42.83
CA LYS D 176 -26.30 22.28 44.08
C LYS D 176 -26.66 20.82 44.31
N VAL D 177 -26.17 20.26 45.41
CA VAL D 177 -26.47 18.87 45.76
C VAL D 177 -27.33 18.82 47.03
N GLN D 189 -24.62 -4.67 37.87
CA GLN D 189 -24.13 -6.00 38.15
C GLN D 189 -23.91 -6.77 36.85
N TYR D 190 -24.75 -6.52 35.85
CA TYR D 190 -24.64 -7.19 34.57
C TYR D 190 -24.53 -6.24 33.39
N GLU D 191 -23.62 -6.57 32.47
CA GLU D 191 -23.37 -5.75 31.28
C GLU D 191 -22.96 -6.68 30.14
N ASN D 192 -23.54 -6.48 28.95
CA ASN D 192 -23.26 -7.35 27.79
C ASN D 192 -23.24 -6.52 26.49
N THR D 193 -22.05 -6.28 25.95
CA THR D 193 -21.90 -5.47 24.75
C THR D 193 -21.07 -6.06 23.63
N LEU D 194 -21.16 -5.46 22.44
CA LEU D 194 -20.38 -5.90 21.27
C LEU D 194 -18.93 -5.50 21.59
N LYS D 195 -18.11 -6.51 21.86
CA LYS D 195 -16.72 -6.42 22.28
C LYS D 195 -15.92 -5.45 21.41
N ASN D 196 -16.16 -5.38 20.10
CA ASN D 196 -15.27 -4.57 19.26
C ASN D 196 -15.89 -3.23 18.95
N PHE D 197 -17.10 -2.96 19.41
CA PHE D 197 -17.70 -1.68 19.11
C PHE D 197 -16.87 -0.51 19.64
N LYS D 198 -16.75 0.53 18.84
CA LYS D 198 -15.99 1.69 19.23
C LYS D 198 -16.41 2.93 18.42
N ILE D 199 -16.56 4.06 19.11
CA ILE D 199 -16.94 5.29 18.47
C ILE D 199 -15.70 5.87 17.80
N ARG D 200 -15.72 5.98 16.48
CA ARG D 200 -14.58 6.48 15.73
C ARG D 200 -14.89 7.76 14.99
N GLU D 201 -16.17 8.03 14.78
CA GLU D 201 -16.59 9.23 14.08
C GLU D 201 -17.91 9.74 14.62
N GLN D 202 -18.16 11.04 14.45
CA GLN D 202 -19.38 11.66 14.95
C GLN D 202 -20.10 12.44 13.86
N GLN D 203 -21.43 12.31 13.86
CA GLN D 203 -22.24 13.00 12.86
C GLN D 203 -22.61 14.38 13.38
N PHE D 204 -22.20 15.43 12.67
CA PHE D 204 -22.52 16.77 13.11
C PHE D 204 -22.84 17.76 12.00
N ASP D 205 -22.60 17.39 10.75
CA ASP D 205 -22.87 18.29 9.64
C ASP D 205 -23.37 17.58 8.38
N ASN D 206 -24.18 16.54 8.58
CA ASN D 206 -24.73 15.77 7.45
C ASN D 206 -25.89 14.95 7.99
N SER D 207 -26.65 14.32 7.11
CA SER D 207 -27.78 13.51 7.55
C SER D 207 -27.53 12.01 7.41
N TRP D 208 -26.27 11.59 7.53
CA TRP D 208 -25.87 10.19 7.39
C TRP D 208 -26.00 9.33 8.65
N CYS D 209 -27.07 9.50 9.42
CA CYS D 209 -27.23 8.71 10.65
C CYS D 209 -27.19 7.20 10.40
N ALA D 210 -27.81 6.72 9.32
CA ALA D 210 -27.78 5.30 9.03
C ALA D 210 -26.35 4.88 8.68
N GLY D 211 -25.69 5.68 7.86
CA GLY D 211 -24.33 5.34 7.49
C GLY D 211 -23.39 5.28 8.69
N PHE D 212 -23.53 6.24 9.60
CA PHE D 212 -22.70 6.28 10.80
C PHE D 212 -22.96 5.05 11.67
N SER D 213 -24.21 4.64 11.76
CA SER D 213 -24.58 3.49 12.56
C SER D 213 -24.07 2.18 11.97
N MET D 214 -24.23 2.00 10.65
CA MET D 214 -23.75 0.79 9.99
C MET D 214 -22.23 0.68 9.99
N ALA D 215 -21.54 1.80 9.80
CA ALA D 215 -20.08 1.78 9.80
C ALA D 215 -19.60 1.28 11.15
N ALA D 216 -20.18 1.80 12.22
CA ALA D 216 -19.78 1.39 13.55
C ALA D 216 -20.15 -0.05 13.83
N LEU D 217 -21.33 -0.49 13.36
CA LEU D 217 -21.75 -1.87 13.58
C LEU D 217 -20.89 -2.84 12.77
N LEU D 218 -20.69 -2.55 11.49
CA LEU D 218 -19.87 -3.38 10.63
C LEU D 218 -18.44 -3.44 11.14
N ASN D 219 -17.90 -2.32 11.59
CA ASN D 219 -16.54 -2.30 12.12
C ASN D 219 -16.45 -3.16 13.36
N ALA D 220 -17.55 -3.26 14.09
CA ALA D 220 -17.59 -4.05 15.30
C ALA D 220 -17.76 -5.54 15.05
N THR D 221 -18.69 -5.90 14.18
CA THR D 221 -18.94 -7.32 13.89
C THR D 221 -17.90 -7.97 12.97
N LYS D 222 -17.05 -7.17 12.35
CA LYS D 222 -16.01 -7.69 11.46
C LYS D 222 -14.65 -7.33 12.04
N ASN D 223 -14.65 -6.78 13.26
CA ASN D 223 -13.43 -6.38 13.93
C ASN D 223 -12.45 -5.66 13.03
N THR D 224 -12.90 -4.58 12.40
CA THR D 224 -12.05 -3.80 11.51
C THR D 224 -12.35 -2.32 11.74
N ASP D 225 -11.65 -1.44 11.04
CA ASP D 225 -11.85 0.00 11.22
C ASP D 225 -11.93 0.74 9.90
N THR D 226 -12.15 -0.01 8.81
CA THR D 226 -12.19 0.57 7.48
C THR D 226 -13.51 1.18 7.06
N TYR D 227 -14.59 0.83 7.75
CA TYR D 227 -15.88 1.38 7.39
C TYR D 227 -16.08 2.77 8.01
N ASN D 228 -16.72 3.66 7.25
CA ASN D 228 -17.01 5.00 7.73
C ASN D 228 -18.23 5.52 6.97
N ALA D 229 -18.95 6.46 7.57
CA ALA D 229 -20.16 7.01 6.97
C ALA D 229 -20.00 7.56 5.56
N HIS D 230 -18.94 8.34 5.34
CA HIS D 230 -18.73 8.92 4.04
C HIS D 230 -18.63 7.87 2.94
N ASP D 231 -17.75 6.90 3.12
CA ASP D 231 -17.57 5.87 2.11
C ASP D 231 -18.82 5.07 1.80
N ILE D 232 -19.63 4.81 2.83
CA ILE D 232 -20.86 4.06 2.62
C ILE D 232 -21.80 4.88 1.76
N MET D 233 -21.98 6.16 2.11
CA MET D 233 -22.85 7.02 1.33
C MET D 233 -22.33 7.17 -0.09
N ARG D 234 -21.00 7.23 -0.22
CA ARG D 234 -20.40 7.35 -1.55
C ARG D 234 -20.74 6.11 -2.39
N THR D 235 -20.77 4.94 -1.75
CA THR D 235 -21.10 3.71 -2.43
C THR D 235 -22.55 3.70 -2.90
N LEU D 236 -23.43 4.31 -2.13
CA LEU D 236 -24.84 4.31 -2.51
C LEU D 236 -25.19 5.35 -3.58
N TYR D 237 -24.42 6.44 -3.60
CA TYR D 237 -24.65 7.54 -4.56
C TYR D 237 -23.33 7.92 -5.19
N PRO D 238 -22.80 7.08 -6.07
CA PRO D 238 -21.51 7.37 -6.73
C PRO D 238 -21.53 8.57 -7.68
N GLU D 239 -22.71 9.05 -7.99
CA GLU D 239 -22.86 10.19 -8.91
C GLU D 239 -23.22 11.55 -8.28
N VAL D 240 -23.27 11.62 -6.95
CA VAL D 240 -23.59 12.87 -6.28
C VAL D 240 -22.27 13.56 -5.89
N SER D 241 -22.23 14.89 -6.03
CA SER D 241 -21.02 15.66 -5.71
C SER D 241 -20.72 15.65 -4.23
N GLU D 242 -19.47 15.85 -3.89
CA GLU D 242 -19.05 15.87 -2.49
C GLU D 242 -19.74 16.95 -1.68
N GLN D 243 -20.41 17.87 -2.37
CA GLN D 243 -21.08 18.96 -1.67
C GLN D 243 -22.57 18.70 -1.44
N ASP D 244 -23.14 17.78 -2.21
CA ASP D 244 -24.56 17.44 -2.06
C ASP D 244 -24.72 16.09 -1.36
N LEU D 245 -23.60 15.44 -1.08
CA LEU D 245 -23.61 14.14 -0.43
C LEU D 245 -24.15 14.26 1.01
N PRO D 246 -23.74 15.30 1.74
CA PRO D 246 -24.19 15.50 3.13
C PRO D 246 -25.71 15.62 3.26
N ASN D 247 -26.37 15.94 2.15
CA ASN D 247 -27.81 16.10 2.17
C ASN D 247 -28.59 14.85 1.79
N CYS D 248 -27.95 13.93 1.07
CA CYS D 248 -28.63 12.70 0.67
C CYS D 248 -28.89 11.80 1.87
N ALA D 249 -30.09 11.20 1.92
CA ALA D 249 -30.48 10.32 3.01
C ALA D 249 -30.39 8.84 2.61
N THR D 250 -30.45 7.97 3.62
CA THR D 250 -30.38 6.53 3.39
C THR D 250 -31.74 5.90 3.63
N PHE D 251 -32.00 4.76 2.99
CA PHE D 251 -33.27 4.08 3.16
C PHE D 251 -33.12 2.58 3.30
N PRO D 252 -34.04 1.96 4.07
CA PRO D 252 -34.07 0.52 4.34
C PRO D 252 -33.57 -0.36 3.21
N ASN D 253 -34.20 -0.24 2.04
CA ASN D 253 -33.80 -1.03 0.88
C ASN D 253 -32.29 -0.89 0.60
N GLN D 254 -31.76 0.32 0.71
CA GLN D 254 -30.34 0.55 0.45
C GLN D 254 -29.47 -0.11 1.52
N MET D 255 -29.89 0.01 2.77
CA MET D 255 -29.15 -0.57 3.88
C MET D 255 -29.01 -2.08 3.66
N ILE D 256 -30.14 -2.74 3.41
CA ILE D 256 -30.15 -4.18 3.17
C ILE D 256 -29.24 -4.53 2.01
N GLU D 257 -29.39 -3.82 0.89
CA GLU D 257 -28.59 -4.07 -0.29
C GLU D 257 -27.10 -3.89 0.01
N TYR D 258 -26.77 -2.88 0.79
CA TYR D 258 -25.37 -2.62 1.12
C TYR D 258 -24.79 -3.72 2.00
N GLY D 259 -25.53 -4.09 3.04
CA GLY D 259 -25.06 -5.14 3.93
C GLY D 259 -24.75 -6.42 3.18
N LYS D 260 -25.58 -6.72 2.19
CA LYS D 260 -25.41 -7.92 1.38
C LYS D 260 -24.02 -7.91 0.75
N SER D 261 -23.63 -6.79 0.16
CA SER D 261 -22.32 -6.70 -0.48
C SER D 261 -21.21 -6.81 0.55
N GLN D 262 -21.56 -6.70 1.82
CA GLN D 262 -20.57 -6.78 2.88
C GLN D 262 -20.65 -8.08 3.65
N GLY D 263 -21.34 -9.07 3.09
CA GLY D 263 -21.44 -10.36 3.75
C GLY D 263 -22.39 -10.47 4.92
N ARG D 264 -23.48 -9.71 4.91
CA ARG D 264 -24.46 -9.74 6.00
C ARG D 264 -25.88 -9.81 5.46
N ASP D 265 -26.70 -10.69 6.05
CA ASP D 265 -28.10 -10.81 5.62
C ASP D 265 -28.90 -9.93 6.54
N ILE D 266 -29.11 -8.67 6.15
CA ILE D 266 -29.88 -7.75 6.98
C ILE D 266 -31.38 -7.96 6.82
N HIS D 267 -32.08 -8.07 7.95
CA HIS D 267 -33.53 -8.22 7.93
C HIS D 267 -34.20 -7.12 8.74
N TYR D 268 -35.38 -6.68 8.30
CA TYR D 268 -36.14 -5.67 9.01
C TYR D 268 -37.02 -6.40 9.99
N GLN D 269 -37.06 -5.93 11.24
CA GLN D 269 -37.89 -6.56 12.25
C GLN D 269 -38.68 -5.46 12.94
N GLU D 270 -40.01 -5.61 12.94
CA GLU D 270 -40.91 -4.62 13.52
C GLU D 270 -40.83 -4.51 15.04
N GLY D 271 -41.07 -3.30 15.55
CA GLY D 271 -41.07 -3.07 16.99
C GLY D 271 -39.71 -2.99 17.67
N VAL D 272 -39.74 -3.00 19.01
CA VAL D 272 -38.53 -2.91 19.81
C VAL D 272 -38.08 -4.33 20.13
N PRO D 273 -36.84 -4.69 19.78
CA PRO D 273 -36.41 -6.04 20.10
C PRO D 273 -36.39 -6.21 21.61
N SER D 274 -36.71 -7.41 22.06
CA SER D 274 -36.75 -7.70 23.50
C SER D 274 -35.37 -7.64 24.12
N TYR D 275 -35.34 -7.44 25.43
CA TYR D 275 -34.09 -7.40 26.18
C TYR D 275 -33.33 -8.68 25.88
N ASN D 276 -34.02 -9.80 25.96
CA ASN D 276 -33.38 -11.09 25.73
C ASN D 276 -32.86 -11.30 24.32
N GLN D 277 -33.58 -10.81 23.33
CA GLN D 277 -33.13 -10.96 21.97
C GLN D 277 -31.83 -10.19 21.78
N VAL D 278 -31.76 -8.98 22.35
CA VAL D 278 -30.56 -8.17 22.25
C VAL D 278 -29.38 -8.87 22.92
N ASP D 279 -29.68 -9.51 24.04
CA ASP D 279 -28.67 -10.23 24.81
C ASP D 279 -28.05 -11.36 23.97
N GLN D 280 -28.90 -12.14 23.32
CA GLN D 280 -28.44 -13.25 22.50
C GLN D 280 -27.72 -12.80 21.23
N LEU D 281 -28.36 -11.90 20.49
CA LEU D 281 -27.78 -11.41 19.26
C LEU D 281 -26.44 -10.75 19.53
N THR D 282 -26.32 -10.07 20.66
CA THR D 282 -25.06 -9.41 21.01
C THR D 282 -23.99 -10.48 21.24
N LYS D 283 -24.36 -11.56 21.90
CA LYS D 283 -23.42 -12.64 22.15
C LYS D 283 -23.07 -13.39 20.87
N ASP D 284 -23.92 -13.30 19.86
CA ASP D 284 -23.66 -13.92 18.56
C ASP D 284 -22.85 -12.97 17.69
N ASN D 285 -22.61 -11.76 18.20
CA ASN D 285 -21.85 -10.74 17.49
C ASN D 285 -22.65 -10.25 16.27
N VAL D 286 -23.95 -10.07 16.46
CA VAL D 286 -24.84 -9.60 15.41
C VAL D 286 -25.29 -8.17 15.73
N GLY D 287 -25.11 -7.28 14.77
CA GLY D 287 -25.47 -5.89 14.96
C GLY D 287 -26.94 -5.59 14.80
N ILE D 288 -27.40 -4.61 15.57
CA ILE D 288 -28.79 -4.17 15.52
C ILE D 288 -28.85 -2.66 15.35
N MET D 289 -29.46 -2.20 14.25
CA MET D 289 -29.58 -0.78 14.04
C MET D 289 -31.00 -0.35 14.39
N ILE D 290 -31.10 0.73 15.16
CA ILE D 290 -32.37 1.27 15.59
C ILE D 290 -32.94 2.20 14.52
N LEU D 291 -34.23 2.07 14.22
CA LEU D 291 -34.91 2.93 13.25
C LEU D 291 -36.01 3.66 14.01
N ALA D 292 -35.96 4.98 14.00
CA ALA D 292 -36.94 5.75 14.73
C ALA D 292 -37.49 6.89 13.90
N GLN D 293 -38.68 7.36 14.26
CA GLN D 293 -39.30 8.47 13.53
C GLN D 293 -40.21 9.26 14.45
N SER D 294 -40.49 10.51 14.08
CA SER D 294 -41.34 11.37 14.89
C SER D 294 -42.71 10.74 15.13
N VAL D 295 -43.15 10.78 16.39
CA VAL D 295 -44.45 10.22 16.75
C VAL D 295 -45.55 10.97 15.99
N SER D 296 -45.23 12.20 15.61
CA SER D 296 -46.14 13.07 14.86
C SER D 296 -46.23 12.66 13.39
N GLN D 297 -46.10 11.36 13.13
CA GLN D 297 -46.21 10.85 11.78
C GLN D 297 -47.00 9.56 11.82
N ASN D 298 -47.34 9.04 10.64
CA ASN D 298 -48.12 7.82 10.56
C ASN D 298 -47.27 6.59 10.83
N PRO D 299 -47.60 5.84 11.90
CA PRO D 299 -46.88 4.62 12.29
C PRO D 299 -46.94 3.56 11.19
N ASN D 300 -48.01 3.63 10.39
CA ASN D 300 -48.22 2.69 9.30
C ASN D 300 -47.44 3.08 8.06
N ASP D 301 -46.84 4.27 8.07
CA ASP D 301 -46.04 4.76 6.95
C ASP D 301 -44.61 5.13 7.40
N PRO D 302 -43.92 4.17 8.03
CA PRO D 302 -42.56 4.41 8.51
C PRO D 302 -41.57 5.00 7.51
N HIS D 303 -40.98 6.08 7.98
CA HIS D 303 -39.94 6.78 7.27
C HIS D 303 -38.73 6.98 8.14
N LEU D 304 -37.57 6.54 7.71
CA LEU D 304 -36.44 6.70 8.58
C LEU D 304 -36.25 8.17 8.99
N GLY D 305 -36.37 8.46 10.28
CA GLY D 305 -36.17 9.83 10.75
C GLY D 305 -34.76 9.97 11.31
N HIS D 306 -34.41 8.98 12.13
CA HIS D 306 -33.08 8.92 12.71
C HIS D 306 -32.74 7.47 12.97
N ALA D 307 -31.46 7.15 12.91
CA ALA D 307 -31.03 5.78 13.13
C ALA D 307 -29.91 5.74 14.16
N LEU D 308 -29.93 4.72 14.99
CA LEU D 308 -28.90 4.59 15.99
C LEU D 308 -28.33 3.18 15.98
N ALA D 309 -27.33 2.96 16.81
CA ALA D 309 -26.70 1.66 16.89
C ALA D 309 -26.84 1.07 18.27
N VAL D 310 -27.33 -0.16 18.34
CA VAL D 310 -27.43 -0.84 19.61
C VAL D 310 -26.03 -1.36 19.91
N VAL D 311 -25.59 -1.27 21.16
CA VAL D 311 -24.26 -1.74 21.53
C VAL D 311 -24.33 -2.91 22.50
N GLY D 312 -25.46 -3.04 23.18
CA GLY D 312 -25.60 -4.14 24.11
C GLY D 312 -26.75 -3.95 25.06
N ASN D 313 -26.71 -4.65 26.19
CA ASN D 313 -27.76 -4.55 27.20
C ASN D 313 -27.14 -4.63 28.58
N ALA D 314 -27.91 -4.27 29.58
CA ALA D 314 -27.41 -4.30 30.94
C ALA D 314 -28.57 -4.39 31.91
N LYS D 315 -28.25 -4.65 33.18
CA LYS D 315 -29.24 -4.72 34.22
C LYS D 315 -28.73 -3.81 35.31
N ILE D 316 -29.44 -2.72 35.55
CA ILE D 316 -29.03 -1.77 36.57
C ILE D 316 -30.14 -1.73 37.63
N ASN D 317 -29.74 -1.82 38.90
CA ASN D 317 -30.69 -1.84 40.02
C ASN D 317 -31.83 -2.80 39.71
N ASP D 318 -31.47 -3.97 39.17
CA ASP D 318 -32.41 -5.02 38.84
C ASP D 318 -33.42 -4.71 37.73
N GLN D 319 -33.11 -3.77 36.85
CA GLN D 319 -34.01 -3.45 35.74
C GLN D 319 -33.28 -3.54 34.40
N GLU D 320 -33.98 -4.02 33.38
CA GLU D 320 -33.42 -4.20 32.05
C GLU D 320 -33.18 -2.88 31.30
N LYS D 321 -31.99 -2.76 30.73
CA LYS D 321 -31.61 -1.56 29.99
C LYS D 321 -30.92 -1.90 28.67
N LEU D 322 -30.92 -0.96 27.74
CA LEU D 322 -30.22 -1.16 26.48
C LEU D 322 -29.11 -0.12 26.41
N ILE D 323 -27.98 -0.51 25.84
CA ILE D 323 -26.85 0.40 25.68
C ILE D 323 -26.82 0.70 24.19
N TYR D 324 -26.72 1.96 23.84
CA TYR D 324 -26.72 2.30 22.42
C TYR D 324 -25.89 3.53 22.12
N TRP D 325 -25.72 3.78 20.83
CA TRP D 325 -24.96 4.92 20.40
C TRP D 325 -25.71 5.81 19.42
N ASN D 326 -25.92 7.06 19.84
CA ASN D 326 -26.46 8.02 18.92
C ASN D 326 -25.36 8.69 18.10
N PRO D 327 -25.35 8.54 16.77
CA PRO D 327 -24.31 9.15 15.94
C PRO D 327 -23.88 10.55 16.28
N TRP D 328 -24.75 11.31 16.94
CA TRP D 328 -24.43 12.69 17.30
C TRP D 328 -23.55 12.78 18.54
N ASP D 329 -23.35 11.67 19.25
CA ASP D 329 -22.57 11.69 20.48
C ASP D 329 -21.17 11.14 20.39
N THR D 330 -20.36 11.48 21.38
CA THR D 330 -18.99 11.00 21.45
C THR D 330 -18.90 9.90 22.50
N GLU D 331 -20.03 9.57 23.12
CA GLU D 331 -20.09 8.50 24.12
C GLU D 331 -21.41 7.73 23.98
N LEU D 332 -21.52 6.62 24.70
CA LEU D 332 -22.71 5.81 24.64
C LEU D 332 -23.83 6.35 25.52
N SER D 333 -24.98 5.68 25.44
CA SER D 333 -26.14 6.03 26.21
C SER D 333 -26.77 4.76 26.77
N ILE D 334 -27.43 4.87 27.92
CA ILE D 334 -28.09 3.73 28.55
C ILE D 334 -29.50 4.19 28.88
N GLN D 335 -30.48 3.34 28.61
CA GLN D 335 -31.88 3.69 28.83
C GLN D 335 -32.76 2.46 29.12
N ASP D 336 -33.89 2.67 29.77
CA ASP D 336 -34.83 1.59 30.07
C ASP D 336 -35.03 0.76 28.82
N ALA D 337 -34.93 -0.56 28.94
CA ALA D 337 -35.10 -1.43 27.78
C ALA D 337 -36.53 -1.43 27.26
N ASP D 338 -37.49 -1.16 28.14
CA ASP D 338 -38.89 -1.18 27.73
C ASP D 338 -39.48 0.16 27.41
N SER D 339 -38.61 1.09 27.03
CA SER D 339 -39.08 2.37 26.54
C SER D 339 -38.97 2.44 25.03
N SER D 340 -39.95 3.02 24.35
CA SER D 340 -39.91 3.05 22.90
C SER D 340 -39.77 4.44 22.33
N LEU D 341 -39.37 5.37 23.18
CA LEU D 341 -39.22 6.76 22.77
C LEU D 341 -37.82 7.31 22.94
N LEU D 342 -37.33 7.98 21.90
CA LEU D 342 -36.02 8.60 21.96
C LEU D 342 -36.27 10.09 21.96
N HIS D 343 -35.93 10.75 23.06
CA HIS D 343 -36.15 12.18 23.16
C HIS D 343 -34.98 12.98 22.58
N LEU D 344 -35.27 13.73 21.53
CA LEU D 344 -34.25 14.53 20.86
C LEU D 344 -34.49 16.04 20.99
N SER D 345 -33.90 16.80 20.09
CA SER D 345 -34.01 18.25 20.10
C SER D 345 -35.40 18.74 19.72
N PHE D 346 -35.61 20.04 19.85
CA PHE D 346 -36.88 20.67 19.51
C PHE D 346 -38.05 20.03 20.23
N ASN D 347 -37.79 19.42 21.37
CA ASN D 347 -38.82 18.75 22.17
C ASN D 347 -39.57 17.68 21.36
N ARG D 348 -38.82 16.98 20.51
CA ARG D 348 -39.39 15.93 19.68
C ARG D 348 -39.14 14.58 20.28
N ASP D 349 -40.09 13.66 20.11
CA ASP D 349 -39.97 12.30 20.59
C ASP D 349 -40.08 11.37 19.39
N TYR D 350 -39.03 10.62 19.13
CA TYR D 350 -39.00 9.68 18.03
C TYR D 350 -39.30 8.30 18.55
N ASN D 351 -40.19 7.62 17.87
CA ASN D 351 -40.58 6.29 18.27
C ASN D 351 -39.70 5.24 17.62
N TRP D 352 -39.24 4.29 18.43
CA TRP D 352 -38.49 3.16 17.92
C TRP D 352 -39.42 2.14 17.27
N TYR D 353 -39.66 2.30 15.98
CA TYR D 353 -40.64 1.44 15.32
C TYR D 353 -40.15 0.13 14.77
N GLY D 354 -38.85 0.04 14.53
CA GLY D 354 -38.31 -1.19 14.01
C GLY D 354 -36.80 -1.17 14.03
N SER D 355 -36.21 -2.24 13.51
CA SER D 355 -34.77 -2.33 13.48
C SER D 355 -34.26 -3.08 12.30
N MET D 356 -33.00 -2.85 12.02
CA MET D 356 -32.28 -3.61 11.02
C MET D 356 -31.30 -4.58 11.68
N ILE D 357 -31.57 -5.88 11.57
CA ILE D 357 -30.69 -6.87 12.21
C ILE D 357 -29.83 -7.57 11.18
N GLY D 358 -28.52 -7.41 11.31
CA GLY D 358 -27.60 -7.99 10.35
C GLY D 358 -27.07 -9.38 10.61
N TYR D 359 -27.83 -10.40 10.21
CA TYR D 359 -27.40 -11.78 10.39
C TYR D 359 -26.28 -12.08 9.40
N LEU D 360 -25.53 -13.16 9.62
CA LEU D 360 -24.43 -13.55 8.73
C LEU D 360 -25.06 -14.22 7.51
N GLU D 361 -24.73 -13.75 6.31
CA GLU D 361 -25.31 -14.33 5.11
C GLU D 361 -25.22 -15.85 5.15
N VAL D 362 -26.38 -16.48 5.05
CA VAL D 362 -26.51 -17.94 5.09
C VAL D 362 -25.41 -18.60 4.24
N PRO D 363 -24.50 -19.34 4.90
CA PRO D 363 -23.37 -20.06 4.29
C PRO D 363 -23.73 -21.07 3.19
#